data_6UKC
# 
_entry.id   6UKC 
# 
_audit_conform.dict_name       mmcif_pdbx.dic 
_audit_conform.dict_version    5.398 
_audit_conform.dict_location   http://mmcif.pdb.org/dictionaries/ascii/mmcif_pdbx.dic 
# 
loop_
_database_2.database_id 
_database_2.database_code 
_database_2.pdbx_database_accession 
_database_2.pdbx_DOI 
PDB   6UKC         pdb_00006ukc 10.2210/pdb6ukc/pdb 
WWPDB D_1000244711 ?            ?                   
# 
loop_
_pdbx_audit_revision_history.ordinal 
_pdbx_audit_revision_history.data_content_type 
_pdbx_audit_revision_history.major_revision 
_pdbx_audit_revision_history.minor_revision 
_pdbx_audit_revision_history.revision_date 
1 'Structure model' 1 0 2020-03-25 
2 'Structure model' 1 1 2020-04-01 
3 'Structure model' 1 2 2023-10-11 
4 'Structure model' 1 3 2024-11-06 
# 
_pdbx_audit_revision_details.ordinal             1 
_pdbx_audit_revision_details.revision_ordinal    1 
_pdbx_audit_revision_details.data_content_type   'Structure model' 
_pdbx_audit_revision_details.provider            repository 
_pdbx_audit_revision_details.type                'Initial release' 
_pdbx_audit_revision_details.description         ? 
_pdbx_audit_revision_details.details             ? 
# 
loop_
_pdbx_audit_revision_group.ordinal 
_pdbx_audit_revision_group.revision_ordinal 
_pdbx_audit_revision_group.data_content_type 
_pdbx_audit_revision_group.group 
1 2 'Structure model' 'Database references'    
2 3 'Structure model' 'Data collection'        
3 3 'Structure model' 'Database references'    
4 3 'Structure model' 'Refinement description' 
5 4 'Structure model' 'Structure summary'      
# 
loop_
_pdbx_audit_revision_category.ordinal 
_pdbx_audit_revision_category.revision_ordinal 
_pdbx_audit_revision_category.data_content_type 
_pdbx_audit_revision_category.category 
1 2 'Structure model' citation                      
2 3 'Structure model' chem_comp_atom                
3 3 'Structure model' chem_comp_bond                
4 3 'Structure model' database_2                    
5 3 'Structure model' pdbx_initial_refinement_model 
6 4 'Structure model' pdbx_entry_details            
7 4 'Structure model' pdbx_modification_feature     
# 
loop_
_pdbx_audit_revision_item.ordinal 
_pdbx_audit_revision_item.revision_ordinal 
_pdbx_audit_revision_item.data_content_type 
_pdbx_audit_revision_item.item 
1 2 'Structure model' '_citation.journal_volume'                     
2 2 'Structure model' '_citation.page_first'                         
3 2 'Structure model' '_citation.page_last'                          
4 3 'Structure model' '_database_2.pdbx_DOI'                         
5 3 'Structure model' '_database_2.pdbx_database_accession'          
6 4 'Structure model' '_pdbx_entry_details.has_protein_modification' 
# 
_pdbx_database_status.status_code                     REL 
_pdbx_database_status.status_code_sf                  REL 
_pdbx_database_status.status_code_mr                  ? 
_pdbx_database_status.entry_id                        6UKC 
_pdbx_database_status.recvd_initial_deposition_date   2019-10-04 
_pdbx_database_status.SG_entry                        N 
_pdbx_database_status.deposit_site                    RCSB 
_pdbx_database_status.process_site                    RCSB 
_pdbx_database_status.status_code_cs                  ? 
_pdbx_database_status.methods_development_category    ? 
_pdbx_database_status.pdb_format_compatible           Y 
_pdbx_database_status.status_code_nmr_data            ? 
# 
loop_
_audit_author.name 
_audit_author.pdbx_ordinal 
_audit_author.identifier_ORCID 
'Hernandez-Santoyo, A.' 1 0000-0001-8045-4157 
'Rodriguez-Romero, A.'  2 ?                   
# 
_citation.abstract                  ? 
_citation.abstract_id_CAS           ? 
_citation.book_id_ISBN              ? 
_citation.book_publisher            ? 
_citation.book_publisher_city       ? 
_citation.book_title                ? 
_citation.coordinate_linkage        ? 
_citation.country                   UK 
_citation.database_id_Medline       ? 
_citation.details                   ? 
_citation.id                        primary 
_citation.journal_abbrev            'Fish Shellfish Immunol.' 
_citation.journal_id_ASTM           ? 
_citation.journal_id_CSD            ? 
_citation.journal_id_ISSN           1050-4648 
_citation.journal_full              ? 
_citation.journal_issue             ? 
_citation.journal_volume            100 
_citation.language                  ? 
_citation.page_first                246 
_citation.page_last                 255 
_citation.title                     
'Crystal structure of a C-type lysozyme from Litopenaeus vanamei exhibiting a high binding constant to its chitotriose inhibitor.' 
_citation.year                      2020 
_citation.database_id_CSD           ? 
_citation.pdbx_database_id_DOI      10.1016/j.fsi.2020.03.010 
_citation.pdbx_database_id_PubMed   32151687 
_citation.unpublished_flag          ? 
# 
loop_
_citation_author.citation_id 
_citation_author.name 
_citation_author.ordinal 
_citation_author.identifier_ORCID 
primary 'Vargas-Requena, C.L.'  1 ? 
primary 'Rodriguez-Romero, A.'  2 ? 
primary 'Garcia-Ramirez, B.'    3 ? 
primary 'Sotelo-Mundo, R.R.'    4 ? 
primary 'Hernandez-Santoyo, A.' 5 ? 
# 
loop_
_entity.id 
_entity.type 
_entity.src_method 
_entity.pdbx_description 
_entity.formula_weight 
_entity.pdbx_number_of_molecules 
_entity.pdbx_ec 
_entity.pdbx_mutation 
_entity.pdbx_fragment 
_entity.details 
1 polymer     man Lysozyme 16741.719 1  3.2.1.17 ? ? ? 
2 non-polymer syn GLYCEROL 92.094    1  ?        ? ? ? 
3 water       nat water    18.015    66 ?        ? ? ? 
# 
_entity_poly.entity_id                      1 
_entity_poly.type                           'polypeptide(L)' 
_entity_poly.nstd_linkage                   no 
_entity_poly.nstd_monomer                   no 
_entity_poly.pdbx_seq_one_letter_code       
;MSDAKVFGKCEFAELLKRDYYLSNDDIKNWVCIAEFESSFNTAAINRNRNRSTDYGIFQINNKYWCGSDYGKNVCKIPCS
DLMSDDITEALRCAETIRRDTERFRGRGKGYSAWVAYNSKCKNRDLDQYMAECWSHGSNSVFPF
;
_entity_poly.pdbx_seq_one_letter_code_can   
;MSDAKVFGKCEFAELLKRDYYLSNDDIKNWVCIAEFESSFNTAAINRNRNRSTDYGIFQINNKYWCGSDYGKNVCKIPCS
DLMSDDITEALRCAETIRRDTERFRGRGKGYSAWVAYNSKCKNRDLDQYMAECWSHGSNSVFPF
;
_entity_poly.pdbx_strand_id                 A 
_entity_poly.pdbx_target_identifier         ? 
# 
loop_
_pdbx_entity_nonpoly.entity_id 
_pdbx_entity_nonpoly.name 
_pdbx_entity_nonpoly.comp_id 
2 GLYCEROL GOL 
3 water    HOH 
# 
loop_
_entity_poly_seq.entity_id 
_entity_poly_seq.num 
_entity_poly_seq.mon_id 
_entity_poly_seq.hetero 
1 1   MET n 
1 2   SER n 
1 3   ASP n 
1 4   ALA n 
1 5   LYS n 
1 6   VAL n 
1 7   PHE n 
1 8   GLY n 
1 9   LYS n 
1 10  CYS n 
1 11  GLU n 
1 12  PHE n 
1 13  ALA n 
1 14  GLU n 
1 15  LEU n 
1 16  LEU n 
1 17  LYS n 
1 18  ARG n 
1 19  ASP n 
1 20  TYR n 
1 21  TYR n 
1 22  LEU n 
1 23  SER n 
1 24  ASN n 
1 25  ASP n 
1 26  ASP n 
1 27  ILE n 
1 28  LYS n 
1 29  ASN n 
1 30  TRP n 
1 31  VAL n 
1 32  CYS n 
1 33  ILE n 
1 34  ALA n 
1 35  GLU n 
1 36  PHE n 
1 37  GLU n 
1 38  SER n 
1 39  SER n 
1 40  PHE n 
1 41  ASN n 
1 42  THR n 
1 43  ALA n 
1 44  ALA n 
1 45  ILE n 
1 46  ASN n 
1 47  ARG n 
1 48  ASN n 
1 49  ARG n 
1 50  ASN n 
1 51  ARG n 
1 52  SER n 
1 53  THR n 
1 54  ASP n 
1 55  TYR n 
1 56  GLY n 
1 57  ILE n 
1 58  PHE n 
1 59  GLN n 
1 60  ILE n 
1 61  ASN n 
1 62  ASN n 
1 63  LYS n 
1 64  TYR n 
1 65  TRP n 
1 66  CYS n 
1 67  GLY n 
1 68  SER n 
1 69  ASP n 
1 70  TYR n 
1 71  GLY n 
1 72  LYS n 
1 73  ASN n 
1 74  VAL n 
1 75  CYS n 
1 76  LYS n 
1 77  ILE n 
1 78  PRO n 
1 79  CYS n 
1 80  SER n 
1 81  ASP n 
1 82  LEU n 
1 83  MET n 
1 84  SER n 
1 85  ASP n 
1 86  ASP n 
1 87  ILE n 
1 88  THR n 
1 89  GLU n 
1 90  ALA n 
1 91  LEU n 
1 92  ARG n 
1 93  CYS n 
1 94  ALA n 
1 95  GLU n 
1 96  THR n 
1 97  ILE n 
1 98  ARG n 
1 99  ARG n 
1 100 ASP n 
1 101 THR n 
1 102 GLU n 
1 103 ARG n 
1 104 PHE n 
1 105 ARG n 
1 106 GLY n 
1 107 ARG n 
1 108 GLY n 
1 109 LYS n 
1 110 GLY n 
1 111 TYR n 
1 112 SER n 
1 113 ALA n 
1 114 TRP n 
1 115 VAL n 
1 116 ALA n 
1 117 TYR n 
1 118 ASN n 
1 119 SER n 
1 120 LYS n 
1 121 CYS n 
1 122 LYS n 
1 123 ASN n 
1 124 ARG n 
1 125 ASP n 
1 126 LEU n 
1 127 ASP n 
1 128 GLN n 
1 129 TYR n 
1 130 MET n 
1 131 ALA n 
1 132 GLU n 
1 133 CYS n 
1 134 TRP n 
1 135 SER n 
1 136 HIS n 
1 137 GLY n 
1 138 SER n 
1 139 ASN n 
1 140 SER n 
1 141 VAL n 
1 142 PHE n 
1 143 PRO n 
1 144 PHE n 
# 
_entity_src_gen.entity_id                          1 
_entity_src_gen.pdbx_src_id                        1 
_entity_src_gen.pdbx_alt_source_flag               sample 
_entity_src_gen.pdbx_seq_type                      'Biological sequence' 
_entity_src_gen.pdbx_beg_seq_num                   1 
_entity_src_gen.pdbx_end_seq_num                   144 
_entity_src_gen.gene_src_common_name               'Whiteleg shrimp' 
_entity_src_gen.gene_src_genus                     ? 
_entity_src_gen.pdbx_gene_src_gene                 ? 
_entity_src_gen.gene_src_species                   ? 
_entity_src_gen.gene_src_strain                    ? 
_entity_src_gen.gene_src_tissue                    ? 
_entity_src_gen.gene_src_tissue_fraction           ? 
_entity_src_gen.gene_src_details                   ? 
_entity_src_gen.pdbx_gene_src_fragment             ? 
_entity_src_gen.pdbx_gene_src_scientific_name      'Penaeus vannamei' 
_entity_src_gen.pdbx_gene_src_ncbi_taxonomy_id     6689 
_entity_src_gen.pdbx_gene_src_variant              ? 
_entity_src_gen.pdbx_gene_src_cell_line            ? 
_entity_src_gen.pdbx_gene_src_atcc                 ? 
_entity_src_gen.pdbx_gene_src_organ                ? 
_entity_src_gen.pdbx_gene_src_organelle            ? 
_entity_src_gen.pdbx_gene_src_cell                 ? 
_entity_src_gen.pdbx_gene_src_cellular_location    ? 
_entity_src_gen.host_org_common_name               ? 
_entity_src_gen.pdbx_host_org_scientific_name      'Escherichia coli' 
_entity_src_gen.pdbx_host_org_ncbi_taxonomy_id     562 
_entity_src_gen.host_org_genus                     ? 
_entity_src_gen.pdbx_host_org_gene                 ? 
_entity_src_gen.pdbx_host_org_organ                ? 
_entity_src_gen.host_org_species                   ? 
_entity_src_gen.pdbx_host_org_tissue               ? 
_entity_src_gen.pdbx_host_org_tissue_fraction      ? 
_entity_src_gen.pdbx_host_org_strain               ? 
_entity_src_gen.pdbx_host_org_variant              ? 
_entity_src_gen.pdbx_host_org_cell_line            ? 
_entity_src_gen.pdbx_host_org_atcc                 ? 
_entity_src_gen.pdbx_host_org_culture_collection   ? 
_entity_src_gen.pdbx_host_org_cell                 ? 
_entity_src_gen.pdbx_host_org_organelle            ? 
_entity_src_gen.pdbx_host_org_cellular_location    ? 
_entity_src_gen.pdbx_host_org_vector_type          ? 
_entity_src_gen.pdbx_host_org_vector               ? 
_entity_src_gen.host_org_details                   ? 
_entity_src_gen.expression_system_id               ? 
_entity_src_gen.plasmid_name                       ? 
_entity_src_gen.plasmid_details                    ? 
_entity_src_gen.pdbx_description                   ? 
# 
loop_
_chem_comp.id 
_chem_comp.type 
_chem_comp.mon_nstd_flag 
_chem_comp.name 
_chem_comp.pdbx_synonyms 
_chem_comp.formula 
_chem_comp.formula_weight 
ALA 'L-peptide linking' y ALANINE         ?                               'C3 H7 N O2'     89.093  
ARG 'L-peptide linking' y ARGININE        ?                               'C6 H15 N4 O2 1' 175.209 
ASN 'L-peptide linking' y ASPARAGINE      ?                               'C4 H8 N2 O3'    132.118 
ASP 'L-peptide linking' y 'ASPARTIC ACID' ?                               'C4 H7 N O4'     133.103 
CYS 'L-peptide linking' y CYSTEINE        ?                               'C3 H7 N O2 S'   121.158 
GLN 'L-peptide linking' y GLUTAMINE       ?                               'C5 H10 N2 O3'   146.144 
GLU 'L-peptide linking' y 'GLUTAMIC ACID' ?                               'C5 H9 N O4'     147.129 
GLY 'peptide linking'   y GLYCINE         ?                               'C2 H5 N O2'     75.067  
GOL non-polymer         . GLYCEROL        'GLYCERIN; PROPANE-1,2,3-TRIOL' 'C3 H8 O3'       92.094  
HIS 'L-peptide linking' y HISTIDINE       ?                               'C6 H10 N3 O2 1' 156.162 
HOH non-polymer         . WATER           ?                               'H2 O'           18.015  
ILE 'L-peptide linking' y ISOLEUCINE      ?                               'C6 H13 N O2'    131.173 
LEU 'L-peptide linking' y LEUCINE         ?                               'C6 H13 N O2'    131.173 
LYS 'L-peptide linking' y LYSINE          ?                               'C6 H15 N2 O2 1' 147.195 
MET 'L-peptide linking' y METHIONINE      ?                               'C5 H11 N O2 S'  149.211 
PHE 'L-peptide linking' y PHENYLALANINE   ?                               'C9 H11 N O2'    165.189 
PRO 'L-peptide linking' y PROLINE         ?                               'C5 H9 N O2'     115.130 
SER 'L-peptide linking' y SERINE          ?                               'C3 H7 N O3'     105.093 
THR 'L-peptide linking' y THREONINE       ?                               'C4 H9 N O3'     119.119 
TRP 'L-peptide linking' y TRYPTOPHAN      ?                               'C11 H12 N2 O2'  204.225 
TYR 'L-peptide linking' y TYROSINE        ?                               'C9 H11 N O3'    181.189 
VAL 'L-peptide linking' y VALINE          ?                               'C5 H11 N O2'    117.146 
# 
loop_
_pdbx_poly_seq_scheme.asym_id 
_pdbx_poly_seq_scheme.entity_id 
_pdbx_poly_seq_scheme.seq_id 
_pdbx_poly_seq_scheme.mon_id 
_pdbx_poly_seq_scheme.ndb_seq_num 
_pdbx_poly_seq_scheme.pdb_seq_num 
_pdbx_poly_seq_scheme.auth_seq_num 
_pdbx_poly_seq_scheme.pdb_mon_id 
_pdbx_poly_seq_scheme.auth_mon_id 
_pdbx_poly_seq_scheme.pdb_strand_id 
_pdbx_poly_seq_scheme.pdb_ins_code 
_pdbx_poly_seq_scheme.hetero 
A 1 1   MET 1   -3  ?   ?   ?   A . n 
A 1 2   SER 2   -2  ?   ?   ?   A . n 
A 1 3   ASP 3   -1  -1  ASP ALA A . n 
A 1 4   ALA 4   0   0   ALA ALA A . n 
A 1 5   LYS 5   1   1   LYS LYS A . n 
A 1 6   VAL 6   2   2   VAL VAL A . n 
A 1 7   PHE 7   3   3   PHE PHE A . n 
A 1 8   GLY 8   4   4   GLY GLY A . n 
A 1 9   LYS 9   5   5   LYS LYS A . n 
A 1 10  CYS 10  6   6   CYS CYS A . n 
A 1 11  GLU 11  7   7   GLU GLU A . n 
A 1 12  PHE 12  8   8   PHE PHE A . n 
A 1 13  ALA 13  9   9   ALA ALA A . n 
A 1 14  GLU 14  10  10  GLU GLU A . n 
A 1 15  LEU 15  11  11  LEU LEU A . n 
A 1 16  LEU 16  12  12  LEU LEU A . n 
A 1 17  LYS 17  13  13  LYS LYS A . n 
A 1 18  ARG 18  14  14  ARG ARG A . n 
A 1 19  ASP 19  15  15  ASP ASP A . n 
A 1 20  TYR 20  16  16  TYR TYR A . n 
A 1 21  TYR 21  17  17  TYR TYR A . n 
A 1 22  LEU 22  18  18  LEU LEU A . n 
A 1 23  SER 23  19  19  SER SER A . n 
A 1 24  ASN 24  20  20  ASN ASN A . n 
A 1 25  ASP 25  21  21  ASP ASP A . n 
A 1 26  ASP 26  22  22  ASP ASP A . n 
A 1 27  ILE 27  23  23  ILE ILE A . n 
A 1 28  LYS 28  24  24  LYS LYS A . n 
A 1 29  ASN 29  25  25  ASN ASN A . n 
A 1 30  TRP 30  26  26  TRP TRP A . n 
A 1 31  VAL 31  27  27  VAL VAL A . n 
A 1 32  CYS 32  28  28  CYS CYS A . n 
A 1 33  ILE 33  29  29  ILE ILE A . n 
A 1 34  ALA 34  30  30  ALA ALA A . n 
A 1 35  GLU 35  31  31  GLU GLU A . n 
A 1 36  PHE 36  32  32  PHE PHE A . n 
A 1 37  GLU 37  33  33  GLU GLU A . n 
A 1 38  SER 38  34  34  SER SER A . n 
A 1 39  SER 39  35  35  SER SER A . n 
A 1 40  PHE 40  36  36  PHE PHE A . n 
A 1 41  ASN 41  37  37  ASN ASN A . n 
A 1 42  THR 42  38  38  THR THR A . n 
A 1 43  ALA 43  39  39  ALA ALA A . n 
A 1 44  ALA 44  40  40  ALA ALA A . n 
A 1 45  ILE 45  41  41  ILE ILE A . n 
A 1 46  ASN 46  42  42  ASN ASN A . n 
A 1 47  ARG 47  43  43  ARG ARG A . n 
A 1 48  ASN 48  44  44  ASN ASN A . n 
A 1 49  ARG 49  45  45  ARG ARG A . n 
A 1 50  ASN 50  46  46  ASN ASN A . n 
A 1 51  ARG 51  47  47  ARG ARG A . n 
A 1 52  SER 52  48  48  SER SER A . n 
A 1 53  THR 53  49  49  THR THR A . n 
A 1 54  ASP 54  50  50  ASP ASP A . n 
A 1 55  TYR 55  51  51  TYR TYR A . n 
A 1 56  GLY 56  52  52  GLY GLY A . n 
A 1 57  ILE 57  53  53  ILE ILE A . n 
A 1 58  PHE 58  54  54  PHE PHE A . n 
A 1 59  GLN 59  55  55  GLN GLN A . n 
A 1 60  ILE 60  56  56  ILE ILE A . n 
A 1 61  ASN 61  57  57  ASN ASN A . n 
A 1 62  ASN 62  58  58  ASN ASN A . n 
A 1 63  LYS 63  59  59  LYS LYS A . n 
A 1 64  TYR 64  60  60  TYR TYR A . n 
A 1 65  TRP 65  61  61  TRP TRP A . n 
A 1 66  CYS 66  62  62  CYS CYS A . n 
A 1 67  GLY 67  63  63  GLY GLY A . n 
A 1 68  SER 68  64  64  SER SER A . n 
A 1 69  ASP 69  65  65  ASP ASP A . n 
A 1 70  TYR 70  66  66  TYR TYR A . n 
A 1 71  GLY 71  67  67  GLY GLY A . n 
A 1 72  LYS 72  68  68  LYS LYS A . n 
A 1 73  ASN 73  69  69  ASN ASN A . n 
A 1 74  VAL 74  70  70  VAL VAL A . n 
A 1 75  CYS 75  71  71  CYS CYS A . n 
A 1 76  LYS 76  72  72  LYS LYS A . n 
A 1 77  ILE 77  73  73  ILE ILE A . n 
A 1 78  PRO 78  74  74  PRO PRO A . n 
A 1 79  CYS 79  75  75  CYS CYS A . n 
A 1 80  SER 80  76  76  SER SER A . n 
A 1 81  ASP 81  77  77  ASP ASP A . n 
A 1 82  LEU 82  78  78  LEU LEU A . n 
A 1 83  MET 83  79  79  MET MET A . n 
A 1 84  SER 84  80  80  SER SER A . n 
A 1 85  ASP 85  81  81  ASP ASP A . n 
A 1 86  ASP 86  82  82  ASP ASP A . n 
A 1 87  ILE 87  83  83  ILE ILE A . n 
A 1 88  THR 88  84  84  THR THR A . n 
A 1 89  GLU 89  85  85  GLU GLU A . n 
A 1 90  ALA 90  86  86  ALA ALA A . n 
A 1 91  LEU 91  87  87  LEU LEU A . n 
A 1 92  ARG 92  88  88  ARG ARG A . n 
A 1 93  CYS 93  89  89  CYS CYS A . n 
A 1 94  ALA 94  90  90  ALA ALA A . n 
A 1 95  GLU 95  91  91  GLU GLU A . n 
A 1 96  THR 96  92  92  THR THR A . n 
A 1 97  ILE 97  93  93  ILE ILE A . n 
A 1 98  ARG 98  94  94  ARG ARG A . n 
A 1 99  ARG 99  95  95  ARG ARG A . n 
A 1 100 ASP 100 96  96  ASP ASP A . n 
A 1 101 THR 101 97  97  THR THR A . n 
A 1 102 GLU 102 98  98  GLU GLU A . n 
A 1 103 ARG 103 99  99  ARG ARG A . n 
A 1 104 PHE 104 100 100 PHE PHE A . n 
A 1 105 ARG 105 101 101 ARG ARG A . n 
A 1 106 GLY 106 102 102 GLY GLY A . n 
A 1 107 ARG 107 103 103 ARG ARG A . n 
A 1 108 GLY 108 104 104 GLY GLY A . n 
A 1 109 LYS 109 105 105 LYS LYS A . n 
A 1 110 GLY 110 106 106 GLY GLY A . n 
A 1 111 TYR 111 107 107 TYR TYR A . n 
A 1 112 SER 112 108 108 SER SER A . n 
A 1 113 ALA 113 109 109 ALA ALA A . n 
A 1 114 TRP 114 110 110 TRP TRP A . n 
A 1 115 VAL 115 111 111 VAL VAL A . n 
A 1 116 ALA 116 112 112 ALA ALA A . n 
A 1 117 TYR 117 113 113 TYR TYR A . n 
A 1 118 ASN 118 114 114 ASN ASN A . n 
A 1 119 SER 119 115 115 SER SER A . n 
A 1 120 LYS 120 116 116 LYS LYS A . n 
A 1 121 CYS 121 117 117 CYS CYS A . n 
A 1 122 LYS 122 118 118 LYS LYS A . n 
A 1 123 ASN 123 119 119 ASN ASN A . n 
A 1 124 ARG 124 120 120 ARG ARG A . n 
A 1 125 ASP 125 121 121 ASP ASP A . n 
A 1 126 LEU 126 122 122 LEU LEU A . n 
A 1 127 ASP 127 123 123 ASP ASP A . n 
A 1 128 GLN 128 124 124 GLN GLN A . n 
A 1 129 TYR 129 125 125 TYR TYR A . n 
A 1 130 MET 130 126 126 MET MET A . n 
A 1 131 ALA 131 127 127 ALA ALA A . n 
A 1 132 GLU 132 128 128 GLU GLU A . n 
A 1 133 CYS 133 129 129 CYS CYS A . n 
A 1 134 TRP 134 130 130 TRP TRP A . n 
A 1 135 SER 135 131 131 SER SER A . n 
A 1 136 HIS 136 132 ?   ?   ?   A . n 
A 1 137 GLY 137 133 ?   ?   ?   A . n 
A 1 138 SER 138 134 ?   ?   ?   A . n 
A 1 139 ASN 139 135 ?   ?   ?   A . n 
A 1 140 SER 140 136 ?   ?   ?   A . n 
A 1 141 VAL 141 137 ?   ?   ?   A . n 
A 1 142 PHE 142 138 ?   ?   ?   A . n 
A 1 143 PRO 143 139 ?   ?   ?   A . n 
A 1 144 PHE 144 140 ?   ?   ?   A . n 
# 
_pdbx_entity_instance_feature.ordinal        1 
_pdbx_entity_instance_feature.comp_id        GOL 
_pdbx_entity_instance_feature.asym_id        ? 
_pdbx_entity_instance_feature.seq_num        ? 
_pdbx_entity_instance_feature.auth_comp_id   GOL 
_pdbx_entity_instance_feature.auth_asym_id   ? 
_pdbx_entity_instance_feature.auth_seq_num   ? 
_pdbx_entity_instance_feature.feature_type   'SUBJECT OF INVESTIGATION' 
_pdbx_entity_instance_feature.details        ? 
# 
loop_
_pdbx_nonpoly_scheme.asym_id 
_pdbx_nonpoly_scheme.entity_id 
_pdbx_nonpoly_scheme.mon_id 
_pdbx_nonpoly_scheme.ndb_seq_num 
_pdbx_nonpoly_scheme.pdb_seq_num 
_pdbx_nonpoly_scheme.auth_seq_num 
_pdbx_nonpoly_scheme.pdb_mon_id 
_pdbx_nonpoly_scheme.auth_mon_id 
_pdbx_nonpoly_scheme.pdb_strand_id 
_pdbx_nonpoly_scheme.pdb_ins_code 
B 2 GOL 1  201 201 GOL GOL A . 
C 3 HOH 1  301 41  HOH HOH A . 
C 3 HOH 2  302 38  HOH HOH A . 
C 3 HOH 3  303 4   HOH HOH A . 
C 3 HOH 4  304 20  HOH HOH A . 
C 3 HOH 5  305 1   HOH HOH A . 
C 3 HOH 6  306 53  HOH HOH A . 
C 3 HOH 7  307 34  HOH HOH A . 
C 3 HOH 8  308 5   HOH HOH A . 
C 3 HOH 9  309 24  HOH HOH A . 
C 3 HOH 10 310 50  HOH HOH A . 
C 3 HOH 11 311 30  HOH HOH A . 
C 3 HOH 12 312 63  HOH HOH A . 
C 3 HOH 13 313 56  HOH HOH A . 
C 3 HOH 14 314 14  HOH HOH A . 
C 3 HOH 15 315 26  HOH HOH A . 
C 3 HOH 16 316 57  HOH HOH A . 
C 3 HOH 17 317 16  HOH HOH A . 
C 3 HOH 18 318 15  HOH HOH A . 
C 3 HOH 19 319 58  HOH HOH A . 
C 3 HOH 20 320 17  HOH HOH A . 
C 3 HOH 21 321 35  HOH HOH A . 
C 3 HOH 22 322 28  HOH HOH A . 
C 3 HOH 23 323 61  HOH HOH A . 
C 3 HOH 24 324 64  HOH HOH A . 
C 3 HOH 25 325 18  HOH HOH A . 
C 3 HOH 26 326 36  HOH HOH A . 
C 3 HOH 27 327 47  HOH HOH A . 
C 3 HOH 28 328 62  HOH HOH A . 
C 3 HOH 29 329 51  HOH HOH A . 
C 3 HOH 30 330 3   HOH HOH A . 
C 3 HOH 31 331 52  HOH HOH A . 
C 3 HOH 32 332 31  HOH HOH A . 
C 3 HOH 33 333 19  HOH HOH A . 
C 3 HOH 34 334 27  HOH HOH A . 
C 3 HOH 35 335 9   HOH HOH A . 
C 3 HOH 36 336 71  HOH HOH A . 
C 3 HOH 37 337 12  HOH HOH A . 
C 3 HOH 38 338 25  HOH HOH A . 
C 3 HOH 39 339 23  HOH HOH A . 
C 3 HOH 40 340 54  HOH HOH A . 
C 3 HOH 41 341 8   HOH HOH A . 
C 3 HOH 42 342 33  HOH HOH A . 
C 3 HOH 43 343 32  HOH HOH A . 
C 3 HOH 44 344 7   HOH HOH A . 
C 3 HOH 45 345 22  HOH HOH A . 
C 3 HOH 46 346 70  HOH HOH A . 
C 3 HOH 47 347 10  HOH HOH A . 
C 3 HOH 48 348 6   HOH HOH A . 
C 3 HOH 49 349 40  HOH HOH A . 
C 3 HOH 50 350 21  HOH HOH A . 
C 3 HOH 51 351 59  HOH HOH A . 
C 3 HOH 52 352 65  HOH HOH A . 
C 3 HOH 53 353 29  HOH HOH A . 
C 3 HOH 54 354 55  HOH HOH A . 
C 3 HOH 55 355 13  HOH HOH A . 
C 3 HOH 56 356 43  HOH HOH A . 
C 3 HOH 57 357 48  HOH HOH A . 
C 3 HOH 58 358 39  HOH HOH A . 
C 3 HOH 59 359 69  HOH HOH A . 
C 3 HOH 60 360 49  HOH HOH A . 
C 3 HOH 61 361 66  HOH HOH A . 
C 3 HOH 62 362 67  HOH HOH A . 
C 3 HOH 63 363 68  HOH HOH A . 
C 3 HOH 64 364 37  HOH HOH A . 
C 3 HOH 65 365 46  HOH HOH A . 
C 3 HOH 66 366 60  HOH HOH A . 
# 
loop_
_pdbx_unobs_or_zero_occ_atoms.id 
_pdbx_unobs_or_zero_occ_atoms.PDB_model_num 
_pdbx_unobs_or_zero_occ_atoms.polymer_flag 
_pdbx_unobs_or_zero_occ_atoms.occupancy_flag 
_pdbx_unobs_or_zero_occ_atoms.auth_asym_id 
_pdbx_unobs_or_zero_occ_atoms.auth_comp_id 
_pdbx_unobs_or_zero_occ_atoms.auth_seq_id 
_pdbx_unobs_or_zero_occ_atoms.PDB_ins_code 
_pdbx_unobs_or_zero_occ_atoms.auth_atom_id 
_pdbx_unobs_or_zero_occ_atoms.label_alt_id 
_pdbx_unobs_or_zero_occ_atoms.label_asym_id 
_pdbx_unobs_or_zero_occ_atoms.label_comp_id 
_pdbx_unobs_or_zero_occ_atoms.label_seq_id 
_pdbx_unobs_or_zero_occ_atoms.label_atom_id 
1 1 Y 1 A ASP -1 ? CG  ? A ASP 3 CG  
2 1 Y 1 A ASP -1 ? OD1 ? A ASP 3 OD1 
3 1 Y 1 A ASP -1 ? OD2 ? A ASP 3 OD2 
# 
loop_
_software.citation_id 
_software.classification 
_software.compiler_name 
_software.compiler_version 
_software.contact_author 
_software.contact_author_email 
_software.date 
_software.description 
_software.dependencies 
_software.hardware 
_software.language 
_software.location 
_software.mods 
_software.name 
_software.os 
_software.os_version 
_software.type 
_software.version 
_software.pdbx_ordinal 
? refinement       ? ? ? ? ? ? ? ? ? ? ? REFMAC ? ? ? 5.8.0257 1 
? 'data reduction' ? ? ? ? ? ? ? ? ? ? ? XDS    ? ? ? .        2 
? 'data scaling'   ? ? ? ? ? ? ? ? ? ? ? SCALA  ? ? ? .        3 
? phasing          ? ? ? ? ? ? ? ? ? ? ? PHASER ? ? ? .        4 
# 
_cell.angle_alpha                  90.000 
_cell.angle_alpha_esd              ? 
_cell.angle_beta                   90.000 
_cell.angle_beta_esd               ? 
_cell.angle_gamma                  120.000 
_cell.angle_gamma_esd              ? 
_cell.entry_id                     6UKC 
_cell.details                      ? 
_cell.formula_units_Z              ? 
_cell.length_a                     82.368 
_cell.length_a_esd                 ? 
_cell.length_b                     82.368 
_cell.length_b_esd                 ? 
_cell.length_c                     38.665 
_cell.length_c_esd                 ? 
_cell.volume                       ? 
_cell.volume_esd                   ? 
_cell.Z_PDB                        6 
_cell.reciprocal_angle_alpha       ? 
_cell.reciprocal_angle_beta        ? 
_cell.reciprocal_angle_gamma       ? 
_cell.reciprocal_angle_alpha_esd   ? 
_cell.reciprocal_angle_beta_esd    ? 
_cell.reciprocal_angle_gamma_esd   ? 
_cell.reciprocal_length_a          ? 
_cell.reciprocal_length_b          ? 
_cell.reciprocal_length_c          ? 
_cell.reciprocal_length_a_esd      ? 
_cell.reciprocal_length_b_esd      ? 
_cell.reciprocal_length_c_esd      ? 
_cell.pdbx_unique_axis             ? 
# 
_symmetry.entry_id                         6UKC 
_symmetry.cell_setting                     ? 
_symmetry.Int_Tables_number                169 
_symmetry.space_group_name_Hall            ? 
_symmetry.space_group_name_H-M             'P 61' 
_symmetry.pdbx_full_space_group_name_H-M   ? 
# 
_exptl.absorpt_coefficient_mu     ? 
_exptl.absorpt_correction_T_max   ? 
_exptl.absorpt_correction_T_min   ? 
_exptl.absorpt_correction_type    ? 
_exptl.absorpt_process_details    ? 
_exptl.entry_id                   6UKC 
_exptl.crystals_number            1 
_exptl.details                    ? 
_exptl.method                     'X-RAY DIFFRACTION' 
_exptl.method_details             ? 
# 
_exptl_crystal.colour                      ? 
_exptl_crystal.density_diffrn              ? 
_exptl_crystal.density_Matthews            2.27 
_exptl_crystal.density_method              ? 
_exptl_crystal.density_percent_sol         45.76 
_exptl_crystal.description                 ? 
_exptl_crystal.F_000                       ? 
_exptl_crystal.id                          1 
_exptl_crystal.preparation                 ? 
_exptl_crystal.size_max                    ? 
_exptl_crystal.size_mid                    ? 
_exptl_crystal.size_min                    ? 
_exptl_crystal.size_rad                    ? 
_exptl_crystal.colour_lustre               ? 
_exptl_crystal.colour_modifier             ? 
_exptl_crystal.colour_primary              ? 
_exptl_crystal.density_meas                ? 
_exptl_crystal.density_meas_esd            ? 
_exptl_crystal.density_meas_gt             ? 
_exptl_crystal.density_meas_lt             ? 
_exptl_crystal.density_meas_temp           ? 
_exptl_crystal.density_meas_temp_esd       ? 
_exptl_crystal.density_meas_temp_gt        ? 
_exptl_crystal.density_meas_temp_lt        ? 
_exptl_crystal.pdbx_crystal_image_url      ? 
_exptl_crystal.pdbx_crystal_image_format   ? 
_exptl_crystal.pdbx_mosaicity              ? 
_exptl_crystal.pdbx_mosaicity_esd          ? 
# 
_exptl_crystal_grow.apparatus       ? 
_exptl_crystal_grow.atmosphere      ? 
_exptl_crystal_grow.crystal_id      1 
_exptl_crystal_grow.details         ? 
_exptl_crystal_grow.method          'VAPOR DIFFUSION, HANGING DROP' 
_exptl_crystal_grow.method_ref      ? 
_exptl_crystal_grow.pH              5.5 
_exptl_crystal_grow.pressure        ? 
_exptl_crystal_grow.pressure_esd    ? 
_exptl_crystal_grow.seeding         ? 
_exptl_crystal_grow.seeding_ref     ? 
_exptl_crystal_grow.temp            298.15 
_exptl_crystal_grow.temp_details    ? 
_exptl_crystal_grow.temp_esd        ? 
_exptl_crystal_grow.time            ? 
_exptl_crystal_grow.pdbx_details    'HEPES 0.1M, pH 7.5, 20 (w/v) PEG 10,000%' 
_exptl_crystal_grow.pdbx_pH_range   ? 
# 
_diffrn.ambient_environment              ? 
_diffrn.ambient_temp                     100 
_diffrn.ambient_temp_details             ? 
_diffrn.ambient_temp_esd                 ? 
_diffrn.crystal_id                       1 
_diffrn.crystal_support                  ? 
_diffrn.crystal_treatment                ? 
_diffrn.details                          ? 
_diffrn.id                               1 
_diffrn.ambient_pressure                 ? 
_diffrn.ambient_pressure_esd             ? 
_diffrn.ambient_pressure_gt              ? 
_diffrn.ambient_pressure_lt              ? 
_diffrn.ambient_temp_gt                  ? 
_diffrn.ambient_temp_lt                  ? 
_diffrn.pdbx_serial_crystal_experiment   N 
# 
_diffrn_detector.details                      Mirrors 
_diffrn_detector.detector                     'IMAGE PLATE' 
_diffrn_detector.diffrn_id                    1 
_diffrn_detector.type                         RIGAKU 
_diffrn_detector.area_resol_mean              ? 
_diffrn_detector.dtime                        ? 
_diffrn_detector.pdbx_frames_total            ? 
_diffrn_detector.pdbx_collection_time_total   ? 
_diffrn_detector.pdbx_collection_date         2009-07-24 
_diffrn_detector.pdbx_frequency               ? 
# 
_diffrn_radiation.collimation                      ? 
_diffrn_radiation.diffrn_id                        1 
_diffrn_radiation.filter_edge                      ? 
_diffrn_radiation.inhomogeneity                    ? 
_diffrn_radiation.monochromator                    ? 
_diffrn_radiation.polarisn_norm                    ? 
_diffrn_radiation.polarisn_ratio                   ? 
_diffrn_radiation.probe                            ? 
_diffrn_radiation.type                             ? 
_diffrn_radiation.xray_symbol                      ? 
_diffrn_radiation.wavelength_id                    1 
_diffrn_radiation.pdbx_monochromatic_or_laue_m_l   M 
_diffrn_radiation.pdbx_wavelength_list             ? 
_diffrn_radiation.pdbx_wavelength                  ? 
_diffrn_radiation.pdbx_diffrn_protocol             'SINGLE WAVELENGTH' 
_diffrn_radiation.pdbx_analyzer                    ? 
_diffrn_radiation.pdbx_scattering_type             x-ray 
# 
_diffrn_radiation_wavelength.id           1 
_diffrn_radiation_wavelength.wavelength   1.54 
_diffrn_radiation_wavelength.wt           1.0 
# 
_diffrn_source.current                     ? 
_diffrn_source.details                     ? 
_diffrn_source.diffrn_id                   1 
_diffrn_source.power                       ? 
_diffrn_source.size                        ? 
_diffrn_source.source                      'ROTATING ANODE' 
_diffrn_source.target                      ? 
_diffrn_source.type                        'RIGAKU RU200' 
_diffrn_source.voltage                     ? 
_diffrn_source.take-off_angle              ? 
_diffrn_source.pdbx_wavelength_list        1.54 
_diffrn_source.pdbx_wavelength             ? 
_diffrn_source.pdbx_synchrotron_beamline   ? 
_diffrn_source.pdbx_synchrotron_site       ? 
# 
_reflns.B_iso_Wilson_estimate            ? 
_reflns.entry_id                         6UKC 
_reflns.data_reduction_details           ? 
_reflns.data_reduction_method            ? 
_reflns.d_resolution_high                2.25 
_reflns.d_resolution_low                 41.18 
_reflns.details                          ? 
_reflns.limit_h_max                      ? 
_reflns.limit_h_min                      ? 
_reflns.limit_k_max                      ? 
_reflns.limit_k_min                      ? 
_reflns.limit_l_max                      ? 
_reflns.limit_l_min                      ? 
_reflns.number_all                       ? 
_reflns.number_obs                       6270 
_reflns.observed_criterion               ? 
_reflns.observed_criterion_F_max         ? 
_reflns.observed_criterion_F_min         ? 
_reflns.observed_criterion_I_max         ? 
_reflns.observed_criterion_I_min         ? 
_reflns.observed_criterion_sigma_F       ? 
_reflns.observed_criterion_sigma_I       ? 
_reflns.percent_possible_obs             86.16 
_reflns.R_free_details                   ? 
_reflns.Rmerge_F_all                     ? 
_reflns.Rmerge_F_obs                     ? 
_reflns.Friedel_coverage                 ? 
_reflns.number_gt                        ? 
_reflns.threshold_expression             ? 
_reflns.pdbx_redundancy                  2.8 
_reflns.pdbx_Rmerge_I_obs                ? 
_reflns.pdbx_Rmerge_I_all                ? 
_reflns.pdbx_Rsym_value                  ? 
_reflns.pdbx_netI_over_av_sigmaI         ? 
_reflns.pdbx_netI_over_sigmaI            8.2 
_reflns.pdbx_res_netI_over_av_sigmaI_2   ? 
_reflns.pdbx_res_netI_over_sigmaI_2      ? 
_reflns.pdbx_chi_squared                 ? 
_reflns.pdbx_scaling_rejects             ? 
_reflns.pdbx_d_res_high_opt              ? 
_reflns.pdbx_d_res_low_opt               ? 
_reflns.pdbx_d_res_opt_method            ? 
_reflns.phase_calculation_details        ? 
_reflns.pdbx_Rrim_I_all                  ? 
_reflns.pdbx_Rpim_I_all                  ? 
_reflns.pdbx_d_opt                       ? 
_reflns.pdbx_number_measured_all         ? 
_reflns.pdbx_diffrn_id                   1 
_reflns.pdbx_ordinal                     1 
_reflns.pdbx_CC_half                     .996 
_reflns.pdbx_CC_star                     ? 
_reflns.pdbx_R_split                     ? 
# 
_reflns_shell.d_res_high                  2.25 
_reflns_shell.d_res_low                   2.32 
_reflns_shell.meanI_over_sigI_all         ? 
_reflns_shell.meanI_over_sigI_obs         ? 
_reflns_shell.number_measured_all         ? 
_reflns_shell.number_measured_obs         ? 
_reflns_shell.number_possible             ? 
_reflns_shell.number_unique_all           ? 
_reflns_shell.number_unique_obs           6275 
_reflns_shell.percent_possible_all        ? 
_reflns_shell.percent_possible_obs        ? 
_reflns_shell.Rmerge_F_all                ? 
_reflns_shell.Rmerge_F_obs                ? 
_reflns_shell.Rmerge_I_all                ? 
_reflns_shell.Rmerge_I_obs                ? 
_reflns_shell.meanI_over_sigI_gt          ? 
_reflns_shell.meanI_over_uI_all           ? 
_reflns_shell.meanI_over_uI_gt            ? 
_reflns_shell.number_measured_gt          ? 
_reflns_shell.number_unique_gt            ? 
_reflns_shell.percent_possible_gt         ? 
_reflns_shell.Rmerge_F_gt                 ? 
_reflns_shell.Rmerge_I_gt                 ? 
_reflns_shell.pdbx_redundancy             ? 
_reflns_shell.pdbx_Rsym_value             ? 
_reflns_shell.pdbx_chi_squared            ? 
_reflns_shell.pdbx_netI_over_sigmaI_all   ? 
_reflns_shell.pdbx_netI_over_sigmaI_obs   ? 
_reflns_shell.pdbx_Rrim_I_all             ? 
_reflns_shell.pdbx_Rpim_I_all             ? 
_reflns_shell.pdbx_rejects                ? 
_reflns_shell.pdbx_ordinal                1 
_reflns_shell.pdbx_diffrn_id              1 
_reflns_shell.pdbx_CC_half                .993 
_reflns_shell.pdbx_CC_star                ? 
_reflns_shell.pdbx_R_split                ? 
# 
_refine.aniso_B[1][1]                            -0.268 
_refine.aniso_B[1][2]                            -0.134 
_refine.aniso_B[1][3]                            0.000 
_refine.aniso_B[2][2]                            -0.268 
_refine.aniso_B[2][3]                            0.000 
_refine.aniso_B[3][3]                            0.871 
_refine.B_iso_max                                ? 
_refine.B_iso_mean                               23.065 
_refine.B_iso_min                                ? 
_refine.correlation_coeff_Fo_to_Fc               0.935 
_refine.correlation_coeff_Fo_to_Fc_free          0.901 
_refine.details                                  'Hydrogens have been added in their riding positions' 
_refine.diff_density_max                         ? 
_refine.diff_density_max_esd                     ? 
_refine.diff_density_min                         ? 
_refine.diff_density_min_esd                     ? 
_refine.diff_density_rms                         ? 
_refine.diff_density_rms_esd                     ? 
_refine.entry_id                                 6UKC 
_refine.pdbx_refine_id                           'X-RAY DIFFRACTION' 
_refine.ls_abs_structure_details                 ? 
_refine.ls_abs_structure_Flack                   ? 
_refine.ls_abs_structure_Flack_esd               ? 
_refine.ls_abs_structure_Rogers                  ? 
_refine.ls_abs_structure_Rogers_esd              ? 
_refine.ls_d_res_high                            2.250 
_refine.ls_d_res_low                             35.692 
_refine.ls_extinction_coef                       ? 
_refine.ls_extinction_coef_esd                   ? 
_refine.ls_extinction_expression                 ? 
_refine.ls_extinction_method                     ? 
_refine.ls_goodness_of_fit_all                   ? 
_refine.ls_goodness_of_fit_all_esd               ? 
_refine.ls_goodness_of_fit_obs                   ? 
_refine.ls_goodness_of_fit_obs_esd               ? 
_refine.ls_hydrogen_treatment                    ? 
_refine.ls_matrix_type                           ? 
_refine.ls_number_constraints                    ? 
_refine.ls_number_parameters                     ? 
_refine.ls_number_reflns_all                     ? 
_refine.ls_number_reflns_obs                     6270 
_refine.ls_number_reflns_R_free                  622 
_refine.ls_number_reflns_R_work                  ? 
_refine.ls_number_restraints                     ? 
_refine.ls_percent_reflns_obs                    86.162 
_refine.ls_percent_reflns_R_free                 9.920 
_refine.ls_R_factor_all                          0.204 
_refine.ls_R_factor_obs                          ? 
_refine.ls_R_factor_R_free                       0.2463 
_refine.ls_R_factor_R_free_error                 ? 
_refine.ls_R_factor_R_free_error_details         ? 
_refine.ls_R_factor_R_work                       0.1998 
_refine.ls_R_Fsqd_factor_obs                     ? 
_refine.ls_R_I_factor_obs                        ? 
_refine.ls_redundancy_reflns_all                 ? 
_refine.ls_redundancy_reflns_obs                 ? 
_refine.ls_restrained_S_all                      ? 
_refine.ls_restrained_S_obs                      ? 
_refine.ls_shift_over_esd_max                    ? 
_refine.ls_shift_over_esd_mean                   ? 
_refine.ls_structure_factor_coef                 ? 
_refine.ls_weighting_details                     ? 
_refine.ls_weighting_scheme                      ? 
_refine.ls_wR_factor_all                         ? 
_refine.ls_wR_factor_obs                         ? 
_refine.ls_wR_factor_R_free                      ? 
_refine.ls_wR_factor_R_work                      ? 
_refine.occupancy_max                            ? 
_refine.occupancy_min                            ? 
_refine.solvent_model_details                    ? 
_refine.solvent_model_param_bsol                 ? 
_refine.solvent_model_param_ksol                 ? 
_refine.pdbx_R_complete                          ? 
_refine.ls_R_factor_gt                           ? 
_refine.ls_goodness_of_fit_gt                    ? 
_refine.ls_goodness_of_fit_ref                   ? 
_refine.ls_shift_over_su_max                     ? 
_refine.ls_shift_over_su_max_lt                  ? 
_refine.ls_shift_over_su_mean                    ? 
_refine.ls_shift_over_su_mean_lt                 ? 
_refine.pdbx_ls_sigma_I                          ? 
_refine.pdbx_ls_sigma_F                          ? 
_refine.pdbx_ls_sigma_Fsqd                       ? 
_refine.pdbx_data_cutoff_high_absF               ? 
_refine.pdbx_data_cutoff_high_rms_absF           ? 
_refine.pdbx_data_cutoff_low_absF                ? 
_refine.pdbx_isotropic_thermal_model             ? 
_refine.pdbx_ls_cross_valid_method               THROUGHOUT 
_refine.pdbx_method_to_determine_struct          'MOLECULAR REPLACEMENT' 
_refine.pdbx_starting_model                      1LSY 
_refine.pdbx_stereochemistry_target_values       ? 
_refine.pdbx_R_Free_selection_details            ? 
_refine.pdbx_stereochem_target_val_spec_case     ? 
_refine.pdbx_overall_ESU_R                       0.520 
_refine.pdbx_overall_ESU_R_Free                  0.273 
_refine.pdbx_solvent_vdw_probe_radii             1.200 
_refine.pdbx_solvent_ion_probe_radii             0.800 
_refine.pdbx_solvent_shrinkage_radii             0.800 
_refine.pdbx_real_space_R                        ? 
_refine.pdbx_density_correlation                 ? 
_refine.pdbx_pd_number_of_powder_patterns        ? 
_refine.pdbx_pd_number_of_points                 ? 
_refine.pdbx_pd_meas_number_of_points            ? 
_refine.pdbx_pd_proc_ls_prof_R_factor            ? 
_refine.pdbx_pd_proc_ls_prof_wR_factor           ? 
_refine.pdbx_pd_Marquardt_correlation_coeff      ? 
_refine.pdbx_pd_Fsqrd_R_factor                   ? 
_refine.pdbx_pd_ls_matrix_band_width             ? 
_refine.pdbx_overall_phase_error                 ? 
_refine.pdbx_overall_SU_R_free_Cruickshank_DPI   ? 
_refine.pdbx_overall_SU_R_free_Blow_DPI          ? 
_refine.pdbx_overall_SU_R_Blow_DPI               ? 
_refine.pdbx_TLS_residual_ADP_flag               ? 
_refine.pdbx_diffrn_id                           1 
_refine.overall_SU_B                             6.762 
_refine.overall_SU_ML                            0.161 
_refine.overall_SU_R_Cruickshank_DPI             ? 
_refine.overall_SU_R_free                        ? 
_refine.overall_FOM_free_R_set                   ? 
_refine.overall_FOM_work_R_set                   ? 
_refine.pdbx_average_fsc_overall                 ? 
_refine.pdbx_average_fsc_work                    ? 
_refine.pdbx_average_fsc_free                    ? 
# 
_refine_hist.pdbx_refine_id                   'X-RAY DIFFRACTION' 
_refine_hist.cycle_id                         LAST 
_refine_hist.pdbx_number_atoms_protein        1084 
_refine_hist.pdbx_number_atoms_nucleic_acid   0 
_refine_hist.pdbx_number_atoms_ligand         6 
_refine_hist.number_atoms_solvent             66 
_refine_hist.number_atoms_total               1156 
_refine_hist.d_res_high                       2.250 
_refine_hist.d_res_low                        35.692 
# 
loop_
_refine_ls_restr.pdbx_refine_id 
_refine_ls_restr.criterion 
_refine_ls_restr.dev_ideal 
_refine_ls_restr.dev_ideal_target 
_refine_ls_restr.number 
_refine_ls_restr.rejects 
_refine_ls_restr.type 
_refine_ls_restr.weight 
_refine_ls_restr.pdbx_restraint_function 
'X-RAY DIFFRACTION' ? 0.008  0.013  1115 ? r_bond_refined_d               ? ? 
'X-RAY DIFFRACTION' ? 0.001  0.018  980  ? r_bond_other_d                 ? ? 
'X-RAY DIFFRACTION' ? 0.198  0.010  82   ? r_ext_dist_refined_d           ? ? 
'X-RAY DIFFRACTION' ? 1.527  1.646  1500 ? r_angle_refined_deg            ? ? 
'X-RAY DIFFRACTION' ? 1.382  1.594  2268 ? r_angle_other_deg              ? ? 
'X-RAY DIFFRACTION' ? 7.681  5.000  132  ? r_dihedral_angle_1_deg         ? ? 
'X-RAY DIFFRACTION' ? 32.047 21.389 72   ? r_dihedral_angle_2_deg         ? ? 
'X-RAY DIFFRACTION' ? 15.192 15.000 194  ? r_dihedral_angle_3_deg         ? ? 
'X-RAY DIFFRACTION' ? 22.238 15.000 11   ? r_dihedral_angle_4_deg         ? ? 
'X-RAY DIFFRACTION' ? 0.068  0.200  139  ? r_chiral_restr                 ? ? 
'X-RAY DIFFRACTION' ? 0.007  0.020  1265 ? r_gen_planes_refined           ? ? 
'X-RAY DIFFRACTION' ? 0.001  0.020  272  ? r_gen_planes_other             ? ? 
'X-RAY DIFFRACTION' ? 0.213  0.200  221  ? r_nbd_refined                  ? ? 
'X-RAY DIFFRACTION' ? 0.195  0.200  935  ? r_symmetry_nbd_other           ? ? 
'X-RAY DIFFRACTION' ? 0.174  0.200  545  ? r_nbtor_refined                ? ? 
'X-RAY DIFFRACTION' ? 0.076  0.200  490  ? r_symmetry_nbtor_other         ? ? 
'X-RAY DIFFRACTION' ? 0.181  0.200  60   ? r_xyhbond_nbd_refined          ? ? 
'X-RAY DIFFRACTION' ? 0.068  0.200  1    ? r_symmetry_xyhbond_nbd_other   ? ? 
'X-RAY DIFFRACTION' ? 0.025  0.200  5    ? r_symmetry_nbd_refined         ? ? 
'X-RAY DIFFRACTION' ? 0.186  0.200  32   ? r_nbd_other                    ? ? 
'X-RAY DIFFRACTION' ? 0.110  0.200  4    ? r_symmetry_xyhbond_nbd_refined ? ? 
'X-RAY DIFFRACTION' ? 1.660  2.314  531  ? r_mcbond_it                    ? ? 
'X-RAY DIFFRACTION' ? 1.659  2.310  530  ? r_mcbond_other                 ? ? 
'X-RAY DIFFRACTION' ? 2.614  3.461  662  ? r_mcangle_it                   ? ? 
'X-RAY DIFFRACTION' ? 2.612  3.465  663  ? r_mcangle_other                ? ? 
'X-RAY DIFFRACTION' ? 1.995  2.549  584  ? r_scbond_it                    ? ? 
'X-RAY DIFFRACTION' ? 1.993  2.553  585  ? r_scbond_other                 ? ? 
'X-RAY DIFFRACTION' ? 3.160  3.714  838  ? r_scangle_it                   ? ? 
'X-RAY DIFFRACTION' ? 3.158  3.718  839  ? r_scangle_other                ? ? 
'X-RAY DIFFRACTION' ? 5.680  42.407 4694 ? r_lrange_it                    ? ? 
'X-RAY DIFFRACTION' ? 5.654  42.390 4660 ? r_lrange_other                 ? ? 
# 
loop_
_refine_ls_shell.pdbx_refine_id 
_refine_ls_shell.d_res_high 
_refine_ls_shell.d_res_low 
_refine_ls_shell.number_reflns_all 
_refine_ls_shell.number_reflns_obs 
_refine_ls_shell.number_reflns_R_free 
_refine_ls_shell.number_reflns_R_work 
_refine_ls_shell.percent_reflns_obs 
_refine_ls_shell.percent_reflns_R_free 
_refine_ls_shell.R_factor_all 
_refine_ls_shell.R_factor_obs 
_refine_ls_shell.R_factor_R_free 
_refine_ls_shell.R_factor_R_free_error 
_refine_ls_shell.R_factor_R_work 
_refine_ls_shell.redundancy_reflns_all 
_refine_ls_shell.redundancy_reflns_obs 
_refine_ls_shell.wR_factor_all 
_refine_ls_shell.wR_factor_obs 
_refine_ls_shell.wR_factor_R_free 
_refine_ls_shell.wR_factor_R_work 
_refine_ls_shell.pdbx_R_complete 
_refine_ls_shell.pdbx_total_number_of_bins_used 
_refine_ls_shell.pdbx_phase_error 
_refine_ls_shell.pdbx_fsc_work 
_refine_ls_shell.pdbx_fsc_free 
'X-RAY DIFFRACTION' 2.250 2.309 . . 46 445 89.7623 . . . 0.392 . 0.286 . . . . . . . . . . . 
'X-RAY DIFFRACTION' 2.309 2.372 . . 46 418 91.5187 . . . 0.261 . 0.254 . . . . . . . . . . . 
'X-RAY DIFFRACTION' 2.372 2.441 . . 46 407 89.8810 . . . 0.262 . 0.224 . . . . . . . . . . . 
'X-RAY DIFFRACTION' 2.441 2.516 . . 46 417 92.9719 . . . 0.244 . 0.220 . . . . . . . . . . . 
'X-RAY DIFFRACTION' 2.516 2.598 . . 37 392 88.4536 . . . 0.334 . 0.212 . . . . . . . . . . . 
'X-RAY DIFFRACTION' 2.598 2.689 . . 41 351 86.9180 . . . 0.248 . 0.207 . . . . . . . . . . . 
'X-RAY DIFFRACTION' 2.689 2.791 . . 39 347 87.7273 . . . 0.267 . 0.199 . . . . . . . . . . . 
'X-RAY DIFFRACTION' 2.791 2.904 . . 34 336 87.6777 . . . 0.281 . 0.214 . . . . . . . . . . . 
'X-RAY DIFFRACTION' 2.904 3.033 . . 39 325 86.0520 . . . 0.261 . 0.187 . . . . . . . . . . . 
'X-RAY DIFFRACTION' 3.033 3.181 . . 34 300 88.1266 . . . 0.208 . 0.185 . . . . . . . . . . . 
'X-RAY DIFFRACTION' 3.181 3.353 . . 32 298 87.7660 . . . 0.212 . 0.187 . . . . . . . . . . . 
'X-RAY DIFFRACTION' 3.353 3.556 . . 35 260 81.9444 . . . 0.202 . 0.188 . . . . . . . . . . . 
'X-RAY DIFFRACTION' 3.556 3.800 . . 23 241 78.8060 . . . 0.252 . 0.176 . . . . . . . . . . . 
'X-RAY DIFFRACTION' 3.800 4.104 . . 24 216 77.4193 . . . 0.193 . 0.179 . . . . . . . . . . . 
'X-RAY DIFFRACTION' 4.104 4.494 . . 22 205 78.8194 . . . 0.277 . 0.162 . . . . . . . . . . . 
'X-RAY DIFFRACTION' 4.494 5.022 . . 23 196 83.2700 . . . 0.176 . 0.164 . . . . . . . . . . . 
'X-RAY DIFFRACTION' 5.794 7.085 . . 18 155 83.9806 . . . 0.407 . 0.212 . . . . . . . . . . . 
# 
_struct.entry_id                     6UKC 
_struct.title                        'Crystal structure of a lysozyme from Litopenaeus vannamei' 
_struct.pdbx_model_details           ? 
_struct.pdbx_formula_weight          ? 
_struct.pdbx_formula_weight_method   ? 
_struct.pdbx_model_type_details      ? 
_struct.pdbx_CASP_flag               N 
# 
_struct_keywords.entry_id        6UKC 
_struct_keywords.text            'Litopenaeus vannamei, lysozyme, Innate immunity, HYDROLASE' 
_struct_keywords.pdbx_keywords   HYDROLASE 
# 
loop_
_struct_asym.id 
_struct_asym.pdbx_blank_PDB_chainid_flag 
_struct_asym.pdbx_modified 
_struct_asym.entity_id 
_struct_asym.details 
A N N 1 ? 
B N N 2 ? 
C N N 3 ? 
# 
_struct_ref.id                         1 
_struct_ref.db_name                    UNP 
_struct_ref.db_code                    Q95V66_PENVA 
_struct_ref.pdbx_db_accession          Q95V66 
_struct_ref.pdbx_db_isoform            ? 
_struct_ref.entity_id                  1 
_struct_ref.pdbx_seq_one_letter_code   
;SDAKVFGKCEFAELLKRDYYLSNDDIKNWVCIAEFESSFNTAAINRNRNRSTDYGIFQINNKYWCGSDYGKNVCKIPCSD
LMSDDITEALRCAETIRRDTERFRGRGKGYSAWVAYNSKCKNRDLDQYMAECWSHGSNSVFPF
;
_struct_ref.pdbx_align_begin           16 
# 
_struct_ref_seq.align_id                      1 
_struct_ref_seq.ref_id                        1 
_struct_ref_seq.pdbx_PDB_id_code              6UKC 
_struct_ref_seq.pdbx_strand_id                A 
_struct_ref_seq.seq_align_beg                 2 
_struct_ref_seq.pdbx_seq_align_beg_ins_code   ? 
_struct_ref_seq.seq_align_end                 144 
_struct_ref_seq.pdbx_seq_align_end_ins_code   ? 
_struct_ref_seq.pdbx_db_accession             Q95V66 
_struct_ref_seq.db_align_beg                  16 
_struct_ref_seq.pdbx_db_align_beg_ins_code    ? 
_struct_ref_seq.db_align_end                  158 
_struct_ref_seq.pdbx_db_align_end_ins_code    ? 
_struct_ref_seq.pdbx_auth_seq_align_beg       -2 
_struct_ref_seq.pdbx_auth_seq_align_end       140 
# 
_struct_ref_seq_dif.align_id                     1 
_struct_ref_seq_dif.pdbx_pdb_id_code             6UKC 
_struct_ref_seq_dif.mon_id                       MET 
_struct_ref_seq_dif.pdbx_pdb_strand_id           A 
_struct_ref_seq_dif.seq_num                      1 
_struct_ref_seq_dif.pdbx_pdb_ins_code            ? 
_struct_ref_seq_dif.pdbx_seq_db_name             UNP 
_struct_ref_seq_dif.pdbx_seq_db_accession_code   Q95V66 
_struct_ref_seq_dif.db_mon_id                    ? 
_struct_ref_seq_dif.pdbx_seq_db_seq_num          ? 
_struct_ref_seq_dif.details                      'initiating methionine' 
_struct_ref_seq_dif.pdbx_auth_seq_num            -3 
_struct_ref_seq_dif.pdbx_ordinal                 1 
# 
_pdbx_struct_assembly.id                   1 
_pdbx_struct_assembly.details              author_and_software_defined_assembly 
_pdbx_struct_assembly.method_details       PISA 
_pdbx_struct_assembly.oligomeric_details   monomeric 
_pdbx_struct_assembly.oligomeric_count     1 
# 
_pdbx_struct_assembly_gen.assembly_id       1 
_pdbx_struct_assembly_gen.oper_expression   1 
_pdbx_struct_assembly_gen.asym_id_list      A,B,C 
# 
_pdbx_struct_assembly_auth_evidence.id                     1 
_pdbx_struct_assembly_auth_evidence.assembly_id            1 
_pdbx_struct_assembly_auth_evidence.experimental_support   'gel filtration' 
_pdbx_struct_assembly_auth_evidence.details                ? 
# 
_pdbx_struct_oper_list.id                   1 
_pdbx_struct_oper_list.type                 'identity operation' 
_pdbx_struct_oper_list.name                 1_555 
_pdbx_struct_oper_list.symmetry_operation   x,y,z 
_pdbx_struct_oper_list.matrix[1][1]         1.0000000000 
_pdbx_struct_oper_list.matrix[1][2]         0.0000000000 
_pdbx_struct_oper_list.matrix[1][3]         0.0000000000 
_pdbx_struct_oper_list.vector[1]            0.0000000000 
_pdbx_struct_oper_list.matrix[2][1]         0.0000000000 
_pdbx_struct_oper_list.matrix[2][2]         1.0000000000 
_pdbx_struct_oper_list.matrix[2][3]         0.0000000000 
_pdbx_struct_oper_list.vector[2]            0.0000000000 
_pdbx_struct_oper_list.matrix[3][1]         0.0000000000 
_pdbx_struct_oper_list.matrix[3][2]         0.0000000000 
_pdbx_struct_oper_list.matrix[3][3]         1.0000000000 
_pdbx_struct_oper_list.vector[3]            0.0000000000 
# 
loop_
_struct_conf.conf_type_id 
_struct_conf.id 
_struct_conf.pdbx_PDB_helix_id 
_struct_conf.beg_label_comp_id 
_struct_conf.beg_label_asym_id 
_struct_conf.beg_label_seq_id 
_struct_conf.pdbx_beg_PDB_ins_code 
_struct_conf.end_label_comp_id 
_struct_conf.end_label_asym_id 
_struct_conf.end_label_seq_id 
_struct_conf.pdbx_end_PDB_ins_code 
_struct_conf.beg_auth_comp_id 
_struct_conf.beg_auth_asym_id 
_struct_conf.beg_auth_seq_id 
_struct_conf.end_auth_comp_id 
_struct_conf.end_auth_asym_id 
_struct_conf.end_auth_seq_id 
_struct_conf.pdbx_PDB_helix_class 
_struct_conf.details 
_struct_conf.pdbx_PDB_helix_length 
HELX_P HELX_P1 AA1 GLY A 8   ? TYR A 21  ? GLY A 4   TYR A 17  1 ? 14 
HELX_P HELX_P2 AA2 SER A 23  ? SER A 39  ? SER A 19  SER A 35  1 ? 17 
HELX_P HELX_P3 AA3 PRO A 78  ? MET A 83  ? PRO A 74  MET A 79  5 ? 6  
HELX_P HELX_P4 AA4 ILE A 87  ? GLY A 106 ? ILE A 83  GLY A 102 1 ? 20 
HELX_P HELX_P5 AA5 LYS A 109 ? ALA A 113 ? LYS A 105 ALA A 109 5 ? 5  
HELX_P HELX_P6 AA6 TRP A 114 ? CYS A 121 ? TRP A 110 CYS A 117 1 ? 8  
HELX_P HELX_P7 AA7 ASP A 125 ? SER A 135 ? ASP A 121 SER A 131 1 ? 11 
# 
_struct_conf_type.id          HELX_P 
_struct_conf_type.criteria    ? 
_struct_conf_type.reference   ? 
# 
loop_
_struct_conn.id 
_struct_conn.conn_type_id 
_struct_conn.pdbx_leaving_atom_flag 
_struct_conn.pdbx_PDB_id 
_struct_conn.ptnr1_label_asym_id 
_struct_conn.ptnr1_label_comp_id 
_struct_conn.ptnr1_label_seq_id 
_struct_conn.ptnr1_label_atom_id 
_struct_conn.pdbx_ptnr1_label_alt_id 
_struct_conn.pdbx_ptnr1_PDB_ins_code 
_struct_conn.pdbx_ptnr1_standard_comp_id 
_struct_conn.ptnr1_symmetry 
_struct_conn.ptnr2_label_asym_id 
_struct_conn.ptnr2_label_comp_id 
_struct_conn.ptnr2_label_seq_id 
_struct_conn.ptnr2_label_atom_id 
_struct_conn.pdbx_ptnr2_label_alt_id 
_struct_conn.pdbx_ptnr2_PDB_ins_code 
_struct_conn.ptnr1_auth_asym_id 
_struct_conn.ptnr1_auth_comp_id 
_struct_conn.ptnr1_auth_seq_id 
_struct_conn.ptnr2_auth_asym_id 
_struct_conn.ptnr2_auth_comp_id 
_struct_conn.ptnr2_auth_seq_id 
_struct_conn.ptnr2_symmetry 
_struct_conn.pdbx_ptnr3_label_atom_id 
_struct_conn.pdbx_ptnr3_label_seq_id 
_struct_conn.pdbx_ptnr3_label_comp_id 
_struct_conn.pdbx_ptnr3_label_asym_id 
_struct_conn.pdbx_ptnr3_label_alt_id 
_struct_conn.pdbx_ptnr3_PDB_ins_code 
_struct_conn.details 
_struct_conn.pdbx_dist_value 
_struct_conn.pdbx_value_order 
_struct_conn.pdbx_role 
disulf1 disulf ? ? A CYS 10 SG ? ? ? 1_555 A CYS 133 SG ? ? A CYS 6  A CYS 129 1_555 ? ? ? ? ? ? ? 2.027 ? ? 
disulf2 disulf ? ? A CYS 32 SG ? ? ? 1_555 A CYS 121 SG ? ? A CYS 28 A CYS 117 1_555 ? ? ? ? ? ? ? 2.084 ? ? 
disulf3 disulf ? ? A CYS 66 SG ? ? ? 1_555 A CYS 79  SG ? ? A CYS 62 A CYS 75  1_555 ? ? ? ? ? ? ? 2.055 ? ? 
disulf4 disulf ? ? A CYS 75 SG ? ? ? 1_555 A CYS 93  SG ? ? A CYS 71 A CYS 89  1_555 ? ? ? ? ? ? ? 2.056 ? ? 
# 
_struct_conn_type.id          disulf 
_struct_conn_type.criteria    ? 
_struct_conn_type.reference   ? 
# 
loop_
_pdbx_modification_feature.ordinal 
_pdbx_modification_feature.label_comp_id 
_pdbx_modification_feature.label_asym_id 
_pdbx_modification_feature.label_seq_id 
_pdbx_modification_feature.label_alt_id 
_pdbx_modification_feature.modified_residue_label_comp_id 
_pdbx_modification_feature.modified_residue_label_asym_id 
_pdbx_modification_feature.modified_residue_label_seq_id 
_pdbx_modification_feature.modified_residue_label_alt_id 
_pdbx_modification_feature.auth_comp_id 
_pdbx_modification_feature.auth_asym_id 
_pdbx_modification_feature.auth_seq_id 
_pdbx_modification_feature.PDB_ins_code 
_pdbx_modification_feature.symmetry 
_pdbx_modification_feature.modified_residue_auth_comp_id 
_pdbx_modification_feature.modified_residue_auth_asym_id 
_pdbx_modification_feature.modified_residue_auth_seq_id 
_pdbx_modification_feature.modified_residue_PDB_ins_code 
_pdbx_modification_feature.modified_residue_symmetry 
_pdbx_modification_feature.comp_id_linking_atom 
_pdbx_modification_feature.modified_residue_id_linking_atom 
_pdbx_modification_feature.modified_residue_id 
_pdbx_modification_feature.ref_pcm_id 
_pdbx_modification_feature.ref_comp_id 
_pdbx_modification_feature.type 
_pdbx_modification_feature.category 
1 CYS A 10 ? CYS A 133 ? CYS A 6  ? 1_555 CYS A 129 ? 1_555 SG SG . . . None 'Disulfide bridge' 
2 CYS A 32 ? CYS A 121 ? CYS A 28 ? 1_555 CYS A 117 ? 1_555 SG SG . . . None 'Disulfide bridge' 
3 CYS A 66 ? CYS A 79  ? CYS A 62 ? 1_555 CYS A 75  ? 1_555 SG SG . . . None 'Disulfide bridge' 
4 CYS A 75 ? CYS A 93  ? CYS A 71 ? 1_555 CYS A 89  ? 1_555 SG SG . . . None 'Disulfide bridge' 
# 
_struct_sheet.id               AA1 
_struct_sheet.type             ? 
_struct_sheet.number_strands   3 
_struct_sheet.details          ? 
# 
loop_
_struct_sheet_order.sheet_id 
_struct_sheet_order.range_id_1 
_struct_sheet_order.range_id_2 
_struct_sheet_order.offset 
_struct_sheet_order.sense 
AA1 1 2 ? anti-parallel 
AA1 2 3 ? anti-parallel 
# 
loop_
_struct_sheet_range.sheet_id 
_struct_sheet_range.id 
_struct_sheet_range.beg_label_comp_id 
_struct_sheet_range.beg_label_asym_id 
_struct_sheet_range.beg_label_seq_id 
_struct_sheet_range.pdbx_beg_PDB_ins_code 
_struct_sheet_range.end_label_comp_id 
_struct_sheet_range.end_label_asym_id 
_struct_sheet_range.end_label_seq_id 
_struct_sheet_range.pdbx_end_PDB_ins_code 
_struct_sheet_range.beg_auth_comp_id 
_struct_sheet_range.beg_auth_asym_id 
_struct_sheet_range.beg_auth_seq_id 
_struct_sheet_range.end_auth_comp_id 
_struct_sheet_range.end_auth_asym_id 
_struct_sheet_range.end_auth_seq_id 
AA1 1 ILE A 45 ? ARG A 47 ? ILE A 41 ARG A 43 
AA1 2 THR A 53 ? TYR A 55 ? THR A 49 TYR A 51 
AA1 3 ILE A 60 ? ASN A 61 ? ILE A 56 ASN A 57 
# 
loop_
_pdbx_struct_sheet_hbond.sheet_id 
_pdbx_struct_sheet_hbond.range_id_1 
_pdbx_struct_sheet_hbond.range_id_2 
_pdbx_struct_sheet_hbond.range_1_label_atom_id 
_pdbx_struct_sheet_hbond.range_1_label_comp_id 
_pdbx_struct_sheet_hbond.range_1_label_asym_id 
_pdbx_struct_sheet_hbond.range_1_label_seq_id 
_pdbx_struct_sheet_hbond.range_1_PDB_ins_code 
_pdbx_struct_sheet_hbond.range_1_auth_atom_id 
_pdbx_struct_sheet_hbond.range_1_auth_comp_id 
_pdbx_struct_sheet_hbond.range_1_auth_asym_id 
_pdbx_struct_sheet_hbond.range_1_auth_seq_id 
_pdbx_struct_sheet_hbond.range_2_label_atom_id 
_pdbx_struct_sheet_hbond.range_2_label_comp_id 
_pdbx_struct_sheet_hbond.range_2_label_asym_id 
_pdbx_struct_sheet_hbond.range_2_label_seq_id 
_pdbx_struct_sheet_hbond.range_2_PDB_ins_code 
_pdbx_struct_sheet_hbond.range_2_auth_atom_id 
_pdbx_struct_sheet_hbond.range_2_auth_comp_id 
_pdbx_struct_sheet_hbond.range_2_auth_asym_id 
_pdbx_struct_sheet_hbond.range_2_auth_seq_id 
AA1 1 2 N ASN A 46 ? N ASN A 42 O ASP A 54 ? O ASP A 50 
AA1 2 3 N TYR A 55 ? N TYR A 51 O ILE A 60 ? O ILE A 56 
# 
_pdbx_entry_details.entry_id                   6UKC 
_pdbx_entry_details.has_ligand_of_interest     Y 
_pdbx_entry_details.compound_details           ? 
_pdbx_entry_details.source_details             ? 
_pdbx_entry_details.nonpolymer_details         ? 
_pdbx_entry_details.sequence_details           ? 
_pdbx_entry_details.has_protein_modification   Y 
# 
loop_
_pdbx_validate_torsion.id 
_pdbx_validate_torsion.PDB_model_num 
_pdbx_validate_torsion.auth_comp_id 
_pdbx_validate_torsion.auth_asym_id 
_pdbx_validate_torsion.auth_seq_id 
_pdbx_validate_torsion.PDB_ins_code 
_pdbx_validate_torsion.label_alt_id 
_pdbx_validate_torsion.phi 
_pdbx_validate_torsion.psi 
1 1 SER A 34 ? ? -147.85 -0.10 
2 1 ASN A 69 ? ? -140.60 58.83 
# 
loop_
_pdbx_unobs_or_zero_occ_residues.id 
_pdbx_unobs_or_zero_occ_residues.PDB_model_num 
_pdbx_unobs_or_zero_occ_residues.polymer_flag 
_pdbx_unobs_or_zero_occ_residues.occupancy_flag 
_pdbx_unobs_or_zero_occ_residues.auth_asym_id 
_pdbx_unobs_or_zero_occ_residues.auth_comp_id 
_pdbx_unobs_or_zero_occ_residues.auth_seq_id 
_pdbx_unobs_or_zero_occ_residues.PDB_ins_code 
_pdbx_unobs_or_zero_occ_residues.label_asym_id 
_pdbx_unobs_or_zero_occ_residues.label_comp_id 
_pdbx_unobs_or_zero_occ_residues.label_seq_id 
1  1 Y 1 A MET -3  ? A MET 1   
2  1 Y 1 A SER -2  ? A SER 2   
3  1 Y 1 A HIS 132 ? A HIS 136 
4  1 Y 1 A GLY 133 ? A GLY 137 
5  1 Y 1 A SER 134 ? A SER 138 
6  1 Y 1 A ASN 135 ? A ASN 139 
7  1 Y 1 A SER 136 ? A SER 140 
8  1 Y 1 A VAL 137 ? A VAL 141 
9  1 Y 1 A PHE 138 ? A PHE 142 
10 1 Y 1 A PRO 139 ? A PRO 143 
11 1 Y 1 A PHE 140 ? A PHE 144 
# 
loop_
_chem_comp_atom.comp_id 
_chem_comp_atom.atom_id 
_chem_comp_atom.type_symbol 
_chem_comp_atom.pdbx_aromatic_flag 
_chem_comp_atom.pdbx_stereo_config 
_chem_comp_atom.pdbx_ordinal 
ALA N    N N N 1   
ALA CA   C N S 2   
ALA C    C N N 3   
ALA O    O N N 4   
ALA CB   C N N 5   
ALA OXT  O N N 6   
ALA H    H N N 7   
ALA H2   H N N 8   
ALA HA   H N N 9   
ALA HB1  H N N 10  
ALA HB2  H N N 11  
ALA HB3  H N N 12  
ALA HXT  H N N 13  
ARG N    N N N 14  
ARG CA   C N S 15  
ARG C    C N N 16  
ARG O    O N N 17  
ARG CB   C N N 18  
ARG CG   C N N 19  
ARG CD   C N N 20  
ARG NE   N N N 21  
ARG CZ   C N N 22  
ARG NH1  N N N 23  
ARG NH2  N N N 24  
ARG OXT  O N N 25  
ARG H    H N N 26  
ARG H2   H N N 27  
ARG HA   H N N 28  
ARG HB2  H N N 29  
ARG HB3  H N N 30  
ARG HG2  H N N 31  
ARG HG3  H N N 32  
ARG HD2  H N N 33  
ARG HD3  H N N 34  
ARG HE   H N N 35  
ARG HH11 H N N 36  
ARG HH12 H N N 37  
ARG HH21 H N N 38  
ARG HH22 H N N 39  
ARG HXT  H N N 40  
ASN N    N N N 41  
ASN CA   C N S 42  
ASN C    C N N 43  
ASN O    O N N 44  
ASN CB   C N N 45  
ASN CG   C N N 46  
ASN OD1  O N N 47  
ASN ND2  N N N 48  
ASN OXT  O N N 49  
ASN H    H N N 50  
ASN H2   H N N 51  
ASN HA   H N N 52  
ASN HB2  H N N 53  
ASN HB3  H N N 54  
ASN HD21 H N N 55  
ASN HD22 H N N 56  
ASN HXT  H N N 57  
ASP N    N N N 58  
ASP CA   C N S 59  
ASP C    C N N 60  
ASP O    O N N 61  
ASP CB   C N N 62  
ASP CG   C N N 63  
ASP OD1  O N N 64  
ASP OD2  O N N 65  
ASP OXT  O N N 66  
ASP H    H N N 67  
ASP H2   H N N 68  
ASP HA   H N N 69  
ASP HB2  H N N 70  
ASP HB3  H N N 71  
ASP HD2  H N N 72  
ASP HXT  H N N 73  
CYS N    N N N 74  
CYS CA   C N R 75  
CYS C    C N N 76  
CYS O    O N N 77  
CYS CB   C N N 78  
CYS SG   S N N 79  
CYS OXT  O N N 80  
CYS H    H N N 81  
CYS H2   H N N 82  
CYS HA   H N N 83  
CYS HB2  H N N 84  
CYS HB3  H N N 85  
CYS HG   H N N 86  
CYS HXT  H N N 87  
GLN N    N N N 88  
GLN CA   C N S 89  
GLN C    C N N 90  
GLN O    O N N 91  
GLN CB   C N N 92  
GLN CG   C N N 93  
GLN CD   C N N 94  
GLN OE1  O N N 95  
GLN NE2  N N N 96  
GLN OXT  O N N 97  
GLN H    H N N 98  
GLN H2   H N N 99  
GLN HA   H N N 100 
GLN HB2  H N N 101 
GLN HB3  H N N 102 
GLN HG2  H N N 103 
GLN HG3  H N N 104 
GLN HE21 H N N 105 
GLN HE22 H N N 106 
GLN HXT  H N N 107 
GLU N    N N N 108 
GLU CA   C N S 109 
GLU C    C N N 110 
GLU O    O N N 111 
GLU CB   C N N 112 
GLU CG   C N N 113 
GLU CD   C N N 114 
GLU OE1  O N N 115 
GLU OE2  O N N 116 
GLU OXT  O N N 117 
GLU H    H N N 118 
GLU H2   H N N 119 
GLU HA   H N N 120 
GLU HB2  H N N 121 
GLU HB3  H N N 122 
GLU HG2  H N N 123 
GLU HG3  H N N 124 
GLU HE2  H N N 125 
GLU HXT  H N N 126 
GLY N    N N N 127 
GLY CA   C N N 128 
GLY C    C N N 129 
GLY O    O N N 130 
GLY OXT  O N N 131 
GLY H    H N N 132 
GLY H2   H N N 133 
GLY HA2  H N N 134 
GLY HA3  H N N 135 
GLY HXT  H N N 136 
GOL C1   C N N 137 
GOL O1   O N N 138 
GOL C2   C N N 139 
GOL O2   O N N 140 
GOL C3   C N N 141 
GOL O3   O N N 142 
GOL H11  H N N 143 
GOL H12  H N N 144 
GOL HO1  H N N 145 
GOL H2   H N N 146 
GOL HO2  H N N 147 
GOL H31  H N N 148 
GOL H32  H N N 149 
GOL HO3  H N N 150 
HIS N    N N N 151 
HIS CA   C N S 152 
HIS C    C N N 153 
HIS O    O N N 154 
HIS CB   C N N 155 
HIS CG   C Y N 156 
HIS ND1  N Y N 157 
HIS CD2  C Y N 158 
HIS CE1  C Y N 159 
HIS NE2  N Y N 160 
HIS OXT  O N N 161 
HIS H    H N N 162 
HIS H2   H N N 163 
HIS HA   H N N 164 
HIS HB2  H N N 165 
HIS HB3  H N N 166 
HIS HD1  H N N 167 
HIS HD2  H N N 168 
HIS HE1  H N N 169 
HIS HE2  H N N 170 
HIS HXT  H N N 171 
HOH O    O N N 172 
HOH H1   H N N 173 
HOH H2   H N N 174 
ILE N    N N N 175 
ILE CA   C N S 176 
ILE C    C N N 177 
ILE O    O N N 178 
ILE CB   C N S 179 
ILE CG1  C N N 180 
ILE CG2  C N N 181 
ILE CD1  C N N 182 
ILE OXT  O N N 183 
ILE H    H N N 184 
ILE H2   H N N 185 
ILE HA   H N N 186 
ILE HB   H N N 187 
ILE HG12 H N N 188 
ILE HG13 H N N 189 
ILE HG21 H N N 190 
ILE HG22 H N N 191 
ILE HG23 H N N 192 
ILE HD11 H N N 193 
ILE HD12 H N N 194 
ILE HD13 H N N 195 
ILE HXT  H N N 196 
LEU N    N N N 197 
LEU CA   C N S 198 
LEU C    C N N 199 
LEU O    O N N 200 
LEU CB   C N N 201 
LEU CG   C N N 202 
LEU CD1  C N N 203 
LEU CD2  C N N 204 
LEU OXT  O N N 205 
LEU H    H N N 206 
LEU H2   H N N 207 
LEU HA   H N N 208 
LEU HB2  H N N 209 
LEU HB3  H N N 210 
LEU HG   H N N 211 
LEU HD11 H N N 212 
LEU HD12 H N N 213 
LEU HD13 H N N 214 
LEU HD21 H N N 215 
LEU HD22 H N N 216 
LEU HD23 H N N 217 
LEU HXT  H N N 218 
LYS N    N N N 219 
LYS CA   C N S 220 
LYS C    C N N 221 
LYS O    O N N 222 
LYS CB   C N N 223 
LYS CG   C N N 224 
LYS CD   C N N 225 
LYS CE   C N N 226 
LYS NZ   N N N 227 
LYS OXT  O N N 228 
LYS H    H N N 229 
LYS H2   H N N 230 
LYS HA   H N N 231 
LYS HB2  H N N 232 
LYS HB3  H N N 233 
LYS HG2  H N N 234 
LYS HG3  H N N 235 
LYS HD2  H N N 236 
LYS HD3  H N N 237 
LYS HE2  H N N 238 
LYS HE3  H N N 239 
LYS HZ1  H N N 240 
LYS HZ2  H N N 241 
LYS HZ3  H N N 242 
LYS HXT  H N N 243 
MET N    N N N 244 
MET CA   C N S 245 
MET C    C N N 246 
MET O    O N N 247 
MET CB   C N N 248 
MET CG   C N N 249 
MET SD   S N N 250 
MET CE   C N N 251 
MET OXT  O N N 252 
MET H    H N N 253 
MET H2   H N N 254 
MET HA   H N N 255 
MET HB2  H N N 256 
MET HB3  H N N 257 
MET HG2  H N N 258 
MET HG3  H N N 259 
MET HE1  H N N 260 
MET HE2  H N N 261 
MET HE3  H N N 262 
MET HXT  H N N 263 
PHE N    N N N 264 
PHE CA   C N S 265 
PHE C    C N N 266 
PHE O    O N N 267 
PHE CB   C N N 268 
PHE CG   C Y N 269 
PHE CD1  C Y N 270 
PHE CD2  C Y N 271 
PHE CE1  C Y N 272 
PHE CE2  C Y N 273 
PHE CZ   C Y N 274 
PHE OXT  O N N 275 
PHE H    H N N 276 
PHE H2   H N N 277 
PHE HA   H N N 278 
PHE HB2  H N N 279 
PHE HB3  H N N 280 
PHE HD1  H N N 281 
PHE HD2  H N N 282 
PHE HE1  H N N 283 
PHE HE2  H N N 284 
PHE HZ   H N N 285 
PHE HXT  H N N 286 
PRO N    N N N 287 
PRO CA   C N S 288 
PRO C    C N N 289 
PRO O    O N N 290 
PRO CB   C N N 291 
PRO CG   C N N 292 
PRO CD   C N N 293 
PRO OXT  O N N 294 
PRO H    H N N 295 
PRO HA   H N N 296 
PRO HB2  H N N 297 
PRO HB3  H N N 298 
PRO HG2  H N N 299 
PRO HG3  H N N 300 
PRO HD2  H N N 301 
PRO HD3  H N N 302 
PRO HXT  H N N 303 
SER N    N N N 304 
SER CA   C N S 305 
SER C    C N N 306 
SER O    O N N 307 
SER CB   C N N 308 
SER OG   O N N 309 
SER OXT  O N N 310 
SER H    H N N 311 
SER H2   H N N 312 
SER HA   H N N 313 
SER HB2  H N N 314 
SER HB3  H N N 315 
SER HG   H N N 316 
SER HXT  H N N 317 
THR N    N N N 318 
THR CA   C N S 319 
THR C    C N N 320 
THR O    O N N 321 
THR CB   C N R 322 
THR OG1  O N N 323 
THR CG2  C N N 324 
THR OXT  O N N 325 
THR H    H N N 326 
THR H2   H N N 327 
THR HA   H N N 328 
THR HB   H N N 329 
THR HG1  H N N 330 
THR HG21 H N N 331 
THR HG22 H N N 332 
THR HG23 H N N 333 
THR HXT  H N N 334 
TRP N    N N N 335 
TRP CA   C N S 336 
TRP C    C N N 337 
TRP O    O N N 338 
TRP CB   C N N 339 
TRP CG   C Y N 340 
TRP CD1  C Y N 341 
TRP CD2  C Y N 342 
TRP NE1  N Y N 343 
TRP CE2  C Y N 344 
TRP CE3  C Y N 345 
TRP CZ2  C Y N 346 
TRP CZ3  C Y N 347 
TRP CH2  C Y N 348 
TRP OXT  O N N 349 
TRP H    H N N 350 
TRP H2   H N N 351 
TRP HA   H N N 352 
TRP HB2  H N N 353 
TRP HB3  H N N 354 
TRP HD1  H N N 355 
TRP HE1  H N N 356 
TRP HE3  H N N 357 
TRP HZ2  H N N 358 
TRP HZ3  H N N 359 
TRP HH2  H N N 360 
TRP HXT  H N N 361 
TYR N    N N N 362 
TYR CA   C N S 363 
TYR C    C N N 364 
TYR O    O N N 365 
TYR CB   C N N 366 
TYR CG   C Y N 367 
TYR CD1  C Y N 368 
TYR CD2  C Y N 369 
TYR CE1  C Y N 370 
TYR CE2  C Y N 371 
TYR CZ   C Y N 372 
TYR OH   O N N 373 
TYR OXT  O N N 374 
TYR H    H N N 375 
TYR H2   H N N 376 
TYR HA   H N N 377 
TYR HB2  H N N 378 
TYR HB3  H N N 379 
TYR HD1  H N N 380 
TYR HD2  H N N 381 
TYR HE1  H N N 382 
TYR HE2  H N N 383 
TYR HH   H N N 384 
TYR HXT  H N N 385 
VAL N    N N N 386 
VAL CA   C N S 387 
VAL C    C N N 388 
VAL O    O N N 389 
VAL CB   C N N 390 
VAL CG1  C N N 391 
VAL CG2  C N N 392 
VAL OXT  O N N 393 
VAL H    H N N 394 
VAL H2   H N N 395 
VAL HA   H N N 396 
VAL HB   H N N 397 
VAL HG11 H N N 398 
VAL HG12 H N N 399 
VAL HG13 H N N 400 
VAL HG21 H N N 401 
VAL HG22 H N N 402 
VAL HG23 H N N 403 
VAL HXT  H N N 404 
# 
loop_
_chem_comp_bond.comp_id 
_chem_comp_bond.atom_id_1 
_chem_comp_bond.atom_id_2 
_chem_comp_bond.value_order 
_chem_comp_bond.pdbx_aromatic_flag 
_chem_comp_bond.pdbx_stereo_config 
_chem_comp_bond.pdbx_ordinal 
ALA N   CA   sing N N 1   
ALA N   H    sing N N 2   
ALA N   H2   sing N N 3   
ALA CA  C    sing N N 4   
ALA CA  CB   sing N N 5   
ALA CA  HA   sing N N 6   
ALA C   O    doub N N 7   
ALA C   OXT  sing N N 8   
ALA CB  HB1  sing N N 9   
ALA CB  HB2  sing N N 10  
ALA CB  HB3  sing N N 11  
ALA OXT HXT  sing N N 12  
ARG N   CA   sing N N 13  
ARG N   H    sing N N 14  
ARG N   H2   sing N N 15  
ARG CA  C    sing N N 16  
ARG CA  CB   sing N N 17  
ARG CA  HA   sing N N 18  
ARG C   O    doub N N 19  
ARG C   OXT  sing N N 20  
ARG CB  CG   sing N N 21  
ARG CB  HB2  sing N N 22  
ARG CB  HB3  sing N N 23  
ARG CG  CD   sing N N 24  
ARG CG  HG2  sing N N 25  
ARG CG  HG3  sing N N 26  
ARG CD  NE   sing N N 27  
ARG CD  HD2  sing N N 28  
ARG CD  HD3  sing N N 29  
ARG NE  CZ   sing N N 30  
ARG NE  HE   sing N N 31  
ARG CZ  NH1  sing N N 32  
ARG CZ  NH2  doub N N 33  
ARG NH1 HH11 sing N N 34  
ARG NH1 HH12 sing N N 35  
ARG NH2 HH21 sing N N 36  
ARG NH2 HH22 sing N N 37  
ARG OXT HXT  sing N N 38  
ASN N   CA   sing N N 39  
ASN N   H    sing N N 40  
ASN N   H2   sing N N 41  
ASN CA  C    sing N N 42  
ASN CA  CB   sing N N 43  
ASN CA  HA   sing N N 44  
ASN C   O    doub N N 45  
ASN C   OXT  sing N N 46  
ASN CB  CG   sing N N 47  
ASN CB  HB2  sing N N 48  
ASN CB  HB3  sing N N 49  
ASN CG  OD1  doub N N 50  
ASN CG  ND2  sing N N 51  
ASN ND2 HD21 sing N N 52  
ASN ND2 HD22 sing N N 53  
ASN OXT HXT  sing N N 54  
ASP N   CA   sing N N 55  
ASP N   H    sing N N 56  
ASP N   H2   sing N N 57  
ASP CA  C    sing N N 58  
ASP CA  CB   sing N N 59  
ASP CA  HA   sing N N 60  
ASP C   O    doub N N 61  
ASP C   OXT  sing N N 62  
ASP CB  CG   sing N N 63  
ASP CB  HB2  sing N N 64  
ASP CB  HB3  sing N N 65  
ASP CG  OD1  doub N N 66  
ASP CG  OD2  sing N N 67  
ASP OD2 HD2  sing N N 68  
ASP OXT HXT  sing N N 69  
CYS N   CA   sing N N 70  
CYS N   H    sing N N 71  
CYS N   H2   sing N N 72  
CYS CA  C    sing N N 73  
CYS CA  CB   sing N N 74  
CYS CA  HA   sing N N 75  
CYS C   O    doub N N 76  
CYS C   OXT  sing N N 77  
CYS CB  SG   sing N N 78  
CYS CB  HB2  sing N N 79  
CYS CB  HB3  sing N N 80  
CYS SG  HG   sing N N 81  
CYS OXT HXT  sing N N 82  
GLN N   CA   sing N N 83  
GLN N   H    sing N N 84  
GLN N   H2   sing N N 85  
GLN CA  C    sing N N 86  
GLN CA  CB   sing N N 87  
GLN CA  HA   sing N N 88  
GLN C   O    doub N N 89  
GLN C   OXT  sing N N 90  
GLN CB  CG   sing N N 91  
GLN CB  HB2  sing N N 92  
GLN CB  HB3  sing N N 93  
GLN CG  CD   sing N N 94  
GLN CG  HG2  sing N N 95  
GLN CG  HG3  sing N N 96  
GLN CD  OE1  doub N N 97  
GLN CD  NE2  sing N N 98  
GLN NE2 HE21 sing N N 99  
GLN NE2 HE22 sing N N 100 
GLN OXT HXT  sing N N 101 
GLU N   CA   sing N N 102 
GLU N   H    sing N N 103 
GLU N   H2   sing N N 104 
GLU CA  C    sing N N 105 
GLU CA  CB   sing N N 106 
GLU CA  HA   sing N N 107 
GLU C   O    doub N N 108 
GLU C   OXT  sing N N 109 
GLU CB  CG   sing N N 110 
GLU CB  HB2  sing N N 111 
GLU CB  HB3  sing N N 112 
GLU CG  CD   sing N N 113 
GLU CG  HG2  sing N N 114 
GLU CG  HG3  sing N N 115 
GLU CD  OE1  doub N N 116 
GLU CD  OE2  sing N N 117 
GLU OE2 HE2  sing N N 118 
GLU OXT HXT  sing N N 119 
GLY N   CA   sing N N 120 
GLY N   H    sing N N 121 
GLY N   H2   sing N N 122 
GLY CA  C    sing N N 123 
GLY CA  HA2  sing N N 124 
GLY CA  HA3  sing N N 125 
GLY C   O    doub N N 126 
GLY C   OXT  sing N N 127 
GLY OXT HXT  sing N N 128 
GOL C1  O1   sing N N 129 
GOL C1  C2   sing N N 130 
GOL C1  H11  sing N N 131 
GOL C1  H12  sing N N 132 
GOL O1  HO1  sing N N 133 
GOL C2  O2   sing N N 134 
GOL C2  C3   sing N N 135 
GOL C2  H2   sing N N 136 
GOL O2  HO2  sing N N 137 
GOL C3  O3   sing N N 138 
GOL C3  H31  sing N N 139 
GOL C3  H32  sing N N 140 
GOL O3  HO3  sing N N 141 
HIS N   CA   sing N N 142 
HIS N   H    sing N N 143 
HIS N   H2   sing N N 144 
HIS CA  C    sing N N 145 
HIS CA  CB   sing N N 146 
HIS CA  HA   sing N N 147 
HIS C   O    doub N N 148 
HIS C   OXT  sing N N 149 
HIS CB  CG   sing N N 150 
HIS CB  HB2  sing N N 151 
HIS CB  HB3  sing N N 152 
HIS CG  ND1  sing Y N 153 
HIS CG  CD2  doub Y N 154 
HIS ND1 CE1  doub Y N 155 
HIS ND1 HD1  sing N N 156 
HIS CD2 NE2  sing Y N 157 
HIS CD2 HD2  sing N N 158 
HIS CE1 NE2  sing Y N 159 
HIS CE1 HE1  sing N N 160 
HIS NE2 HE2  sing N N 161 
HIS OXT HXT  sing N N 162 
HOH O   H1   sing N N 163 
HOH O   H2   sing N N 164 
ILE N   CA   sing N N 165 
ILE N   H    sing N N 166 
ILE N   H2   sing N N 167 
ILE CA  C    sing N N 168 
ILE CA  CB   sing N N 169 
ILE CA  HA   sing N N 170 
ILE C   O    doub N N 171 
ILE C   OXT  sing N N 172 
ILE CB  CG1  sing N N 173 
ILE CB  CG2  sing N N 174 
ILE CB  HB   sing N N 175 
ILE CG1 CD1  sing N N 176 
ILE CG1 HG12 sing N N 177 
ILE CG1 HG13 sing N N 178 
ILE CG2 HG21 sing N N 179 
ILE CG2 HG22 sing N N 180 
ILE CG2 HG23 sing N N 181 
ILE CD1 HD11 sing N N 182 
ILE CD1 HD12 sing N N 183 
ILE CD1 HD13 sing N N 184 
ILE OXT HXT  sing N N 185 
LEU N   CA   sing N N 186 
LEU N   H    sing N N 187 
LEU N   H2   sing N N 188 
LEU CA  C    sing N N 189 
LEU CA  CB   sing N N 190 
LEU CA  HA   sing N N 191 
LEU C   O    doub N N 192 
LEU C   OXT  sing N N 193 
LEU CB  CG   sing N N 194 
LEU CB  HB2  sing N N 195 
LEU CB  HB3  sing N N 196 
LEU CG  CD1  sing N N 197 
LEU CG  CD2  sing N N 198 
LEU CG  HG   sing N N 199 
LEU CD1 HD11 sing N N 200 
LEU CD1 HD12 sing N N 201 
LEU CD1 HD13 sing N N 202 
LEU CD2 HD21 sing N N 203 
LEU CD2 HD22 sing N N 204 
LEU CD2 HD23 sing N N 205 
LEU OXT HXT  sing N N 206 
LYS N   CA   sing N N 207 
LYS N   H    sing N N 208 
LYS N   H2   sing N N 209 
LYS CA  C    sing N N 210 
LYS CA  CB   sing N N 211 
LYS CA  HA   sing N N 212 
LYS C   O    doub N N 213 
LYS C   OXT  sing N N 214 
LYS CB  CG   sing N N 215 
LYS CB  HB2  sing N N 216 
LYS CB  HB3  sing N N 217 
LYS CG  CD   sing N N 218 
LYS CG  HG2  sing N N 219 
LYS CG  HG3  sing N N 220 
LYS CD  CE   sing N N 221 
LYS CD  HD2  sing N N 222 
LYS CD  HD3  sing N N 223 
LYS CE  NZ   sing N N 224 
LYS CE  HE2  sing N N 225 
LYS CE  HE3  sing N N 226 
LYS NZ  HZ1  sing N N 227 
LYS NZ  HZ2  sing N N 228 
LYS NZ  HZ3  sing N N 229 
LYS OXT HXT  sing N N 230 
MET N   CA   sing N N 231 
MET N   H    sing N N 232 
MET N   H2   sing N N 233 
MET CA  C    sing N N 234 
MET CA  CB   sing N N 235 
MET CA  HA   sing N N 236 
MET C   O    doub N N 237 
MET C   OXT  sing N N 238 
MET CB  CG   sing N N 239 
MET CB  HB2  sing N N 240 
MET CB  HB3  sing N N 241 
MET CG  SD   sing N N 242 
MET CG  HG2  sing N N 243 
MET CG  HG3  sing N N 244 
MET SD  CE   sing N N 245 
MET CE  HE1  sing N N 246 
MET CE  HE2  sing N N 247 
MET CE  HE3  sing N N 248 
MET OXT HXT  sing N N 249 
PHE N   CA   sing N N 250 
PHE N   H    sing N N 251 
PHE N   H2   sing N N 252 
PHE CA  C    sing N N 253 
PHE CA  CB   sing N N 254 
PHE CA  HA   sing N N 255 
PHE C   O    doub N N 256 
PHE C   OXT  sing N N 257 
PHE CB  CG   sing N N 258 
PHE CB  HB2  sing N N 259 
PHE CB  HB3  sing N N 260 
PHE CG  CD1  doub Y N 261 
PHE CG  CD2  sing Y N 262 
PHE CD1 CE1  sing Y N 263 
PHE CD1 HD1  sing N N 264 
PHE CD2 CE2  doub Y N 265 
PHE CD2 HD2  sing N N 266 
PHE CE1 CZ   doub Y N 267 
PHE CE1 HE1  sing N N 268 
PHE CE2 CZ   sing Y N 269 
PHE CE2 HE2  sing N N 270 
PHE CZ  HZ   sing N N 271 
PHE OXT HXT  sing N N 272 
PRO N   CA   sing N N 273 
PRO N   CD   sing N N 274 
PRO N   H    sing N N 275 
PRO CA  C    sing N N 276 
PRO CA  CB   sing N N 277 
PRO CA  HA   sing N N 278 
PRO C   O    doub N N 279 
PRO C   OXT  sing N N 280 
PRO CB  CG   sing N N 281 
PRO CB  HB2  sing N N 282 
PRO CB  HB3  sing N N 283 
PRO CG  CD   sing N N 284 
PRO CG  HG2  sing N N 285 
PRO CG  HG3  sing N N 286 
PRO CD  HD2  sing N N 287 
PRO CD  HD3  sing N N 288 
PRO OXT HXT  sing N N 289 
SER N   CA   sing N N 290 
SER N   H    sing N N 291 
SER N   H2   sing N N 292 
SER CA  C    sing N N 293 
SER CA  CB   sing N N 294 
SER CA  HA   sing N N 295 
SER C   O    doub N N 296 
SER C   OXT  sing N N 297 
SER CB  OG   sing N N 298 
SER CB  HB2  sing N N 299 
SER CB  HB3  sing N N 300 
SER OG  HG   sing N N 301 
SER OXT HXT  sing N N 302 
THR N   CA   sing N N 303 
THR N   H    sing N N 304 
THR N   H2   sing N N 305 
THR CA  C    sing N N 306 
THR CA  CB   sing N N 307 
THR CA  HA   sing N N 308 
THR C   O    doub N N 309 
THR C   OXT  sing N N 310 
THR CB  OG1  sing N N 311 
THR CB  CG2  sing N N 312 
THR CB  HB   sing N N 313 
THR OG1 HG1  sing N N 314 
THR CG2 HG21 sing N N 315 
THR CG2 HG22 sing N N 316 
THR CG2 HG23 sing N N 317 
THR OXT HXT  sing N N 318 
TRP N   CA   sing N N 319 
TRP N   H    sing N N 320 
TRP N   H2   sing N N 321 
TRP CA  C    sing N N 322 
TRP CA  CB   sing N N 323 
TRP CA  HA   sing N N 324 
TRP C   O    doub N N 325 
TRP C   OXT  sing N N 326 
TRP CB  CG   sing N N 327 
TRP CB  HB2  sing N N 328 
TRP CB  HB3  sing N N 329 
TRP CG  CD1  doub Y N 330 
TRP CG  CD2  sing Y N 331 
TRP CD1 NE1  sing Y N 332 
TRP CD1 HD1  sing N N 333 
TRP CD2 CE2  doub Y N 334 
TRP CD2 CE3  sing Y N 335 
TRP NE1 CE2  sing Y N 336 
TRP NE1 HE1  sing N N 337 
TRP CE2 CZ2  sing Y N 338 
TRP CE3 CZ3  doub Y N 339 
TRP CE3 HE3  sing N N 340 
TRP CZ2 CH2  doub Y N 341 
TRP CZ2 HZ2  sing N N 342 
TRP CZ3 CH2  sing Y N 343 
TRP CZ3 HZ3  sing N N 344 
TRP CH2 HH2  sing N N 345 
TRP OXT HXT  sing N N 346 
TYR N   CA   sing N N 347 
TYR N   H    sing N N 348 
TYR N   H2   sing N N 349 
TYR CA  C    sing N N 350 
TYR CA  CB   sing N N 351 
TYR CA  HA   sing N N 352 
TYR C   O    doub N N 353 
TYR C   OXT  sing N N 354 
TYR CB  CG   sing N N 355 
TYR CB  HB2  sing N N 356 
TYR CB  HB3  sing N N 357 
TYR CG  CD1  doub Y N 358 
TYR CG  CD2  sing Y N 359 
TYR CD1 CE1  sing Y N 360 
TYR CD1 HD1  sing N N 361 
TYR CD2 CE2  doub Y N 362 
TYR CD2 HD2  sing N N 363 
TYR CE1 CZ   doub Y N 364 
TYR CE1 HE1  sing N N 365 
TYR CE2 CZ   sing Y N 366 
TYR CE2 HE2  sing N N 367 
TYR CZ  OH   sing N N 368 
TYR OH  HH   sing N N 369 
TYR OXT HXT  sing N N 370 
VAL N   CA   sing N N 371 
VAL N   H    sing N N 372 
VAL N   H2   sing N N 373 
VAL CA  C    sing N N 374 
VAL CA  CB   sing N N 375 
VAL CA  HA   sing N N 376 
VAL C   O    doub N N 377 
VAL C   OXT  sing N N 378 
VAL CB  CG1  sing N N 379 
VAL CB  CG2  sing N N 380 
VAL CB  HB   sing N N 381 
VAL CG1 HG11 sing N N 382 
VAL CG1 HG12 sing N N 383 
VAL CG1 HG13 sing N N 384 
VAL CG2 HG21 sing N N 385 
VAL CG2 HG22 sing N N 386 
VAL CG2 HG23 sing N N 387 
VAL OXT HXT  sing N N 388 
# 
_pdbx_initial_refinement_model.id               1 
_pdbx_initial_refinement_model.entity_id_list   ? 
_pdbx_initial_refinement_model.type             'experimental model' 
_pdbx_initial_refinement_model.source_name      PDB 
_pdbx_initial_refinement_model.accession_code   1LSY 
_pdbx_initial_refinement_model.details          ? 
# 
_atom_sites.entry_id                    6UKC 
_atom_sites.Cartn_transf_matrix[1][1]   ? 
_atom_sites.Cartn_transf_matrix[1][2]   ? 
_atom_sites.Cartn_transf_matrix[1][3]   ? 
_atom_sites.Cartn_transf_matrix[2][1]   ? 
_atom_sites.Cartn_transf_matrix[2][2]   ? 
_atom_sites.Cartn_transf_matrix[2][3]   ? 
_atom_sites.Cartn_transf_matrix[3][1]   ? 
_atom_sites.Cartn_transf_matrix[3][2]   ? 
_atom_sites.Cartn_transf_matrix[3][3]   ? 
_atom_sites.Cartn_transf_vector[1]      ? 
_atom_sites.Cartn_transf_vector[2]      ? 
_atom_sites.Cartn_transf_vector[3]      ? 
_atom_sites.fract_transf_matrix[1][1]   -0.00967713 
_atom_sites.fract_transf_matrix[1][2]   -0.00493425 
_atom_sites.fract_transf_matrix[1][3]   0.00886208 
_atom_sites.fract_transf_matrix[2][1]   -0.00081975 
_atom_sites.fract_transf_matrix[2][2]   -0.01376470 
_atom_sites.fract_transf_matrix[2][3]   0.00252852 
_atom_sites.fract_transf_matrix[3][1]   0.01663992 
_atom_sites.fract_transf_matrix[3][2]   0.00261420 
_atom_sites.fract_transf_matrix[3][3]   0.01962584 
_atom_sites.fract_transf_vector[1]      -0.290335 
_atom_sites.fract_transf_vector[2]      0.140294 
_atom_sites.fract_transf_vector[3]      -0.150922 
_atom_sites.solution_primary            ? 
_atom_sites.solution_secondary          ? 
_atom_sites.solution_hydrogens          ? 
_atom_sites.special_details             ? 
# 
loop_
_atom_type.symbol 
C 
H 
N 
O 
S 
# 
loop_
_atom_site.group_PDB 
_atom_site.id 
_atom_site.type_symbol 
_atom_site.label_atom_id 
_atom_site.label_alt_id 
_atom_site.label_comp_id 
_atom_site.label_asym_id 
_atom_site.label_entity_id 
_atom_site.label_seq_id 
_atom_site.pdbx_PDB_ins_code 
_atom_site.Cartn_x 
_atom_site.Cartn_y 
_atom_site.Cartn_z 
_atom_site.occupancy 
_atom_site.B_iso_or_equiv 
_atom_site.pdbx_formal_charge 
_atom_site.auth_seq_id 
_atom_site.auth_comp_id 
_atom_site.auth_asym_id 
_atom_site.auth_atom_id 
_atom_site.pdbx_PDB_model_num 
ATOM   1    N N   . ASP A 1 3   ? 19.695  -8.046  1.512   1.000 46.282 ? -1  ASP A N   1 
ATOM   2    C CA  . ASP A 1 3   ? 18.318  -8.415  1.937   1.000 41.424 ? -1  ASP A CA  1 
ATOM   3    C C   . ASP A 1 3   ? 17.418  -7.169  1.873   1.000 39.287 ? -1  ASP A C   1 
ATOM   4    O O   . ASP A 1 3   ? 17.747  -6.131  2.500   1.000 38.020 ? -1  ASP A O   1 
ATOM   5    C CB  . ASP A 1 3   ? 18.338  -9.035  3.313   1.000 40.807 ? -1  ASP A CB  1 
ATOM   6    N N   . ALA A 1 4   ? 16.330  -7.261  1.108   1.000 35.300 ? 0   ALA A N   1 
ATOM   7    C CA  . ALA A 1 4   ? 15.298  -6.214  0.988   1.000 35.198 ? 0   ALA A CA  1 
ATOM   8    C C   . ALA A 1 4   ? 14.666  -5.960  2.367   1.000 33.916 ? 0   ALA A C   1 
ATOM   9    O O   . ALA A 1 4   ? 14.662  -6.879  3.208   1.000 34.236 ? 0   ALA A O   1 
ATOM   10   C CB  . ALA A 1 4   ? 14.282  -6.634  -0.036  1.000 35.639 ? 0   ALA A CB  1 
ATOM   11   N N   . LYS A 1 5   ? 14.172  -4.743  2.600   1.000 30.106 ? 1   LYS A N   1 
ATOM   12   C CA  . LYS A 1 5   ? 13.590  -4.319  3.894   1.000 25.967 ? 1   LYS A CA  1 
ATOM   13   C C   . LYS A 1 5   ? 12.271  -5.051  4.133   1.000 24.922 ? 1   LYS A C   1 
ATOM   14   O O   . LYS A 1 5   ? 11.392  -5.041  3.219   1.000 24.867 ? 1   LYS A O   1 
ATOM   15   C CB  . LYS A 1 5   ? 13.334  -2.816  3.878   1.000 27.571 ? 1   LYS A CB  1 
ATOM   16   C CG  . LYS A 1 5   ? 12.850  -2.215  5.184   1.000 29.090 ? 1   LYS A CG  1 
ATOM   17   C CD  . LYS A 1 5   ? 13.632  -2.653  6.391   1.000 29.856 ? 1   LYS A CD  1 
ATOM   18   C CE  . LYS A 1 5   ? 13.321  -1.801  7.609   1.000 33.463 ? 1   LYS A CE  1 
ATOM   19   N NZ  . LYS A 1 5   ? 13.873  -2.380  8.864   1.000 34.180 ? 1   LYS A NZ  1 
ATOM   20   N N   . VAL A 1 6   ? 12.143  -5.649  5.317   1.000 22.718 ? 2   VAL A N   1 
ATOM   21   C CA  . VAL A 1 6   ? 10.879  -6.216  5.862   1.000 20.610 ? 2   VAL A CA  1 
ATOM   22   C C   . VAL A 1 6   ? 10.600  -5.511  7.188   1.000 19.970 ? 2   VAL A C   1 
ATOM   23   O O   . VAL A 1 6   ? 11.301  -5.741  8.167   1.000 18.694 ? 2   VAL A O   1 
ATOM   24   C CB  . VAL A 1 6   ? 10.942  -7.746  6.060   1.000 21.538 ? 2   VAL A CB  1 
ATOM   25   C CG1 . VAL A 1 6   ? 9.584   -8.292  6.496   1.000 20.078 ? 2   VAL A CG1 1 
ATOM   26   C CG2 . VAL A 1 6   ? 11.455  -8.473  4.819   1.000 21.186 ? 2   VAL A CG2 1 
ATOM   27   N N   . PHE A 1 7   ? 9.569   -4.686  7.233   1.000 20.122 ? 3   PHE A N   1 
ATOM   28   C CA  . PHE A 1 7   ? 9.240   -3.925  8.463   1.000 18.742 ? 3   PHE A CA  1 
ATOM   29   C C   . PHE A 1 7   ? 8.568   -4.842  9.504   1.000 18.494 ? 3   PHE A C   1 
ATOM   30   O O   . PHE A 1 7   ? 7.766   -5.755  9.150   1.000 19.022 ? 3   PHE A O   1 
ATOM   31   C CB  . PHE A 1 7   ? 8.333   -2.748  8.111   1.000 18.416 ? 3   PHE A CB  1 
ATOM   32   C CG  . PHE A 1 7   ? 8.985   -1.631  7.328   1.000 18.690 ? 3   PHE A CG  1 
ATOM   33   C CD1 . PHE A 1 7   ? 9.661   -0.619  7.981   1.000 18.961 ? 3   PHE A CD1 1 
ATOM   34   C CD2 . PHE A 1 7   ? 8.909   -1.578  5.940   1.000 18.861 ? 3   PHE A CD2 1 
ATOM   35   C CE1 . PHE A 1 7   ? 10.254  0.410   7.270   1.000 18.817 ? 3   PHE A CE1 1 
ATOM   36   C CE2 . PHE A 1 7   ? 9.480   -0.534  5.232   1.000 18.881 ? 3   PHE A CE2 1 
ATOM   37   C CZ  . PHE A 1 7   ? 10.137  0.467   5.902   1.000 18.259 ? 3   PHE A CZ  1 
ATOM   38   N N   . GLY A 1 8   ? 8.827   -4.587  10.779  1.000 18.177 ? 4   GLY A N   1 
ATOM   39   C CA  . GLY A 1 8   ? 7.845   -4.914  11.838  1.000 18.891 ? 4   GLY A CA  1 
ATOM   40   C C   . GLY A 1 8   ? 6.599   -4.041  11.699  1.000 18.592 ? 4   GLY A C   1 
ATOM   41   O O   . GLY A 1 8   ? 6.714   -2.912  11.227  1.000 16.886 ? 4   GLY A O   1 
ATOM   42   N N   . LYS A 1 9   ? 5.433   -4.542  12.095  1.000 19.787 ? 5   LYS A N   1 
ATOM   43   C CA  . LYS A 1 9   ? 4.134   -3.819  12.004  1.000 19.321 ? 5   LYS A CA  1 
ATOM   44   C C   . LYS A 1 9   ? 4.220   -2.459  12.730  1.000 18.382 ? 5   LYS A C   1 
ATOM   45   O O   . LYS A 1 9   ? 3.886   -1.430  12.130  1.000 17.104 ? 5   LYS A O   1 
ATOM   46   C CB  . LYS A 1 9   ? 3.039   -4.725  12.574  1.000 18.700 ? 5   LYS A CB  1 
ATOM   47   C CG  . LYS A 1 9   ? 1.684   -4.076  12.779  1.000 18.989 ? 5   LYS A CG  1 
ATOM   48   C CD  . LYS A 1 9   ? 0.718   -4.999  13.488  1.000 19.147 ? 5   LYS A CD  1 
ATOM   49   C CE  . LYS A 1 9   ? -0.522  -4.289  13.989  1.000 19.318 ? 5   LYS A CE  1 
ATOM   50   N NZ  . LYS A 1 9   ? -1.502  -5.256  14.538  1.000 20.189 ? 5   LYS A NZ  1 
ATOM   51   N N   . CYS A 1 10  ? 4.611   -2.456  13.999  1.000 18.974 ? 6   CYS A N   1 
ATOM   52   C CA  . CYS A 1 10  ? 4.754   -1.232  14.832  1.000 18.421 ? 6   CYS A CA  1 
ATOM   53   C C   . CYS A 1 10  ? 5.889   -0.369  14.275  1.000 18.221 ? 6   CYS A C   1 
ATOM   54   O O   . CYS A 1 10  ? 5.729   0.858   14.264  1.000 20.222 ? 6   CYS A O   1 
ATOM   55   C CB  . CYS A 1 10  ? 4.968   -1.592  16.296  1.000 17.744 ? 6   CYS A CB  1 
ATOM   56   S SG  . CYS A 1 10  ? 3.585   -2.561  16.944  1.000 19.510 ? 6   CYS A SG  1 
ATOM   57   N N   . GLU A 1 11  ? 6.966   -0.971  13.779  1.000 18.468 ? 7   GLU A N   1 
ATOM   58   C CA  . GLU A 1 11  ? 8.070   -0.214  13.124  1.000 18.308 ? 7   GLU A CA  1 
ATOM   59   C C   . GLU A 1 11  ? 7.528   0.546   11.906  1.000 18.160 ? 7   GLU A C   1 
ATOM   60   O O   . GLU A 1 11  ? 7.863   1.722   11.685  1.000 18.467 ? 7   GLU A O   1 
ATOM   61   C CB  . GLU A 1 11  ? 9.149   -1.188  12.694  1.000 18.446 ? 7   GLU A CB  1 
ATOM   62   C CG  . GLU A 1 11  ? 10.377  -0.500  12.130  1.000 20.376 ? 7   GLU A CG  1 
ATOM   63   C CD  . GLU A 1 11  ? 11.290  -1.431  11.356  1.000 20.024 ? 7   GLU A CD  1 
ATOM   64   O OE1 . GLU A 1 11  ? 12.187  -0.935  10.702  1.000 21.432 ? 7   GLU A OE1 1 
ATOM   65   O OE2 . GLU A 1 11  ? 11.089  -2.655  11.423  1.000 22.330 ? 7   GLU A OE2 1 
ATOM   66   N N   . PHE A 1 12  ? 6.700   -0.116  11.124  1.000 18.429 ? 8   PHE A N   1 
ATOM   67   C CA  . PHE A 1 12  ? 6.062   0.472   9.932   1.000 18.669 ? 8   PHE A CA  1 
ATOM   68   C C   . PHE A 1 12  ? 5.087   1.561   10.386  1.000 20.045 ? 8   PHE A C   1 
ATOM   69   O O   . PHE A 1 12  ? 5.117   2.664   9.764   1.000 20.225 ? 8   PHE A O   1 
ATOM   70   C CB  . PHE A 1 12  ? 5.387   -0.608  9.097   1.000 17.623 ? 8   PHE A CB  1 
ATOM   71   C CG  . PHE A 1 12  ? 4.839   -0.115  7.789   1.000 17.469 ? 8   PHE A CG  1 
ATOM   72   C CD1 . PHE A 1 12  ? 5.664   0.499   6.864   1.000 17.243 ? 8   PHE A CD1 1 
ATOM   73   C CD2 . PHE A 1 12  ? 3.499   -0.244  7.497   1.000 17.036 ? 8   PHE A CD2 1 
ATOM   74   C CE1 . PHE A 1 12  ? 5.159   0.950   5.660   1.000 16.964 ? 8   PHE A CE1 1 
ATOM   75   C CE2 . PHE A 1 12  ? 2.994   0.229   6.299   1.000 17.050 ? 8   PHE A CE2 1 
ATOM   76   C CZ  . PHE A 1 12  ? 3.823   0.819   5.383   1.000 16.174 ? 8   PHE A CZ  1 
ATOM   77   N N   . ALA A 1 13  ? 4.272   1.291   11.420  1.000 20.789 ? 9   ALA A N   1 
ATOM   78   C CA  . ALA A 1 13  ? 3.348   2.318   11.976  1.000 21.006 ? 9   ALA A CA  1 
ATOM   79   C C   . ALA A 1 13  ? 4.136   3.566   12.406  1.000 20.177 ? 9   ALA A C   1 
ATOM   80   O O   . ALA A 1 13  ? 3.715   4.686   12.005  1.000 20.569 ? 9   ALA A O   1 
ATOM   81   C CB  . ALA A 1 13  ? 2.529   1.766   13.126  1.000 20.941 ? 9   ALA A CB  1 
ATOM   82   N N   . GLU A 1 14  ? 5.214   3.392   13.191  1.000 19.568 ? 10  GLU A N   1 
ATOM   83   C CA  . GLU A 1 14  ? 6.032   4.515   13.729  1.000 21.140 ? 10  GLU A CA  1 
ATOM   84   C C   . GLU A 1 14  ? 6.671   5.275   12.552  1.000 20.213 ? 10  GLU A C   1 
ATOM   85   O O   . GLU A 1 14  ? 6.776   6.488   12.618  1.000 18.141 ? 10  GLU A O   1 
ATOM   86   C CB  . GLU A 1 14  ? 7.045   4.019   14.769  1.000 23.696 ? 10  GLU A CB  1 
ATOM   87   C CG  . GLU A 1 14  ? 6.413   3.563   16.085  1.000 26.379 ? 10  GLU A CG  1 
ATOM   88   C CD  . GLU A 1 14  ? 7.388   3.196   17.207  1.000 28.816 ? 10  GLU A CD  1 
ATOM   89   O OE1 . GLU A 1 14  ? 7.202   2.137   17.831  1.000 35.771 ? 10  GLU A OE1 1 
ATOM   90   O OE2 . GLU A 1 14  ? 8.327   3.965   17.472  1.000 28.891 ? 10  GLU A OE2 1 
ATOM   91   N N   . LEU A 1 15  ? 7.064   4.592   11.483  1.000 21.401 ? 11  LEU A N   1 
ATOM   92   C CA  . LEU A 1 15  ? 7.705   5.255   10.316  1.000 21.386 ? 11  LEU A CA  1 
ATOM   93   C C   . LEU A 1 15  ? 6.707   6.201   9.643   1.000 20.883 ? 11  LEU A C   1 
ATOM   94   O O   . LEU A 1 15  ? 7.096   7.351   9.298   1.000 17.509 ? 11  LEU A O   1 
ATOM   95   C CB  . LEU A 1 15  ? 8.166   4.205   9.309   1.000 22.324 ? 11  LEU A CB  1 
ATOM   96   C CG  . LEU A 1 15  ? 8.687   4.800   8.007   1.000 23.280 ? 11  LEU A CG  1 
ATOM   97   C CD1 . LEU A 1 15  ? 10.010  5.517   8.256   1.000 24.154 ? 11  LEU A CD1 1 
ATOM   98   C CD2 . LEU A 1 15  ? 8.815   3.739   6.933   1.000 24.240 ? 11  LEU A CD2 1 
ATOM   99   N N   . LEU A 1 16  ? 5.492   5.709   9.376   1.000 21.041 ? 12  LEU A N   1 
ATOM   100  C CA  . LEU A 1 16  ? 4.440   6.537   8.720   1.000 20.959 ? 12  LEU A CA  1 
ATOM   101  C C   . LEU A 1 16  ? 4.139   7.770   9.600   1.000 20.798 ? 12  LEU A C   1 
ATOM   102  O O   . LEU A 1 16  ? 3.917   8.873   9.040   1.000 20.450 ? 12  LEU A O   1 
ATOM   103  C CB  . LEU A 1 16  ? 3.200   5.680   8.466   1.000 20.228 ? 12  LEU A CB  1 
ATOM   104  C CG  . LEU A 1 16  ? 3.372   4.527   7.475   1.000 20.134 ? 12  LEU A CG  1 
ATOM   105  C CD1 . LEU A 1 16  ? 2.113   3.678   7.438   1.000 20.211 ? 12  LEU A CD1 1 
ATOM   106  C CD2 . LEU A 1 16  ? 3.685   5.027   6.071   1.000 20.871 ? 12  LEU A CD2 1 
ATOM   107  N N   . LYS A 1 17  ? 4.207   7.634   10.930  1.000 20.438 ? 13  LYS A N   1 
ATOM   108  C CA  . LYS A 1 17  ? 3.941   8.769   11.846  1.000 20.625 ? 13  LYS A CA  1 
ATOM   109  C C   . LYS A 1 17  ? 5.145   9.721   11.885  1.000 20.951 ? 13  LYS A C   1 
ATOM   110  O O   . LYS A 1 17  ? 4.952   10.931  11.724  1.000 23.355 ? 13  LYS A O   1 
ATOM   111  C CB  . LYS A 1 17  ? 3.631   8.281   13.260  1.000 20.312 ? 13  LYS A CB  1 
ATOM   112  C CG  . LYS A 1 17  ? 3.366   9.407   14.262  1.000 20.494 ? 13  LYS A CG  1 
ATOM   113  C CD  . LYS A 1 17  ? 2.116   10.227  13.962  1.000 21.200 ? 13  LYS A CD  1 
ATOM   114  C CE  . LYS A 1 17  ? 0.836   9.417   14.095  1.000 20.915 ? 13  LYS A CE  1 
ATOM   115  N NZ  . LYS A 1 17  ? -0.364  10.267  13.999  1.000 20.994 ? 13  LYS A NZ  1 
ATOM   116  N N   . ARG A 1 18  ? 6.341   9.208   12.143  1.000 22.606 ? 14  ARG A N   1 
ATOM   117  C CA  . ARG A 1 18  ? 7.571   10.026  12.360  1.000 23.366 ? 14  ARG A CA  1 
ATOM   118  C C   . ARG A 1 18  ? 7.949   10.780  11.071  1.000 22.787 ? 14  ARG A C   1 
ATOM   119  O O   . ARG A 1 18  ? 8.142   12.019  11.136  1.000 22.071 ? 14  ARG A O   1 
ATOM   120  C CB  . ARG A 1 18  ? 8.708   9.119   12.846  1.000 24.802 ? 14  ARG A CB  1 
ATOM   121  C CG  . ARG A 1 18  ? 9.949   9.868   13.311  1.000 26.822 ? 14  ARG A CG  1 
ATOM   122  C CD  . ARG A 1 18  ? 11.127  8.963   13.600  1.000 27.635 ? 14  ARG A CD  1 
ATOM   123  N NE  . ARG A 1 18  ? 11.194  7.885   12.610  1.000 30.401 ? 14  ARG A NE  1 
ATOM   124  C CZ  . ARG A 1 18  ? 10.862  6.599   12.833  1.000 31.631 ? 14  ARG A CZ  1 
ATOM   125  N NH1 . ARG A 1 18  ? 10.458  6.190   14.026  1.000 30.949 ? 14  ARG A NH1 1 
ATOM   126  N NH2 . ARG A 1 18  ? 10.944  5.714   11.855  1.000 30.655 ? 14  ARG A NH2 1 
ATOM   127  N N   . ASP A 1 19  ? 8.019   10.084  9.933   1.000 21.134 ? 15  ASP A N   1 
ATOM   128  C CA  . ASP A 1 19  ? 8.683   10.620  8.718   1.000 20.627 ? 15  ASP A CA  1 
ATOM   129  C C   . ASP A 1 19  ? 7.672   11.259  7.766   1.000 19.785 ? 15  ASP A C   1 
ATOM   130  O O   . ASP A 1 19  ? 8.092   12.176  7.015   1.000 20.451 ? 15  ASP A O   1 
ATOM   131  C CB  . ASP A 1 19  ? 9.462   9.542   7.979   1.000 22.163 ? 15  ASP A CB  1 
ATOM   132  C CG  . ASP A 1 19  ? 10.699  9.087   8.721   1.000 24.666 ? 15  ASP A CG  1 
ATOM   133  O OD1 . ASP A 1 19  ? 10.858  9.445   9.904   1.000 25.054 ? 15  ASP A OD1 1 
ATOM   134  O OD2 . ASP A 1 19  ? 11.488  8.373   8.098   1.000 29.525 ? 15  ASP A OD2 1 
ATOM   135  N N   . TYR A 1 20  ? 6.416   10.796  7.774   1.000 18.379 ? 16  TYR A N   1 
ATOM   136  C CA  . TYR A 1 20  ? 5.361   11.204  6.803   1.000 17.778 ? 16  TYR A CA  1 
ATOM   137  C C   . TYR A 1 20  ? 4.213   11.969  7.475   1.000 19.003 ? 16  TYR A C   1 
ATOM   138  O O   . TYR A 1 20  ? 3.338   12.467  6.711   1.000 19.863 ? 16  TYR A O   1 
ATOM   139  C CB  . TYR A 1 20  ? 4.872   9.964   6.057   1.000 17.536 ? 16  TYR A CB  1 
ATOM   140  C CG  . TYR A 1 20  ? 5.982   9.312   5.284   1.000 16.852 ? 16  TYR A CG  1 
ATOM   141  C CD1 . TYR A 1 20  ? 6.460   9.898   4.118   1.000 15.921 ? 16  TYR A CD1 1 
ATOM   142  C CD2 . TYR A 1 20  ? 6.622   8.185   5.763   1.000 16.214 ? 16  TYR A CD2 1 
ATOM   143  C CE1 . TYR A 1 20  ? 7.514   9.340   3.415   1.000 15.865 ? 16  TYR A CE1 1 
ATOM   144  C CE2 . TYR A 1 20  ? 7.701   7.637   5.084   1.000 16.816 ? 16  TYR A CE2 1 
ATOM   145  C CZ  . TYR A 1 20  ? 8.139   8.209   3.903   1.000 15.577 ? 16  TYR A CZ  1 
ATOM   146  O OH  . TYR A 1 20  ? 9.166   7.649   3.211   1.000 15.947 ? 16  TYR A OH  1 
ATOM   147  N N   . TYR A 1 21  ? 4.183   12.065  8.820   1.000 19.249 ? 17  TYR A N   1 
ATOM   148  C CA  . TYR A 1 21  ? 3.165   12.843  9.576   1.000 19.792 ? 17  TYR A CA  1 
ATOM   149  C C   . TYR A 1 21  ? 1.771   12.404  9.113   1.000 18.824 ? 17  TYR A C   1 
ATOM   150  O O   . TYR A 1 21  ? 0.853   13.238  8.920   1.000 16.299 ? 17  TYR A O   1 
ATOM   151  C CB  . TYR A 1 21  ? 3.344   14.352  9.365   1.000 21.823 ? 17  TYR A CB  1 
ATOM   152  C CG  . TYR A 1 21  ? 4.778   14.802  9.404   1.000 23.928 ? 17  TYR A CG  1 
ATOM   153  C CD1 . TYR A 1 21  ? 5.513   14.719  10.586  1.000 27.768 ? 17  TYR A CD1 1 
ATOM   154  C CD2 . TYR A 1 21  ? 5.430   15.235  8.260   1.000 24.252 ? 17  TYR A CD2 1 
ATOM   155  C CE1 . TYR A 1 21  ? 6.855   15.075  10.644  1.000 26.329 ? 17  TYR A CE1 1 
ATOM   156  C CE2 . TYR A 1 21  ? 6.774   15.594  8.301   1.000 27.032 ? 17  TYR A CE2 1 
ATOM   157  C CZ  . TYR A 1 21  ? 7.481   15.520  9.496   1.000 26.633 ? 17  TYR A CZ  1 
ATOM   158  O OH  . TYR A 1 21  ? 8.794   15.865  9.562   1.000 29.426 ? 17  TYR A OH  1 
ATOM   159  N N   . LEU A 1 22  ? 1.595   11.106  8.900   1.000 18.031 ? 18  LEU A N   1 
ATOM   160  C CA  . LEU A 1 22  ? 0.266   10.607  8.486   1.000 17.392 ? 18  LEU A CA  1 
ATOM   161  C C   . LEU A 1 22  ? -0.627  10.648  9.717   1.000 17.542 ? 18  LEU A C   1 
ATOM   162  O O   . LEU A 1 22  ? -0.103  10.423  10.839  1.000 19.292 ? 18  LEU A O   1 
ATOM   163  C CB  . LEU A 1 22  ? 0.385   9.183   7.940   1.000 17.266 ? 18  LEU A CB  1 
ATOM   164  C CG  . LEU A 1 22  ? 1.188   9.005   6.659   1.000 17.073 ? 18  LEU A CG  1 
ATOM   165  C CD1 . LEU A 1 22  ? 0.810   7.696   5.996   1.000 17.099 ? 18  LEU A CD1 1 
ATOM   166  C CD2 . LEU A 1 22  ? 0.965   10.154  5.674   1.000 16.751 ? 18  LEU A CD2 1 
ATOM   167  N N   . SER A 1 23  ? -1.917  10.887  9.497   1.000 17.006 ? 19  SER A N   1 
ATOM   168  C CA  . SER A 1 23  ? -3.005  10.716  10.492  1.000 16.453 ? 19  SER A CA  1 
ATOM   169  C C   . SER A 1 23  ? -3.105  9.251   10.904  1.000 15.754 ? 19  SER A C   1 
ATOM   170  O O   . SER A 1 23  ? -2.745  8.363   10.076  1.000 16.111 ? 19  SER A O   1 
ATOM   171  C CB  . SER A 1 23  ? -4.339  11.184  9.932   1.000 16.339 ? 19  SER A CB  1 
ATOM   172  O OG  . SER A 1 23  ? -4.783  10.332  8.881   1.000 15.969 ? 19  SER A OG  1 
ATOM   173  N N   . ASN A 1 24  ? -3.653  9.032   12.101  1.000 15.715 ? 20  ASN A N   1 
ATOM   174  C CA  . ASN A 1 24  ? -3.967  7.707   12.694  1.000 16.563 ? 20  ASN A CA  1 
ATOM   175  C C   . ASN A 1 24  ? -4.868  6.895   11.759  1.000 17.061 ? 20  ASN A C   1 
ATOM   176  O O   . ASN A 1 24  ? -4.618  5.681   11.621  1.000 17.362 ? 20  ASN A O   1 
ATOM   177  C CB  . ASN A 1 24  ? -4.629  7.861   14.059  1.000 16.347 ? 20  ASN A CB  1 
ATOM   178  C CG  . ASN A 1 24  ? -3.646  8.274   15.121  1.000 17.625 ? 20  ASN A CG  1 
ATOM   179  O OD1 . ASN A 1 24  ? -2.443  8.380   14.872  1.000 20.761 ? 20  ASN A OD1 1 
ATOM   180  N ND2 . ASN A 1 24  ? -4.151  8.539   16.304  1.000 19.365 ? 20  ASN A ND2 1 
ATOM   181  N N   . ASP A 1 25  ? -5.877  7.543   11.165  1.000 18.542 ? 21  ASP A N   1 
ATOM   182  C CA  . ASP A 1 25  ? -6.793  6.908   10.191  1.000 20.443 ? 21  ASP A CA  1 
ATOM   183  C C   . ASP A 1 25  ? -5.971  6.373   9.014   1.000 19.645 ? 21  ASP A C   1 
ATOM   184  O O   . ASP A 1 25  ? -6.175  5.220   8.600   1.000 19.238 ? 21  ASP A O   1 
ATOM   185  C CB  . ASP A 1 25  ? -7.858  7.862   9.639   1.000 22.081 ? 21  ASP A CB  1 
ATOM   186  C CG  . ASP A 1 25  ? -8.908  7.077   8.866   1.000 24.454 ? 21  ASP A CG  1 
ATOM   187  O OD1 . ASP A 1 25  ? -9.669  6.336   9.533   1.000 29.457 ? 21  ASP A OD1 1 
ATOM   188  O OD2 . ASP A 1 25  ? -8.889  7.106   7.604   1.000 23.520 ? 21  ASP A OD2 1 
ATOM   189  N N   . ASP A 1 26  ? -5.107  7.210   8.453   1.000 18.630 ? 22  ASP A N   1 
ATOM   190  C CA  . ASP A 1 26  ? -4.255  6.785   7.324   1.000 16.844 ? 22  ASP A CA  1 
ATOM   191  C C   . ASP A 1 26  ? -3.429  5.613   7.814   1.000 16.594 ? 22  ASP A C   1 
ATOM   192  O O   . ASP A 1 26  ? -3.445  4.542   7.112   1.000 18.079 ? 22  ASP A O   1 
ATOM   193  C CB  . ASP A 1 26  ? -3.371  7.917   6.796   1.000 17.384 ? 22  ASP A CB  1 
ATOM   194  C CG  . ASP A 1 26  ? -4.104  8.966   5.968   1.000 16.483 ? 22  ASP A CG  1 
ATOM   195  O OD1 . ASP A 1 26  ? -5.372  8.960   5.979   1.000 15.102 ? 22  ASP A OD1 1 
ATOM   196  O OD2 . ASP A 1 26  ? -3.403  9.774   5.337   1.000 15.161 ? 22  ASP A OD2 1 
ATOM   197  N N   . ILE A 1 27  ? -2.773  5.777   8.973   1.000 16.546 ? 23  ILE A N   1 
ATOM   198  C CA  . ILE A 1 27  ? -1.759  4.781   9.439   1.000 16.457 ? 23  ILE A CA  1 
ATOM   199  C C   . ILE A 1 27  ? -2.453  3.421   9.643   1.000 17.538 ? 23  ILE A C   1 
ATOM   200  O O   . ILE A 1 27  ? -2.013  2.417   9.005   1.000 17.377 ? 23  ILE A O   1 
ATOM   201  C CB  . ILE A 1 27  ? -0.995  5.247   10.689  1.000 16.523 ? 23  ILE A CB  1 
ATOM   202  C CG1 . ILE A 1 27  ? 0.002   6.365   10.351  1.000 16.764 ? 23  ILE A CG1 1 
ATOM   203  C CG2 . ILE A 1 27  ? -0.295  4.076   11.371  1.000 16.709 ? 23  ILE A CG2 1 
ATOM   204  C CD1 . ILE A 1 27  ? 0.518   7.112   11.556  1.000 16.315 ? 23  ILE A CD1 1 
ATOM   205  N N   . LYS A 1 28  ? -3.535  3.372   10.432  1.000 18.756 ? 24  LYS A N   1 
ATOM   206  C CA  . LYS A 1 28  ? -4.163  2.054   10.757  1.000 19.282 ? 24  LYS A CA  1 
ATOM   207  C C   . LYS A 1 28  ? -4.541  1.348   9.447   1.000 18.145 ? 24  LYS A C   1 
ATOM   208  O O   . LYS A 1 28  ? -4.383  0.102   9.363   1.000 18.025 ? 24  LYS A O   1 
ATOM   209  C CB  . LYS A 1 28  ? -5.357  2.215   11.703  1.000 19.647 ? 24  LYS A CB  1 
ATOM   210  C CG  . LYS A 1 28  ? -6.567  2.942   11.140  1.000 20.492 ? 24  LYS A CG  1 
ATOM   211  C CD  . LYS A 1 28  ? -7.520  3.348   12.233  1.000 20.751 ? 24  LYS A CD  1 
ATOM   212  C CE  . LYS A 1 28  ? -8.903  3.706   11.738  1.000 20.845 ? 24  LYS A CE  1 
ATOM   213  N NZ  . LYS A 1 28  ? -9.738  4.165   12.882  1.000 21.842 ? 24  LYS A NZ  1 
ATOM   214  N N   . ASN A 1 29  ? -4.983  2.117   8.446   1.000 17.145 ? 25  ASN A N   1 
ATOM   215  C CA  . ASN A 1 29  ? -5.390  1.557   7.135   1.000 16.481 ? 25  ASN A CA  1 
ATOM   216  C C   . ASN A 1 29  ? -4.139  1.089   6.376   1.000 16.783 ? 25  ASN A C   1 
ATOM   217  O O   . ASN A 1 29  ? -4.201  -0.006  5.782   1.000 16.180 ? 25  ASN A O   1 
ATOM   218  C CB  . ASN A 1 29  ? -6.273  2.529   6.352   1.000 17.514 ? 25  ASN A CB  1 
ATOM   219  C CG  . ASN A 1 29  ? -7.717  2.487   6.813   1.000 17.417 ? 25  ASN A CG  1 
ATOM   220  O OD1 . ASN A 1 29  ? -8.348  1.447   6.728   1.000 16.694 ? 25  ASN A OD1 1 
ATOM   221  N ND2 . ASN A 1 29  ? -8.229  3.581   7.360   1.000 18.027 ? 25  ASN A ND2 1 
ATOM   222  N N   . TRP A 1 30  ? -3.050  1.869   6.341   1.000 16.714 ? 26  TRP A N   1 
ATOM   223  C CA  . TRP A 1 30  ? -1.886  1.455   5.510   1.000 16.818 ? 26  TRP A CA  1 
ATOM   224  C C   . TRP A 1 30  ? -1.210  0.243   6.175   1.000 17.153 ? 26  TRP A C   1 
ATOM   225  O O   . TRP A 1 30  ? -0.838  -0.720  5.448   1.000 18.314 ? 26  TRP A O   1 
ATOM   226  C CB  . TRP A 1 30  ? -0.911  2.617   5.223   1.000 16.875 ? 26  TRP A CB  1 
ATOM   227  C CG  . TRP A 1 30  ? -1.427  3.664   4.281   1.000 17.029 ? 26  TRP A CG  1 
ATOM   228  C CD1 . TRP A 1 30  ? -1.411  5.015   4.497   1.000 18.197 ? 26  TRP A CD1 1 
ATOM   229  C CD2 . TRP A 1 30  ? -1.981  3.480   2.955   1.000 17.669 ? 26  TRP A CD2 1 
ATOM   230  N NE1 . TRP A 1 30  ? -1.941  5.683   3.421   1.000 18.920 ? 26  TRP A NE1 1 
ATOM   231  C CE2 . TRP A 1 30  ? -2.304  4.771   2.458   1.000 17.703 ? 26  TRP A CE2 1 
ATOM   232  C CE3 . TRP A 1 30  ? -2.251  2.369   2.142   1.000 16.879 ? 26  TRP A CE3 1 
ATOM   233  C CZ2 . TRP A 1 30  ? -2.875  4.973   1.204   1.000 17.086 ? 26  TRP A CZ2 1 
ATOM   234  C CZ3 . TRP A 1 30  ? -2.836  2.566   0.908   1.000 16.937 ? 26  TRP A CZ3 1 
ATOM   235  C CH2 . TRP A 1 30  ? -3.129  3.851   0.441   1.000 17.687 ? 26  TRP A CH2 1 
ATOM   236  N N   . VAL A 1 31  ? -1.079  0.242   7.503   1.000 16.621 ? 27  VAL A N   1 
ATOM   237  C CA  . VAL A 1 31  ? -0.457  -0.910  8.231   1.000 16.096 ? 27  VAL A CA  1 
ATOM   238  C C   . VAL A 1 31  ? -1.224  -2.209  7.897   1.000 16.167 ? 27  VAL A C   1 
ATOM   239  O O   . VAL A 1 31  ? -0.580  -3.266  7.540   1.000 15.711 ? 27  VAL A O   1 
ATOM   240  C CB  . VAL A 1 31  ? -0.419  -0.630  9.742   1.000 15.508 ? 27  VAL A CB  1 
ATOM   241  C CG1 . VAL A 1 31  ? -0.050  -1.862  10.549  1.000 14.956 ? 27  VAL A CG1 1 
ATOM   242  C CG2 . VAL A 1 31  ? 0.520   0.531   10.074  1.000 15.306 ? 27  VAL A CG2 1 
ATOM   243  N N   . CYS A 1 32  ? -2.550  -2.167  8.025   1.000 16.689 ? 28  CYS A N   1 
ATOM   244  C CA  . CYS A 1 32  ? -3.423  -3.343  7.793   1.000 16.721 ? 28  CYS A CA  1 
ATOM   245  C C   . CYS A 1 32  ? -3.225  -3.838  6.349   1.000 16.584 ? 28  CYS A C   1 
ATOM   246  O O   . CYS A 1 32  ? -3.029  -5.099  6.156   1.000 14.773 ? 28  CYS A O   1 
ATOM   247  C CB  . CYS A 1 32  ? -4.887  -3.028  8.058   1.000 16.848 ? 28  CYS A CB  1 
ATOM   248  S SG  . CYS A 1 32  ? -5.907  -4.521  8.043   1.000 17.837 ? 28  CYS A SG  1 
ATOM   249  N N   . ILE A 1 33  ? -3.292  -2.907  5.382   1.000 15.379 ? 29  ILE A N   1 
ATOM   250  C CA  . ILE A 1 33  ? -3.164  -3.234  3.934   1.000 16.553 ? 29  ILE A CA  1 
ATOM   251  C C   . ILE A 1 33  ? -1.790  -3.857  3.699   1.000 17.341 ? 29  ILE A C   1 
ATOM   252  O O   . ILE A 1 33  ? -1.773  -4.947  3.072   1.000 17.727 ? 29  ILE A O   1 
ATOM   253  C CB  . ILE A 1 33  ? -3.444  -2.026  3.027   1.000 17.279 ? 29  ILE A CB  1 
ATOM   254  C CG1 . ILE A 1 33  ? -4.928  -1.659  3.095   1.000 17.558 ? 29  ILE A CG1 1 
ATOM   255  C CG2 . ILE A 1 33  ? -3.001  -2.305  1.592   1.000 18.065 ? 29  ILE A CG2 1 
ATOM   256  C CD1 . ILE A 1 33  ? -5.228  -0.275  2.578   1.000 19.227 ? 29  ILE A CD1 1 
ATOM   257  N N   . ALA A 1 34  ? -0.708  -3.241  4.216   1.000 17.397 ? 30  ALA A N   1 
ATOM   258  C CA  . ALA A 1 34  ? 0.674   -3.761  4.057   1.000 18.157 ? 30  ALA A CA  1 
ATOM   259  C C   . ALA A 1 34  ? 0.799   -5.161  4.667   1.000 19.565 ? 30  ALA A C   1 
ATOM   260  O O   . ALA A 1 34  ? 1.485   -6.023  4.057   1.000 17.949 ? 30  ALA A O   1 
ATOM   261  C CB  . ALA A 1 34  ? 1.689   -2.840  4.689   1.000 18.705 ? 30  ALA A CB  1 
ATOM   262  N N   . GLU A 1 35  ? 0.267   -5.363  5.880   1.000 21.080 ? 31  GLU A N   1 
ATOM   263  C CA  . GLU A 1 35  ? 0.384   -6.690  6.528   1.000 21.091 ? 31  GLU A CA  1 
ATOM   264  C C   . GLU A 1 35  ? -0.106  -7.740  5.525   1.000 19.996 ? 31  GLU A C   1 
ATOM   265  O O   . GLU A 1 35  ? 0.662   -8.676  5.195   1.000 17.595 ? 31  GLU A O   1 
ATOM   266  C CB  . GLU A 1 35  ? -0.396  -6.800  7.837   1.000 22.520 ? 31  GLU A CB  1 
ATOM   267  C CG  . GLU A 1 35  ? 0.018   -8.042  8.608   1.000 24.018 ? 31  GLU A CG  1 
ATOM   268  C CD  . GLU A 1 35  ? -0.740  -8.374  9.872   1.000 25.825 ? 31  GLU A CD  1 
ATOM   269  O OE1 . GLU A 1 35  ? -0.930  -9.554  10.083  1.000 29.854 ? 31  GLU A OE1 1 
ATOM   270  O OE2 . GLU A 1 35  ? -1.109  -7.460  10.649  1.000 28.591 ? 31  GLU A OE2 1 
ATOM   271  N N   . PHE A 1 36  ? -1.328  -7.569  5.015   1.000 19.389 ? 32  PHE A N   1 
ATOM   272  C CA  . PHE A 1 36  ? -2.058  -8.659  4.311   1.000 19.455 ? 32  PHE A CA  1 
ATOM   273  C C   . PHE A 1 36  ? -1.737  -8.641  2.822   1.000 19.718 ? 32  PHE A C   1 
ATOM   274  O O   . PHE A 1 36  ? -1.976  -9.680  2.219   1.000 20.405 ? 32  PHE A O   1 
ATOM   275  C CB  . PHE A 1 36  ? -3.546  -8.617  4.643   1.000 18.517 ? 32  PHE A CB  1 
ATOM   276  C CG  . PHE A 1 36  ? -3.773  -8.870  6.110   1.000 18.355 ? 32  PHE A CG  1 
ATOM   277  C CD1 . PHE A 1 36  ? -3.565  -10.132 6.644   1.000 18.062 ? 32  PHE A CD1 1 
ATOM   278  C CD2 . PHE A 1 36  ? -4.138  -7.838  6.966   1.000 18.616 ? 32  PHE A CD2 1 
ATOM   279  C CE1 . PHE A 1 36  ? -3.763  -10.374 7.998   1.000 18.791 ? 32  PHE A CE1 1 
ATOM   280  C CE2 . PHE A 1 36  ? -4.315  -8.074  8.327   1.000 18.824 ? 32  PHE A CE2 1 
ATOM   281  C CZ  . PHE A 1 36  ? -4.122  -9.341  8.843   1.000 18.938 ? 32  PHE A CZ  1 
ATOM   282  N N   . GLU A 1 37  ? -1.153  -7.564  2.277   1.000 19.030 ? 33  GLU A N   1 
ATOM   283  C CA  . GLU A 1 37  ? -0.724  -7.584  0.859   1.000 18.743 ? 33  GLU A CA  1 
ATOM   284  C C   . GLU A 1 37  ? 0.669   -8.203  0.774   1.000 18.264 ? 33  GLU A C   1 
ATOM   285  O O   . GLU A 1 37  ? 0.879   -8.937  -0.189  1.000 19.480 ? 33  GLU A O   1 
ATOM   286  C CB  . GLU A 1 37  ? -0.793  -6.204  0.206   1.000 19.147 ? 33  GLU A CB  1 
ATOM   287  C CG  . GLU A 1 37  ? -2.198  -5.699  0.014   1.000 19.601 ? 33  GLU A CG  1 
ATOM   288  C CD  . GLU A 1 37  ? -2.943  -6.309  -1.153  1.000 20.416 ? 33  GLU A CD  1 
ATOM   289  O OE1 . GLU A 1 37  ? -4.132  -5.994  -1.330  1.000 21.595 ? 33  GLU A OE1 1 
ATOM   290  O OE2 . GLU A 1 37  ? -2.309  -7.064  -1.887  1.000 22.785 ? 33  GLU A OE2 1 
ATOM   291  N N   . SER A 1 38  ? 1.569   -7.979  1.735   1.000 17.887 ? 34  SER A N   1 
ATOM   292  C CA  . SER A 1 38  ? 3.014   -8.256  1.510   1.000 18.240 ? 34  SER A CA  1 
ATOM   293  C C   . SER A 1 38  ? 3.783   -8.704  2.753   1.000 19.950 ? 34  SER A C   1 
ATOM   294  O O   . SER A 1 38  ? 4.994   -8.916  2.601   1.000 23.596 ? 34  SER A O   1 
ATOM   295  C CB  . SER A 1 38  ? 3.670   -7.030  0.963   1.000 18.920 ? 34  SER A CB  1 
ATOM   296  O OG  . SER A 1 38  ? 3.720   -6.014  1.964   1.000 18.953 ? 34  SER A OG  1 
ATOM   297  N N   . SER A 1 39  ? 3.151   -8.818  3.926   1.000 20.138 ? 35  SER A N   1 
ATOM   298  C CA  . SER A 1 39  ? 3.819   -9.004  5.242   1.000 18.562 ? 35  SER A CA  1 
ATOM   299  C C   . SER A 1 39  ? 4.890   -7.928  5.454   1.000 18.546 ? 35  SER A C   1 
ATOM   300  O O   . SER A 1 39  ? 5.987   -8.261  5.938   1.000 18.331 ? 35  SER A O   1 
ATOM   301  C CB  . SER A 1 39  ? 4.377   -10.377 5.354   1.000 18.813 ? 35  SER A CB  1 
ATOM   302  O OG  . SER A 1 39  ? 3.360   -11.320 5.081   1.000 19.298 ? 35  SER A OG  1 
ATOM   303  N N   . PHE A 1 40  ? 4.590   -6.687  5.048   1.000 19.075 ? 36  PHE A N   1 
ATOM   304  C CA  . PHE A 1 40  ? 5.458   -5.482  5.199   1.000 18.139 ? 36  PHE A CA  1 
ATOM   305  C C   . PHE A 1 40  ? 6.841   -5.713  4.572   1.000 18.402 ? 36  PHE A C   1 
ATOM   306  O O   . PHE A 1 40  ? 7.841   -5.098  5.060   1.000 17.106 ? 36  PHE A O   1 
ATOM   307  C CB  . PHE A 1 40  ? 5.658   -5.125  6.672   1.000 16.595 ? 36  PHE A CB  1 
ATOM   308  C CG  . PHE A 1 40  ? 4.421   -5.121  7.520   1.000 16.298 ? 36  PHE A CG  1 
ATOM   309  C CD1 . PHE A 1 40  ? 3.589   -4.004  7.563   1.000 16.769 ? 36  PHE A CD1 1 
ATOM   310  C CD2 . PHE A 1 40  ? 4.098   -6.224  8.292   1.000 16.135 ? 36  PHE A CD2 1 
ATOM   311  C CE1 . PHE A 1 40  ? 2.478   -3.980  8.396   1.000 16.081 ? 36  PHE A CE1 1 
ATOM   312  C CE2 . PHE A 1 40  ? 2.990   -6.198  9.125   1.000 15.270 ? 36  PHE A CE2 1 
ATOM   313  C CZ  . PHE A 1 40  ? 2.183   -5.086  9.171   1.000 15.915 ? 36  PHE A CZ  1 
ATOM   314  N N   . ASN A 1 41  ? 6.889   -6.542  3.527   1.000 20.462 ? 37  ASN A N   1 
ATOM   315  C CA  . ASN A 1 41  ? 8.131   -6.861  2.777   1.000 22.454 ? 37  ASN A CA  1 
ATOM   316  C C   . ASN A 1 41  ? 8.201   -5.968  1.533   1.000 21.342 ? 37  ASN A C   1 
ATOM   317  O O   . ASN A 1 41  ? 7.408   -6.183  0.567   1.000 21.812 ? 37  ASN A O   1 
ATOM   318  C CB  . ASN A 1 41  ? 8.201   -8.359  2.473   1.000 25.573 ? 37  ASN A CB  1 
ATOM   319  C CG  . ASN A 1 41  ? 9.313   -8.727  1.509   1.000 27.836 ? 37  ASN A CG  1 
ATOM   320  O OD1 . ASN A 1 41  ? 10.349  -8.056  1.425   1.000 26.037 ? 37  ASN A OD1 1 
ATOM   321  N ND2 . ASN A 1 41  ? 9.084   -9.803  0.775   1.000 27.702 ? 37  ASN A ND2 1 
ATOM   322  N N   . THR A 1 42  ? 9.140   -5.023  1.543   1.000 21.324 ? 38  THR A N   1 
ATOM   323  C CA  . THR A 1 42  ? 9.309   -3.997  0.481   1.000 22.951 ? 38  THR A CA  1 
ATOM   324  C C   . THR A 1 42  ? 9.698   -4.624  -0.871  1.000 23.314 ? 38  THR A C   1 
ATOM   325  O O   . THR A 1 42  ? 9.569   -3.922  -1.877  1.000 22.240 ? 38  THR A O   1 
ATOM   326  C CB  . THR A 1 42  ? 10.363  -2.954  0.872   1.000 23.490 ? 38  THR A CB  1 
ATOM   327  O OG1 . THR A 1 42  ? 11.653  -3.569  0.966   1.000 21.325 ? 38  THR A OG1 1 
ATOM   328  C CG2 . THR A 1 42  ? 10.012  -2.254  2.166   1.000 23.629 ? 38  THR A CG2 1 
ATOM   329  N N   . ALA A 1 43  ? 10.205  -5.863  -0.890  1.000 24.150 ? 39  ALA A N   1 
ATOM   330  C CA  . ALA A 1 43  ? 10.646  -6.570  -2.115  1.000 23.975 ? 39  ALA A CA  1 
ATOM   331  C C   . ALA A 1 43  ? 9.627   -7.633  -2.540  1.000 24.066 ? 39  ALA A C   1 
ATOM   332  O O   . ALA A 1 43  ? 9.907   -8.307  -3.538  1.000 25.502 ? 39  ALA A O   1 
ATOM   333  C CB  . ALA A 1 43  ? 12.022  -7.161  -1.912  1.000 24.805 ? 39  ALA A CB  1 
ATOM   334  N N   . ALA A 1 44  ? 8.472   -7.741  -1.872  1.000 24.269 ? 40  ALA A N   1 
ATOM   335  C CA  . ALA A 1 44  ? 7.340   -8.600  -2.302  1.000 24.803 ? 40  ALA A CA  1 
ATOM   336  C C   . ALA A 1 44  ? 6.965   -8.290  -3.759  1.000 24.892 ? 40  ALA A C   1 
ATOM   337  O O   . ALA A 1 44  ? 6.894   -7.098  -4.118  1.000 24.977 ? 40  ALA A O   1 
ATOM   338  C CB  . ALA A 1 44  ? 6.165   -8.408  -1.375  1.000 25.504 ? 40  ALA A CB  1 
ATOM   339  N N   . ILE A 1 45  ? 6.794   -9.331  -4.579  1.000 24.558 ? 41  ILE A N   1 
ATOM   340  C CA  . ILE A 1 45  ? 6.498   -9.229  -6.037  1.000 25.963 ? 41  ILE A CA  1 
ATOM   341  C C   . ILE A 1 45  ? 5.704   -10.458 -6.473  1.000 26.976 ? 41  ILE A C   1 
ATOM   342  O O   . ILE A 1 45  ? 6.071   -11.568 -6.061  1.000 28.435 ? 41  ILE A O   1 
ATOM   343  C CB  . ILE A 1 45  ? 7.793   -9.061  -6.862  1.000 27.468 ? 41  ILE A CB  1 
ATOM   344  C CG1 . ILE A 1 45  ? 7.474   -8.603  -8.289  1.000 27.081 ? 41  ILE A CG1 1 
ATOM   345  C CG2 . ILE A 1 45  ? 8.667   -10.322 -6.843  1.000 26.588 ? 41  ILE A CG2 1 
ATOM   346  C CD1 . ILE A 1 45  ? 8.698   -8.391  -9.158  1.000 27.185 ? 41  ILE A CD1 1 
ATOM   347  N N   . ASN A 1 46  ? 4.644   -10.271 -7.259  1.000 27.739 ? 42  ASN A N   1 
ATOM   348  C CA  . ASN A 1 46  ? 3.751   -11.380 -7.674  1.000 28.833 ? 42  ASN A CA  1 
ATOM   349  C C   . ASN A 1 46  ? 3.418   -11.225 -9.152  1.000 28.809 ? 42  ASN A C   1 
ATOM   350  O O   . ASN A 1 46  ? 2.824   -10.186 -9.558  1.000 24.050 ? 42  ASN A O   1 
ATOM   351  C CB  . ASN A 1 46  ? 2.502   -11.476 -6.800  1.000 32.473 ? 42  ASN A CB  1 
ATOM   352  C CG  . ASN A 1 46  ? 2.787   -12.213 -5.507  1.000 37.186 ? 42  ASN A CG  1 
ATOM   353  O OD1 . ASN A 1 46  ? 2.788   -13.447 -5.462  1.000 38.011 ? 42  ASN A OD1 1 
ATOM   354  N ND2 . ASN A 1 46  ? 3.069   -11.459 -4.455  1.000 38.463 ? 42  ASN A ND2 1 
ATOM   355  N N   . ARG A 1 47  ? 3.803   -12.237 -9.919  1.000 30.332 ? 43  ARG A N   1 
ATOM   356  C CA  . ARG A 1 47  ? 3.637   -12.259 -11.383 1.000 32.201 ? 43  ARG A CA  1 
ATOM   357  C C   . ARG A 1 47  ? 2.339   -12.994 -11.657 1.000 31.864 ? 43  ARG A C   1 
ATOM   358  O O   . ARG A 1 47  ? 2.312   -14.198 -11.429 1.000 32.517 ? 43  ARG A O   1 
ATOM   359  C CB  . ARG A 1 47  ? 4.872   -12.862 -12.050 1.000 33.404 ? 43  ARG A CB  1 
ATOM   360  C CG  . ARG A 1 47  ? 6.106   -12.004 -11.829 1.000 36.339 ? 43  ARG A CG  1 
ATOM   361  C CD  . ARG A 1 47  ? 7.361   -12.421 -12.566 1.000 38.846 ? 43  ARG A CD  1 
ATOM   362  N NE  . ARG A 1 47  ? 8.419   -11.496 -12.171 1.000 40.097 ? 43  ARG A NE  1 
ATOM   363  C CZ  . ARG A 1 47  ? 9.221   -11.649 -11.122 1.000 39.546 ? 43  ARG A CZ  1 
ATOM   364  N NH1 . ARG A 1 47  ? 9.132   -12.724 -10.358 1.000 40.284 ? 43  ARG A NH1 1 
ATOM   365  N NH2 . ARG A 1 47  ? 10.130  -10.728 -10.852 1.000 42.065 ? 43  ARG A NH2 1 
ATOM   366  N N   . ASN A 1 48  ? 1.329   -12.268 -12.129 1.000 31.025 ? 44  ASN A N   1 
ATOM   367  C CA  . ASN A 1 48  ? -0.043  -12.795 -12.301 1.000 33.523 ? 44  ASN A CA  1 
ATOM   368  C C   . ASN A 1 48  ? -0.188  -13.509 -13.645 1.000 40.255 ? 44  ASN A C   1 
ATOM   369  O O   . ASN A 1 48  ? 0.719   -13.391 -14.492 1.000 41.465 ? 44  ASN A O   1 
ATOM   370  C CB  . ASN A 1 48  ? -1.040  -11.660 -12.107 1.000 31.483 ? 44  ASN A CB  1 
ATOM   371  C CG  . ASN A 1 48  ? -0.824  -11.066 -10.735 1.000 29.365 ? 44  ASN A CG  1 
ATOM   372  O OD1 . ASN A 1 48  ? -0.550  -11.811 -9.791  1.000 28.502 ? 44  ASN A OD1 1 
ATOM   373  N ND2 . ASN A 1 48  ? -0.841  -9.747  -10.637 1.000 28.067 ? 44  ASN A ND2 1 
ATOM   374  N N   . ARG A 1 49  ? -1.313  -14.212 -13.803 1.000 43.822 ? 45  ARG A N   1 
ATOM   375  C CA  . ARG A 1 49  ? -1.676  -15.009 -15.003 1.000 46.255 ? 45  ARG A CA  1 
ATOM   376  C C   . ARG A 1 49  ? -2.001  -14.100 -16.188 1.000 43.663 ? 45  ARG A C   1 
ATOM   377  O O   . ARG A 1 49  ? -1.935  -14.574 -17.325 1.000 42.247 ? 45  ARG A O   1 
ATOM   378  C CB  . ARG A 1 49  ? -2.884  -15.887 -14.675 1.000 48.440 ? 45  ARG A CB  1 
ATOM   379  C CG  . ARG A 1 49  ? -2.514  -17.048 -13.773 1.000 51.621 ? 45  ARG A CG  1 
ATOM   380  C CD  . ARG A 1 49  ? -2.128  -18.304 -14.543 1.000 51.047 ? 45  ARG A CD  1 
ATOM   381  N NE  . ARG A 1 49  ? -2.014  -19.376 -13.567 1.000 53.226 ? 45  ARG A NE  1 
ATOM   382  C CZ  . ARG A 1 49  ? -3.024  -19.852 -12.847 1.000 48.081 ? 45  ARG A CZ  1 
ATOM   383  N NH1 . ARG A 1 49  ? -4.254  -19.386 -13.013 1.000 45.031 ? 45  ARG A NH1 1 
ATOM   384  N NH2 . ARG A 1 49  ? -2.794  -20.801 -11.959 1.000 49.692 ? 45  ARG A NH2 1 
ATOM   385  N N   . ASN A 1 50  ? -2.344  -12.848 -15.911 1.000 41.748 ? 46  ASN A N   1 
ATOM   386  C CA  . ASN A 1 50  ? -2.847  -11.878 -16.913 1.000 40.642 ? 46  ASN A CA  1 
ATOM   387  C C   . ASN A 1 50  ? -1.680  -11.073 -17.497 1.000 41.473 ? 46  ASN A C   1 
ATOM   388  O O   . ASN A 1 50  ? -1.972  -10.067 -18.199 1.000 39.358 ? 46  ASN A O   1 
ATOM   389  C CB  . ASN A 1 50  ? -3.901  -10.974 -16.276 1.000 39.132 ? 46  ASN A CB  1 
ATOM   390  C CG  . ASN A 1 50  ? -3.302  -9.964  -15.322 1.000 37.488 ? 46  ASN A CG  1 
ATOM   391  O OD1 . ASN A 1 50  ? -3.766  -8.836  -15.265 1.000 37.946 ? 46  ASN A OD1 1 
ATOM   392  N ND2 . ASN A 1 50  ? -2.250  -10.331 -14.611 1.000 36.879 ? 46  ASN A ND2 1 
ATOM   393  N N   . ARG A 1 51  ? -0.437  -11.481 -17.178 1.000 41.160 ? 47  ARG A N   1 
ATOM   394  C CA  . ARG A 1 51  ? 0.863   -10.904 -17.651 1.000 43.601 ? 47  ARG A CA  1 
ATOM   395  C C   . ARG A 1 51  ? 1.226   -9.616  -16.887 1.000 40.812 ? 47  ARG A C   1 
ATOM   396  O O   . ARG A 1 51  ? 2.193   -8.942  -17.292 1.000 45.307 ? 47  ARG A O   1 
ATOM   397  C CB  . ARG A 1 51  ? 0.875   -10.660 -19.169 1.000 46.450 ? 47  ARG A CB  1 
ATOM   398  C CG  . ARG A 1 51  ? 0.975   -11.932 -19.998 1.000 50.997 ? 47  ARG A CG  1 
ATOM   399  C CD  . ARG A 1 51  ? 1.269   -11.724 -21.471 1.000 53.127 ? 47  ARG A CD  1 
ATOM   400  N NE  . ARG A 1 51  ? 1.255   -13.016 -22.145 1.000 58.678 ? 47  ARG A NE  1 
ATOM   401  C CZ  . ARG A 1 51  ? 1.374   -13.216 -23.452 1.000 64.552 ? 47  ARG A CZ  1 
ATOM   402  N NH1 . ARG A 1 51  ? 1.524   -12.189 -24.270 1.000 71.720 ? 47  ARG A NH1 1 
ATOM   403  N NH2 . ARG A 1 51  ? 1.339   -14.448 -23.944 1.000 69.283 ? 47  ARG A NH2 1 
ATOM   404  N N   . SER A 1 52  ? 0.506   -9.275  -15.817 1.000 37.192 ? 48  SER A N   1 
ATOM   405  C CA  . SER A 1 52  ? 0.782   -8.075  -14.992 1.000 34.239 ? 48  SER A CA  1 
ATOM   406  C C   . SER A 1 52  ? 1.560   -8.511  -13.752 1.000 32.068 ? 48  SER A C   1 
ATOM   407  O O   . SER A 1 52  ? 1.676   -9.724  -13.497 1.000 35.628 ? 48  SER A O   1 
ATOM   408  C CB  . SER A 1 52  ? -0.476  -7.338  -14.644 1.000 34.932 ? 48  SER A CB  1 
ATOM   409  O OG  . SER A 1 52  ? -1.213  -8.034  -13.654 1.000 34.431 ? 48  SER A OG  1 
ATOM   410  N N   . THR A 1 53  ? 2.127   -7.557  -13.040 1.000 28.050 ? 49  THR A N   1 
ATOM   411  C CA  . THR A 1 53  ? 2.976   -7.818  -11.855 1.000 26.500 ? 49  THR A CA  1 
ATOM   412  C C   . THR A 1 53  ? 2.517   -6.878  -10.746 1.000 26.316 ? 49  THR A C   1 
ATOM   413  O O   . THR A 1 53  ? 2.206   -5.697  -11.057 1.000 25.570 ? 49  THR A O   1 
ATOM   414  C CB  . THR A 1 53  ? 4.468   -7.666  -12.184 1.000 25.448 ? 49  THR A CB  1 
ATOM   415  O OG1 . THR A 1 53  ? 4.755   -8.667  -13.164 1.000 25.312 ? 49  THR A OG1 1 
ATOM   416  C CG2 . THR A 1 53  ? 5.377   -7.832  -10.985 1.000 23.027 ? 49  THR A CG2 1 
ATOM   417  N N   . ASP A 1 54  ? 2.468   -7.398  -9.518  1.000 26.562 ? 50  ASP A N   1 
ATOM   418  C CA  . ASP A 1 54  ? 2.208   -6.588  -8.298  1.000 23.677 ? 50  ASP A CA  1 
ATOM   419  C C   . ASP A 1 54  ? 3.565   -6.311  -7.632  1.000 23.344 ? 50  ASP A C   1 
ATOM   420  O O   . ASP A 1 54  ? 4.373   -7.278  -7.520  1.000 24.494 ? 50  ASP A O   1 
ATOM   421  C CB  . ASP A 1 54  ? 1.185   -7.332  -7.440  1.000 24.161 ? 50  ASP A CB  1 
ATOM   422  C CG  . ASP A 1 54  ? -0.152  -7.521  -8.137  1.000 23.565 ? 50  ASP A CG  1 
ATOM   423  O OD1 . ASP A 1 54  ? -0.596  -6.555  -8.799  1.000 26.078 ? 50  ASP A OD1 1 
ATOM   424  O OD2 . ASP A 1 54  ? -0.732  -8.627  -8.036  1.000 22.597 ? 50  ASP A OD2 1 
ATOM   425  N N   . TYR A 1 55  ? 3.822   -5.061  -7.220  1.000 19.185 ? 51  TYR A N   1 
ATOM   426  C CA  . TYR A 1 55  ? 5.153   -4.616  -6.733  1.000 18.786 ? 51  TYR A CA  1 
ATOM   427  C C   . TYR A 1 55  ? 5.103   -4.024  -5.315  1.000 18.115 ? 51  TYR A C   1 
ATOM   428  O O   . TYR A 1 55  ? 4.275   -3.138  -5.005  1.000 17.007 ? 51  TYR A O   1 
ATOM   429  C CB  . TYR A 1 55  ? 5.738   -3.562  -7.679  1.000 18.864 ? 51  TYR A CB  1 
ATOM   430  C CG  . TYR A 1 55  ? 6.132   -4.049  -9.052  1.000 19.224 ? 51  TYR A CG  1 
ATOM   431  C CD1 . TYR A 1 55  ? 5.213   -4.086  -10.098 1.000 19.307 ? 51  TYR A CD1 1 
ATOM   432  C CD2 . TYR A 1 55  ? 7.433   -4.464  -9.308  1.000 18.927 ? 51  TYR A CD2 1 
ATOM   433  C CE1 . TYR A 1 55  ? 5.588   -4.500  -11.369 1.000 19.392 ? 51  TYR A CE1 1 
ATOM   434  C CE2 . TYR A 1 55  ? 7.822   -4.893  -10.570 1.000 19.455 ? 51  TYR A CE2 1 
ATOM   435  C CZ  . TYR A 1 55  ? 6.904   -4.880  -11.608 1.000 19.450 ? 51  TYR A CZ  1 
ATOM   436  O OH  . TYR A 1 55  ? 7.285   -5.318  -12.840 1.000 19.583 ? 51  TYR A OH  1 
ATOM   437  N N   . GLY A 1 56  ? 6.052   -4.457  -4.486  1.000 17.691 ? 52  GLY A N   1 
ATOM   438  C CA  . GLY A 1 56  ? 6.394   -3.828  -3.198  1.000 17.720 ? 52  GLY A CA  1 
ATOM   439  C C   . GLY A 1 56  ? 5.406   -4.134  -2.085  1.000 17.506 ? 52  GLY A C   1 
ATOM   440  O O   . GLY A 1 56  ? 4.553   -5.005  -2.245  1.000 18.009 ? 52  GLY A O   1 
ATOM   441  N N   . ILE A 1 57  ? 5.530   -3.379  -0.999  1.000 17.578 ? 53  ILE A N   1 
ATOM   442  C CA  . ILE A 1 57  ? 4.780   -3.503  0.281   1.000 17.748 ? 53  ILE A CA  1 
ATOM   443  C C   . ILE A 1 57  ? 3.269   -3.297  0.056   1.000 18.637 ? 53  ILE A C   1 
ATOM   444  O O   . ILE A 1 57  ? 2.487   -3.851  0.892   1.000 18.676 ? 53  ILE A O   1 
ATOM   445  C CB  . ILE A 1 57  ? 5.364   -2.505  1.300   1.000 18.058 ? 53  ILE A CB  1 
ATOM   446  C CG1 . ILE A 1 57  ? 4.878   -2.798  2.721   1.000 18.226 ? 53  ILE A CG1 1 
ATOM   447  C CG2 . ILE A 1 57  ? 5.089   -1.056  0.892   1.000 17.980 ? 53  ILE A CG2 1 
ATOM   448  C CD1 . ILE A 1 57  ? 5.787   -2.263  3.778   1.000 17.739 ? 53  ILE A CD1 1 
ATOM   449  N N   . PHE A 1 58  ? 2.860   -2.568  -1.004  1.000 17.167 ? 54  PHE A N   1 
ATOM   450  C CA  . PHE A 1 58  ? 1.428   -2.270  -1.322  1.000 17.198 ? 54  PHE A CA  1 
ATOM   451  C C   . PHE A 1 58  ? 0.990   -3.020  -2.586  1.000 18.280 ? 54  PHE A C   1 
ATOM   452  O O   . PHE A 1 58  ? -0.158  -2.783  -3.049  1.000 18.572 ? 54  PHE A O   1 
ATOM   453  C CB  . PHE A 1 58  ? 1.170   -0.761  -1.435  1.000 16.191 ? 54  PHE A CB  1 
ATOM   454  C CG  . PHE A 1 58  ? 1.375   0.023   -0.158  1.000 15.112 ? 54  PHE A CG  1 
ATOM   455  C CD1 . PHE A 1 58  ? 0.772   -0.367  1.028   1.000 15.642 ? 54  PHE A CD1 1 
ATOM   456  C CD2 . PHE A 1 58  ? 2.091   1.200   -0.149  1.000 15.797 ? 54  PHE A CD2 1 
ATOM   457  C CE1 . PHE A 1 58  ? 0.916   0.365   2.192   1.000 15.310 ? 54  PHE A CE1 1 
ATOM   458  C CE2 . PHE A 1 58  ? 2.239   1.941   1.019   1.000 16.154 ? 54  PHE A CE2 1 
ATOM   459  C CZ  . PHE A 1 58  ? 1.662   1.515   2.193   1.000 15.507 ? 54  PHE A CZ  1 
ATOM   460  N N   . GLN A 1 59  ? 1.859   -3.898  -3.116  1.000 17.722 ? 55  GLN A N   1 
ATOM   461  C CA  . GLN A 1 59  ? 1.539   -4.829  -4.224  1.000 16.829 ? 55  GLN A CA  1 
ATOM   462  C C   . GLN A 1 59  ? 0.762   -4.056  -5.289  1.000 16.566 ? 55  GLN A C   1 
ATOM   463  O O   . GLN A 1 59  ? -0.344  -4.459  -5.637  1.000 16.412 ? 55  GLN A O   1 
ATOM   464  C CB  . GLN A 1 59  ? 0.794   -6.035  -3.647  1.000 17.313 ? 55  GLN A CB  1 
ATOM   465  C CG  . GLN A 1 59  ? 1.712   -6.954  -2.855  1.000 16.833 ? 55  GLN A CG  1 
ATOM   466  C CD  . GLN A 1 59  ? 2.651   -7.607  -3.829  1.000 17.777 ? 55  GLN A CD  1 
ATOM   467  O OE1 . GLN A 1 59  ? 2.215   -8.425  -4.645  1.000 17.362 ? 55  GLN A OE1 1 
ATOM   468  N NE2 . GLN A 1 59  ? 3.925   -7.217  -3.776  1.000 16.704 ? 55  GLN A NE2 1 
ATOM   469  N N   . ILE A 1 60  ? 1.349   -2.967  -5.774  1.000 16.450 ? 56  ILE A N   1 
ATOM   470  C CA  . ILE A 1 60  ? 0.758   -2.082  -6.809  1.000 17.313 ? 56  ILE A CA  1 
ATOM   471  C C   . ILE A 1 60  ? 1.036   -2.698  -8.181  1.000 18.550 ? 56  ILE A C   1 
ATOM   472  O O   . ILE A 1 60  ? 2.215   -3.106  -8.432  1.000 18.242 ? 56  ILE A O   1 
ATOM   473  C CB  . ILE A 1 60  ? 1.341   -0.664  -6.681  1.000 18.105 ? 56  ILE A CB  1 
ATOM   474  C CG1 . ILE A 1 60  ? 0.905   0.001   -5.374  1.000 18.051 ? 56  ILE A CG1 1 
ATOM   475  C CG2 . ILE A 1 60  ? 0.958   0.157   -7.899  1.000 18.825 ? 56  ILE A CG2 1 
ATOM   476  C CD1 . ILE A 1 60  ? 1.834   1.048   -4.870  1.000 18.422 ? 56  ILE A CD1 1 
ATOM   477  N N   . ASN A 1 61  ? 0.001   -2.705  -9.028  1.000 18.386 ? 57  ASN A N   1 
ATOM   478  C CA  . ASN A 1 61  ? -0.099  -3.496  -10.283 1.000 18.811 ? 57  ASN A CA  1 
ATOM   479  C C   . ASN A 1 61  ? 0.401   -2.643  -11.452 1.000 18.996 ? 57  ASN A C   1 
ATOM   480  O O   . ASN A 1 61  ? -0.093  -1.492  -11.570 1.000 18.655 ? 57  ASN A O   1 
ATOM   481  C CB  . ASN A 1 61  ? -1.540  -3.969  -10.524 1.000 18.485 ? 57  ASN A CB  1 
ATOM   482  C CG  . ASN A 1 61  ? -1.631  -4.966  -11.663 1.000 19.286 ? 57  ASN A CG  1 
ATOM   483  O OD1 . ASN A 1 61  ? -1.979  -4.594  -12.784 1.000 21.577 ? 57  ASN A OD1 1 
ATOM   484  N ND2 . ASN A 1 61  ? -1.269  -6.216  -11.403 1.000 18.869 ? 57  ASN A ND2 1 
ATOM   485  N N   . ASN A 1 62  ? 1.299   -3.178  -12.299 1.000 20.486 ? 58  ASN A N   1 
ATOM   486  C CA  . ASN A 1 62  ? 1.902   -2.443  -13.460 1.000 23.046 ? 58  ASN A CA  1 
ATOM   487  C C   . ASN A 1 62  ? 0.902   -2.233  -14.621 1.000 26.492 ? 58  ASN A C   1 
ATOM   488  O O   . ASN A 1 62  ? 1.248   -1.477  -15.570 1.000 31.762 ? 58  ASN A O   1 
ATOM   489  C CB  . ASN A 1 62  ? 3.187   -3.101  -13.982 1.000 22.913 ? 58  ASN A CB  1 
ATOM   490  C CG  . ASN A 1 62  ? 3.015   -4.540  -14.419 1.000 22.316 ? 58  ASN A CG  1 
ATOM   491  O OD1 . ASN A 1 62  ? 1.979   -5.147  -14.164 1.000 21.273 ? 58  ASN A OD1 1 
ATOM   492  N ND2 . ASN A 1 62  ? 4.016   -5.083  -15.098 1.000 22.217 ? 58  ASN A ND2 1 
ATOM   493  N N   . LYS A 1 63  ? -0.298  -2.827  -14.583 1.000 29.239 ? 59  LYS A N   1 
ATOM   494  C CA  . LYS A 1 63  ? -1.306  -2.631  -15.664 1.000 28.946 ? 59  LYS A CA  1 
ATOM   495  C C   . LYS A 1 63  ? -1.781  -1.170  -15.687 1.000 27.229 ? 59  LYS A C   1 
ATOM   496  O O   . LYS A 1 63  ? -2.072  -0.711  -16.810 1.000 24.959 ? 59  LYS A O   1 
ATOM   497  C CB  . LYS A 1 63  ? -2.508  -3.581  -15.576 1.000 31.038 ? 59  LYS A CB  1 
ATOM   498  C CG  . LYS A 1 63  ? -3.562  -3.334  -16.657 1.000 34.759 ? 59  LYS A CG  1 
ATOM   499  C CD  . LYS A 1 63  ? -4.325  -4.553  -17.167 1.000 37.007 ? 59  LYS A CD  1 
ATOM   500  C CE  . LYS A 1 63  ? -3.524  -5.342  -18.185 1.000 42.254 ? 59  LYS A CE  1 
ATOM   501  N NZ  . LYS A 1 63  ? -4.371  -5.989  -19.225 1.000 43.659 ? 59  LYS A NZ  1 
ATOM   502  N N   . TYR A 1 64  ? -1.871  -0.475  -14.531 1.000 26.732 ? 60  TYR A N   1 
ATOM   503  C CA  . TYR A 1 64  ? -2.471  0.893   -14.414 1.000 26.475 ? 60  TYR A CA  1 
ATOM   504  C C   . TYR A 1 64  ? -1.505  1.926   -13.808 1.000 23.640 ? 60  TYR A C   1 
ATOM   505  O O   . TYR A 1 64  ? -1.544  3.100   -14.196 1.000 25.101 ? 60  TYR A O   1 
ATOM   506  C CB  . TYR A 1 64  ? -3.750  0.835   -13.564 1.000 31.727 ? 60  TYR A CB  1 
ATOM   507  C CG  . TYR A 1 64  ? -4.684  -0.287  -13.943 1.000 35.404 ? 60  TYR A CG  1 
ATOM   508  C CD1 . TYR A 1 64  ? -5.431  -0.233  -15.118 1.000 34.475 ? 60  TYR A CD1 1 
ATOM   509  C CD2 . TYR A 1 64  ? -4.782  -1.429  -13.157 1.000 37.427 ? 60  TYR A CD2 1 
ATOM   510  C CE1 . TYR A 1 64  ? -6.271  -1.273  -15.487 1.000 35.356 ? 60  TYR A CE1 1 
ATOM   511  C CE2 . TYR A 1 64  ? -5.620  -2.479  -13.514 1.000 38.288 ? 60  TYR A CE2 1 
ATOM   512  C CZ  . TYR A 1 64  ? -6.364  -2.398  -14.681 1.000 36.537 ? 60  TYR A CZ  1 
ATOM   513  O OH  . TYR A 1 64  ? -7.191  -3.418  -15.029 1.000 40.590 ? 60  TYR A OH  1 
ATOM   514  N N   . TRP A 1 65  ? -0.673  1.523   -12.853 1.000 22.361 ? 61  TRP A N   1 
ATOM   515  C CA  . TRP A 1 65  ? -0.169  2.412   -11.774 1.000 21.279 ? 61  TRP A CA  1 
ATOM   516  C C   . TRP A 1 65  ? 1.298   2.771   -11.978 1.000 21.328 ? 61  TRP A C   1 
ATOM   517  O O   . TRP A 1 65  ? 1.634   3.964   -11.818 1.000 22.117 ? 61  TRP A O   1 
ATOM   518  C CB  . TRP A 1 65  ? -0.413  1.773   -10.401 1.000 20.893 ? 61  TRP A CB  1 
ATOM   519  C CG  . TRP A 1 65  ? -1.864  1.489   -10.142 1.000 19.746 ? 61  TRP A CG  1 
ATOM   520  C CD1 . TRP A 1 65  ? -2.433  0.266   -9.948  1.000 19.280 ? 61  TRP A CD1 1 
ATOM   521  C CD2 . TRP A 1 65  ? -2.950  2.436   -10.105 1.000 19.420 ? 61  TRP A CD2 1 
ATOM   522  N NE1 . TRP A 1 65  ? -3.782  0.389   -9.747  1.000 19.467 ? 61  TRP A NE1 1 
ATOM   523  C CE2 . TRP A 1 65  ? -4.130  1.708   -9.846  1.000 19.439 ? 61  TRP A CE2 1 
ATOM   524  C CE3 . TRP A 1 65  ? -3.043  3.819   -10.247 1.000 19.913 ? 61  TRP A CE3 1 
ATOM   525  C CZ2 . TRP A 1 65  ? -5.380  2.313   -9.758  1.000 19.567 ? 61  TRP A CZ2 1 
ATOM   526  C CZ3 . TRP A 1 65  ? -4.274  4.420   -10.127 1.000 19.610 ? 61  TRP A CZ3 1 
ATOM   527  C CH2 . TRP A 1 65  ? -5.425  3.680   -9.896  1.000 19.239 ? 61  TRP A CH2 1 
ATOM   528  N N   . CYS A 1 66  ? 2.140   1.810   -12.348 1.000 22.168 ? 62  CYS A N   1 
ATOM   529  C CA  . CYS A 1 66  ? 3.581   2.060   -12.633 1.000 23.321 ? 62  CYS A CA  1 
ATOM   530  C C   . CYS A 1 66  ? 3.997   1.419   -13.964 1.000 23.302 ? 62  CYS A C   1 
ATOM   531  O O   . CYS A 1 66  ? 3.260   0.531   -14.455 1.000 22.799 ? 62  CYS A O   1 
ATOM   532  C CB  . CYS A 1 66  ? 4.442   1.517   -11.506 1.000 22.517 ? 62  CYS A CB  1 
ATOM   533  S SG  . CYS A 1 66  ? 4.159   -0.250  -11.278 1.000 22.783 ? 62  CYS A SG  1 
ATOM   534  N N   . GLY A 1 67  ? 5.148   1.858   -14.495 1.000 23.217 ? 63  GLY A N   1 
ATOM   535  C CA  . GLY A 1 67  ? 5.881   1.169   -15.572 1.000 25.028 ? 63  GLY A CA  1 
ATOM   536  C C   . GLY A 1 67  ? 5.477   1.671   -16.949 1.000 27.010 ? 63  GLY A C   1 
ATOM   537  O O   . GLY A 1 67  ? 4.366   1.330   -17.369 1.000 30.099 ? 63  GLY A O   1 
ATOM   538  N N   . SER A 1 68  ? 6.354   2.437   -17.615 1.000 30.138 ? 64  SER A N   1 
ATOM   539  C CA  . SER A 1 68  ? 6.224   2.968   -19.008 1.000 32.900 ? 64  SER A CA  1 
ATOM   540  C C   . SER A 1 68  ? 5.890   1.863   -20.025 1.000 34.081 ? 64  SER A C   1 
ATOM   541  O O   . SER A 1 68  ? 5.080   2.118   -20.935 1.000 32.984 ? 64  SER A O   1 
ATOM   542  C CB  . SER A 1 68  ? 7.501   3.662   -19.427 1.000 34.561 ? 64  SER A CB  1 
ATOM   543  O OG  . SER A 1 68  ? 7.566   4.969   -18.881 1.000 37.555 ? 64  SER A OG  1 
ATOM   544  N N   . ASP A 1 69  ? 6.505   0.690   -19.876 1.000 34.814 ? 65  ASP A N   1 
ATOM   545  C CA  . ASP A 1 69  ? 6.606   -0.357  -20.932 1.000 39.433 ? 65  ASP A CA  1 
ATOM   546  C C   . ASP A 1 69  ? 5.347   -1.245  -20.977 1.000 36.554 ? 65  ASP A C   1 
ATOM   547  O O   . ASP A 1 69  ? 5.111   -1.843  -22.031 1.000 39.075 ? 65  ASP A O   1 
ATOM   548  C CB  . ASP A 1 69  ? 7.870   -1.191  -20.720 1.000 41.291 ? 65  ASP A CB  1 
ATOM   549  C CG  . ASP A 1 69  ? 7.899   -1.841  -19.352 1.000 48.578 ? 65  ASP A CG  1 
ATOM   550  O OD1 . ASP A 1 69  ? 8.046   -1.102  -18.347 1.000 55.618 ? 65  ASP A OD1 1 
ATOM   551  O OD2 . ASP A 1 69  ? 7.709   -3.071  -19.294 1.000 60.679 ? 65  ASP A OD2 1 
ATOM   552  N N   . TYR A 1 70  ? 4.544   -1.311  -19.908 1.000 34.787 ? 66  TYR A N   1 
ATOM   553  C CA  . TYR A 1 70  ? 3.373   -2.222  -19.796 1.000 30.587 ? 66  TYR A CA  1 
ATOM   554  C C   . TYR A 1 70  ? 2.150   -1.456  -19.280 1.000 29.450 ? 66  TYR A C   1 
ATOM   555  O O   . TYR A 1 70  ? 2.267   -0.745  -18.271 1.000 33.228 ? 66  TYR A O   1 
ATOM   556  C CB  . TYR A 1 70  ? 3.720   -3.392  -18.875 1.000 30.429 ? 66  TYR A CB  1 
ATOM   557  C CG  . TYR A 1 70  ? 2.636   -4.427  -18.796 1.000 30.867 ? 66  TYR A CG  1 
ATOM   558  C CD1 . TYR A 1 70  ? 1.606   -4.289  -17.881 1.000 31.254 ? 66  TYR A CD1 1 
ATOM   559  C CD2 . TYR A 1 70  ? 2.610   -5.515  -19.658 1.000 32.828 ? 66  TYR A CD2 1 
ATOM   560  C CE1 . TYR A 1 70  ? 0.576   -5.213  -17.816 1.000 32.939 ? 66  TYR A CE1 1 
ATOM   561  C CE2 . TYR A 1 70  ? 1.586   -6.451  -19.601 1.000 33.670 ? 66  TYR A CE2 1 
ATOM   562  C CZ  . TYR A 1 70  ? 0.569   -6.295  -18.675 1.000 32.486 ? 66  TYR A CZ  1 
ATOM   563  O OH  . TYR A 1 70  ? -0.452  -7.179  -18.576 1.000 35.254 ? 66  TYR A OH  1 
ATOM   564  N N   . GLY A 1 71  ? 0.998   -1.631  -19.931 1.000 29.653 ? 67  GLY A N   1 
ATOM   565  C CA  . GLY A 1 71  ? -0.292  -1.028  -19.536 1.000 28.867 ? 67  GLY A CA  1 
ATOM   566  C C   . GLY A 1 71  ? -0.195  0.492   -19.483 1.000 29.021 ? 67  GLY A C   1 
ATOM   567  O O   . GLY A 1 71  ? 0.445   1.066   -20.373 1.000 29.070 ? 67  GLY A O   1 
ATOM   568  N N   . LYS A 1 72  ? -0.793  1.129   -18.472 1.000 27.084 ? 68  LYS A N   1 
ATOM   569  C CA  . LYS A 1 72  ? -0.664  2.584   -18.198 1.000 27.935 ? 68  LYS A CA  1 
ATOM   570  C C   . LYS A 1 72  ? 0.326   2.794   -17.040 1.000 23.644 ? 68  LYS A C   1 
ATOM   571  O O   . LYS A 1 72  ? 0.809   1.804   -16.461 1.000 22.533 ? 68  LYS A O   1 
ATOM   572  C CB  . LYS A 1 72  ? -2.031  3.213   -17.881 1.000 28.544 ? 68  LYS A CB  1 
ATOM   573  C CG  . LYS A 1 72  ? -3.111  3.022   -18.938 1.000 32.097 ? 68  LYS A CG  1 
ATOM   574  C CD  . LYS A 1 72  ? -2.888  3.839   -20.181 1.000 35.530 ? 68  LYS A CD  1 
ATOM   575  C CE  . LYS A 1 72  ? -3.932  3.581   -21.248 1.000 37.783 ? 68  LYS A CE  1 
ATOM   576  N NZ  . LYS A 1 72  ? -3.514  4.066   -22.589 1.000 38.477 ? 68  LYS A NZ  1 
ATOM   577  N N   . ASN A 1 73  ? 0.583   4.064   -16.722 1.000 23.613 ? 69  ASN A N   1 
ATOM   578  C CA  . ASN A 1 73  ? 1.565   4.535   -15.714 1.000 22.945 ? 69  ASN A CA  1 
ATOM   579  C C   . ASN A 1 73  ? 0.962   5.730   -14.952 1.000 21.478 ? 69  ASN A C   1 
ATOM   580  O O   . ASN A 1 73  ? 1.578   6.818   -14.962 1.000 20.662 ? 69  ASN A O   1 
ATOM   581  C CB  . ASN A 1 73  ? 2.896   4.864   -16.407 1.000 21.994 ? 69  ASN A CB  1 
ATOM   582  C CG  . ASN A 1 73  ? 4.065   4.984   -15.451 1.000 21.462 ? 69  ASN A CG  1 
ATOM   583  O OD1 . ASN A 1 73  ? 3.921   4.754   -14.253 1.000 22.065 ? 69  ASN A OD1 1 
ATOM   584  N ND2 . ASN A 1 73  ? 5.227   5.334   -15.966 1.000 22.168 ? 69  ASN A ND2 1 
ATOM   585  N N   . VAL A 1 74  ? -0.187  5.557   -14.291 1.000 21.436 ? 70  VAL A N   1 
ATOM   586  C CA  . VAL A 1 74  ? -0.887  6.720   -13.659 1.000 20.396 ? 70  VAL A CA  1 
ATOM   587  C C   . VAL A 1 74  ? 0.056   7.404   -12.661 1.000 19.540 ? 70  VAL A C   1 
ATOM   588  O O   . VAL A 1 74  ? 0.095   8.637   -12.631 1.000 20.454 ? 70  VAL A O   1 
ATOM   589  C CB  . VAL A 1 74  ? -2.229  6.331   -13.022 1.000 19.815 ? 70  VAL A CB  1 
ATOM   590  C CG1 . VAL A 1 74  ? -2.760  7.421   -12.102 1.000 20.359 ? 70  VAL A CG1 1 
ATOM   591  C CG2 . VAL A 1 74  ? -3.262  6.002   -14.092 1.000 20.393 ? 70  VAL A CG2 1 
ATOM   592  N N   . CYS A 1 75  ? 0.845   6.645   -11.911 1.000 19.612 ? 71  CYS A N   1 
ATOM   593  C CA  . CYS A 1 75  ? 1.755   7.196   -10.868 1.000 19.584 ? 71  CYS A CA  1 
ATOM   594  C C   . CYS A 1 75  ? 3.030   7.771   -11.489 1.000 19.517 ? 71  CYS A C   1 
ATOM   595  O O   . CYS A 1 75  ? 3.835   8.383   -10.720 1.000 16.839 ? 71  CYS A O   1 
ATOM   596  C CB  . CYS A 1 75  ? 2.102   6.143   -9.827  1.000 19.549 ? 71  CYS A CB  1 
ATOM   597  S SG  . CYS A 1 75  ? 0.717   5.753   -8.734  1.000 20.943 ? 71  CYS A SG  1 
ATOM   598  N N   . LYS A 1 76  ? 3.207   7.570   -12.805 1.000 20.714 ? 72  LYS A N   1 
ATOM   599  C CA  . LYS A 1 76  ? 4.319   8.149   -13.605 1.000 22.089 ? 72  LYS A CA  1 
ATOM   600  C C   . LYS A 1 76  ? 5.643   7.771   -12.949 1.000 21.169 ? 72  LYS A C   1 
ATOM   601  O O   . LYS A 1 76  ? 6.447   8.665   -12.664 1.000 21.671 ? 72  LYS A O   1 
ATOM   602  C CB  . LYS A 1 76  ? 4.122   9.663   -13.755 1.000 22.270 ? 72  LYS A CB  1 
ATOM   603  C CG  . LYS A 1 76  ? 2.980   10.020  -14.702 1.000 25.552 ? 72  LYS A CG  1 
ATOM   604  C CD  . LYS A 1 76  ? 3.219   9.573   -16.154 1.000 27.312 ? 72  LYS A CD  1 
ATOM   605  C CE  . LYS A 1 76  ? 2.019   8.939   -16.851 1.000 29.327 ? 72  LYS A CE  1 
ATOM   606  N NZ  . LYS A 1 76  ? 1.044   9.946   -17.338 1.000 30.774 ? 72  LYS A NZ  1 
ATOM   607  N N   . ILE A 1 77  ? 5.822   6.479   -12.707 1.000 20.920 ? 73  ILE A N   1 
ATOM   608  C CA  . ILE A 1 77  ? 6.976   5.930   -11.953 1.000 21.240 ? 73  ILE A CA  1 
ATOM   609  C C   . ILE A 1 77  ? 7.302   4.548   -12.522 1.000 20.020 ? 73  ILE A C   1 
ATOM   610  O O   . ILE A 1 77  ? 6.385   3.788   -12.875 1.000 19.164 ? 73  ILE A O   1 
ATOM   611  C CB  . ILE A 1 77  ? 6.642   5.933   -10.442 1.000 23.319 ? 73  ILE A CB  1 
ATOM   612  C CG1 . ILE A 1 77  ? 7.896   5.872   -9.575  1.000 23.306 ? 73  ILE A CG1 1 
ATOM   613  C CG2 . ILE A 1 77  ? 5.664   4.826   -10.066 1.000 23.942 ? 73  ILE A CG2 1 
ATOM   614  C CD1 . ILE A 1 77  ? 8.604   7.184   -9.461  1.000 24.717 ? 73  ILE A CD1 1 
ATOM   615  N N   . PRO A 1 78  ? 8.616   4.226   -12.674 1.000 18.951 ? 74  PRO A N   1 
ATOM   616  C CA  . PRO A 1 78  ? 9.053   2.846   -12.847 1.000 20.060 ? 74  PRO A CA  1 
ATOM   617  C C   . PRO A 1 78  ? 8.660   1.985   -11.622 1.000 20.793 ? 74  PRO A C   1 
ATOM   618  O O   . PRO A 1 78  ? 8.916   2.393   -10.463 1.000 19.507 ? 74  PRO A O   1 
ATOM   619  C CB  . PRO A 1 78  ? 10.589  2.899   -12.998 1.000 19.429 ? 74  PRO A CB  1 
ATOM   620  C CG  . PRO A 1 78  ? 11.004  4.305   -12.613 1.000 19.111 ? 74  PRO A CG  1 
ATOM   621  C CD  . PRO A 1 78  ? 9.751   5.159   -12.575 1.000 19.032 ? 74  PRO A CD  1 
ATOM   622  N N   . CYS A 1 79  ? 8.094   0.802   -11.892 1.000 20.659 ? 75  CYS A N   1 
ATOM   623  C CA  . CYS A 1 79  ? 7.574   -0.131  -10.862 1.000 22.842 ? 75  CYS A CA  1 
ATOM   624  C C   . CYS A 1 79  ? 8.682   -0.463  -9.856  1.000 22.050 ? 75  CYS A C   1 
ATOM   625  O O   . CYS A 1 79  ? 8.357   -0.548  -8.672  1.000 21.224 ? 75  CYS A O   1 
ATOM   626  C CB  . CYS A 1 79  ? 6.982   -1.385  -11.495 1.000 23.713 ? 75  CYS A CB  1 
ATOM   627  S SG  . CYS A 1 79  ? 5.549   -1.058  -12.558 1.000 23.046 ? 75  CYS A SG  1 
ATOM   628  N N   . SER A 1 80  ? 9.941   -0.551  -10.292 1.000 23.664 ? 76  SER A N   1 
ATOM   629  C CA  . SER A 1 80  ? 11.130  -0.806  -9.419  1.000 25.983 ? 76  SER A CA  1 
ATOM   630  C C   . SER A 1 80  ? 11.146  0.202   -8.261  1.000 25.900 ? 76  SER A C   1 
ATOM   631  O O   . SER A 1 80  ? 11.498  -0.211  -7.122  1.000 27.958 ? 76  SER A O   1 
ATOM   632  C CB  . SER A 1 80  ? 12.446  -0.783  -10.186 1.000 24.170 ? 76  SER A CB  1 
ATOM   633  O OG  . SER A 1 80  ? 12.608  0.452   -10.871 1.000 26.367 ? 76  SER A OG  1 
ATOM   634  N N   . ASP A 1 81  ? 10.695  1.440   -8.507  1.000 25.713 ? 77  ASP A N   1 
ATOM   635  C CA  . ASP A 1 81  ? 10.706  2.509   -7.474  1.000 26.982 ? 77  ASP A CA  1 
ATOM   636  C C   . ASP A 1 81  ? 9.737   2.158   -6.333  1.000 25.776 ? 77  ASP A C   1 
ATOM   637  O O   . ASP A 1 81  ? 9.882   2.716   -5.229  1.000 23.836 ? 77  ASP A O   1 
ATOM   638  C CB  . ASP A 1 81  ? 10.407  3.875   -8.097  1.000 28.784 ? 77  ASP A CB  1 
ATOM   639  C CG  . ASP A 1 81  ? 11.595  4.514   -8.812  1.000 28.488 ? 77  ASP A CG  1 
ATOM   640  O OD1 . ASP A 1 81  ? 12.725  4.130   -8.532  1.000 29.369 ? 77  ASP A OD1 1 
ATOM   641  O OD2 . ASP A 1 81  ? 11.369  5.383   -9.648  1.000 30.286 ? 77  ASP A OD2 1 
ATOM   642  N N   . LEU A 1 82  ? 8.772   1.279   -6.590  1.000 28.310 ? 78  LEU A N   1 
ATOM   643  C CA  . LEU A 1 82  ? 7.770   0.816   -5.594  1.000 30.285 ? 78  LEU A CA  1 
ATOM   644  C C   . LEU A 1 82  ? 8.293   -0.427  -4.879  1.000 32.328 ? 78  LEU A C   1 
ATOM   645  O O   . LEU A 1 82  ? 7.561   -0.934  -4.010  1.000 39.851 ? 78  LEU A O   1 
ATOM   646  C CB  . LEU A 1 82  ? 6.454   0.536   -6.322  1.000 30.576 ? 78  LEU A CB  1 
ATOM   647  C CG  . LEU A 1 82  ? 5.924   1.719   -7.127  1.000 32.767 ? 78  LEU A CG  1 
ATOM   648  C CD1 . LEU A 1 82  ? 4.492   1.457   -7.564  1.000 34.611 ? 78  LEU A CD1 1 
ATOM   649  C CD2 . LEU A 1 82  ? 6.029   3.027   -6.333  1.000 31.899 ? 78  LEU A CD2 1 
ATOM   650  N N   . MET A 1 83  ? 9.513   -0.873  -5.218  1.000 32.795 ? 79  MET A N   1 
ATOM   651  C CA  . MET A 1 83  ? 10.134  -2.076  -4.613  1.000 33.547 ? 79  MET A CA  1 
ATOM   652  C C   . MET A 1 83  ? 11.490  -1.668  -4.035  1.000 32.073 ? 79  MET A C   1 
ATOM   653  O O   . MET A 1 83  ? 12.514  -2.059  -4.580  1.000 40.772 ? 79  MET A O   1 
ATOM   654  C CB  . MET A 1 83  ? 10.297  -3.166  -5.674  1.000 37.240 ? 79  MET A CB  1 
ATOM   655  C CG  . MET A 1 83  ? 10.441  -4.545  -5.098  1.000 37.564 ? 79  MET A CG  1 
ATOM   656  S SD  . MET A 1 83  ? 9.684   -5.743  -6.191  1.000 41.841 ? 79  MET A SD  1 
ATOM   657  C CE  . MET A 1 83  ? 10.434  -5.246  -7.742  1.000 41.253 ? 79  MET A CE  1 
ATOM   658  N N   . SER A 1 84  ? 11.467  -0.865  -2.983  1.000 27.000 ? 80  SER A N   1 
ATOM   659  C CA  . SER A 1 84  ? 12.634  -0.152  -2.420  1.000 23.914 ? 80  SER A CA  1 
ATOM   660  C C   . SER A 1 84  ? 12.562  -0.195  -0.882  1.000 23.729 ? 80  SER A C   1 
ATOM   661  O O   . SER A 1 84  ? 11.436  -0.294  -0.321  1.000 21.928 ? 80  SER A O   1 
ATOM   662  C CB  . SER A 1 84  ? 12.653  1.247   -2.945  1.000 21.822 ? 80  SER A CB  1 
ATOM   663  O OG  . SER A 1 84  ? 13.536  2.059   -2.205  1.000 22.594 ? 80  SER A OG  1 
ATOM   664  N N   . ASP A 1 85  ? 13.723  -0.169  -0.233  1.000 21.595 ? 81  ASP A N   1 
ATOM   665  C CA  . ASP A 1 85  ? 13.857  -0.060  1.239   1.000 23.631 ? 81  ASP A CA  1 
ATOM   666  C C   . ASP A 1 85  ? 13.162  1.240   1.673   1.000 22.571 ? 81  ASP A C   1 
ATOM   667  O O   . ASP A 1 85  ? 12.511  1.236   2.716   1.000 25.450 ? 81  ASP A O   1 
ATOM   668  C CB  . ASP A 1 85  ? 15.332  -0.114  1.644   1.000 25.183 ? 81  ASP A CB  1 
ATOM   669  C CG  . ASP A 1 85  ? 15.957  -1.496  1.608   1.000 26.878 ? 81  ASP A CG  1 
ATOM   670  O OD1 . ASP A 1 85  ? 15.277  -2.473  1.184   1.000 25.816 ? 81  ASP A OD1 1 
ATOM   671  O OD2 . ASP A 1 85  ? 17.129  -1.589  2.025   1.000 31.705 ? 81  ASP A OD2 1 
ATOM   672  N N   . ASP A 1 86  ? 13.266  2.289   0.851   1.000 20.923 ? 82  ASP A N   1 
ATOM   673  C CA  . ASP A 1 86  ? 12.599  3.599   1.033   1.000 19.583 ? 82  ASP A CA  1 
ATOM   674  C C   . ASP A 1 86  ? 11.204  3.598   0.383   1.000 19.035 ? 82  ASP A C   1 
ATOM   675  O O   . ASP A 1 86  ? 11.138  3.481   -0.865  1.000 17.616 ? 82  ASP A O   1 
ATOM   676  C CB  . ASP A 1 86  ? 13.469  4.702   0.450   1.000 19.427 ? 82  ASP A CB  1 
ATOM   677  C CG  . ASP A 1 86  ? 12.874  6.069   0.651   1.000 19.995 ? 82  ASP A CG  1 
ATOM   678  O OD1 . ASP A 1 86  ? 11.767  6.330   0.109   1.000 22.363 ? 82  ASP A OD1 1 
ATOM   679  O OD2 . ASP A 1 86  ? 13.507  6.844   1.358   1.000 22.030 ? 82  ASP A OD2 1 
ATOM   680  N N   . ILE A 1 87  ? 10.156  3.859   1.187   1.000 17.083 ? 83  ILE A N   1 
ATOM   681  C CA  . ILE A 1 87  ? 8.722   3.654   0.820   1.000 17.828 ? 83  ILE A CA  1 
ATOM   682  C C   . ILE A 1 87  ? 8.116   4.948   0.285   1.000 17.860 ? 83  ILE A C   1 
ATOM   683  O O   . ILE A 1 87  ? 6.921   4.934   -0.083  1.000 18.516 ? 83  ILE A O   1 
ATOM   684  C CB  . ILE A 1 87  ? 7.906   3.141   2.024   1.000 17.044 ? 83  ILE A CB  1 
ATOM   685  C CG1 . ILE A 1 87  ? 7.863   4.172   3.162   1.000 17.731 ? 83  ILE A CG1 1 
ATOM   686  C CG2 . ILE A 1 87  ? 8.468   1.809   2.470   1.000 17.208 ? 83  ILE A CG2 1 
ATOM   687  C CD1 . ILE A 1 87  ? 6.554   4.252   3.907   1.000 18.111 ? 83  ILE A CD1 1 
ATOM   688  N N   . THR A 1 88  ? 8.863   6.044   0.279   1.000 17.093 ? 84  THR A N   1 
ATOM   689  C CA  . THR A 1 88  ? 8.313   7.335   -0.221  1.000 17.430 ? 84  THR A CA  1 
ATOM   690  C C   . THR A 1 88  ? 7.425   7.112   -1.463  1.000 17.681 ? 84  THR A C   1 
ATOM   691  O O   . THR A 1 88  ? 6.245   7.555   -1.432  1.000 18.812 ? 84  THR A O   1 
ATOM   692  C CB  . THR A 1 88  ? 9.418   8.379   -0.436  1.000 16.444 ? 84  THR A CB  1 
ATOM   693  O OG1 . THR A 1 88  ? 10.168  8.451   0.785   1.000 15.092 ? 84  THR A OG1 1 
ATOM   694  C CG2 . THR A 1 88  ? 8.848   9.737   -0.789  1.000 15.998 ? 84  THR A CG2 1 
ATOM   695  N N   . GLU A 1 89  ? 7.950   6.516   -2.538  1.000 18.508 ? 85  GLU A N   1 
ATOM   696  C CA  . GLU A 1 89  ? 7.223   6.480   -3.842  1.000 18.478 ? 85  GLU A CA  1 
ATOM   697  C C   . GLU A 1 89  ? 6.055   5.490   -3.742  1.000 17.416 ? 85  GLU A C   1 
ATOM   698  O O   . GLU A 1 89  ? 5.002   5.758   -4.358  1.000 17.219 ? 85  GLU A O   1 
ATOM   699  C CB  . GLU A 1 89  ? 8.162   6.080   -4.974  1.000 19.667 ? 85  GLU A CB  1 
ATOM   700  C CG  . GLU A 1 89  ? 9.267   7.078   -5.232  1.000 19.927 ? 85  GLU A CG  1 
ATOM   701  C CD  . GLU A 1 89  ? 8.857   8.322   -5.994  1.000 20.349 ? 85  GLU A CD  1 
ATOM   702  O OE1 . GLU A 1 89  ? 9.787   8.980   -6.497  1.000 21.560 ? 85  GLU A OE1 1 
ATOM   703  O OE2 . GLU A 1 89  ? 7.630   8.621   -6.101  1.000 18.060 ? 85  GLU A OE2 1 
ATOM   704  N N   . ALA A 1 90  ? 6.244   4.388   -3.000  1.000 15.981 ? 86  ALA A N   1 
ATOM   705  C CA  . ALA A 1 90  ? 5.186   3.393   -2.705  1.000 15.404 ? 86  ALA A CA  1 
ATOM   706  C C   . ALA A 1 90  ? 4.009   4.132   -2.075  1.000 15.043 ? 86  ALA A C   1 
ATOM   707  O O   . ALA A 1 90  ? 2.885   4.025   -2.609  1.000 14.804 ? 86  ALA A O   1 
ATOM   708  C CB  . ALA A 1 90  ? 5.698   2.284   -1.810  1.000 14.813 ? 86  ALA A CB  1 
ATOM   709  N N   . LEU A 1 91  ? 4.290   4.936   -1.046  1.000 14.800 ? 87  LEU A N   1 
ATOM   710  C CA  . LEU A 1 91  ? 3.245   5.683   -0.312  1.000 15.700 ? 87  LEU A CA  1 
ATOM   711  C C   . LEU A 1 91  ? 2.633   6.720   -1.265  1.000 17.406 ? 87  LEU A C   1 
ATOM   712  O O   . LEU A 1 91  ? 1.367   6.726   -1.419  1.000 16.455 ? 87  LEU A O   1 
ATOM   713  C CB  . LEU A 1 91  ? 3.892   6.290   0.933   1.000 15.804 ? 87  LEU A CB  1 
ATOM   714  C CG  . LEU A 1 91  ? 2.986   7.133   1.833   1.000 15.603 ? 87  LEU A CG  1 
ATOM   715  C CD1 . LEU A 1 91  ? 1.737   6.365   2.272   1.000 15.397 ? 87  LEU A CD1 1 
ATOM   716  C CD2 . LEU A 1 91  ? 3.765   7.616   3.036   1.000 14.880 ? 87  LEU A CD2 1 
ATOM   717  N N   . ARG A 1 92  ? 3.480   7.531   -1.926  1.000 18.134 ? 88  ARG A N   1 
ATOM   718  C CA  . ARG A 1 92  ? 2.978   8.578   -2.847  1.000 18.820 ? 88  ARG A CA  1 
ATOM   719  C C   . ARG A 1 92  ? 2.001   7.912   -3.833  1.000 18.831 ? 88  ARG A C   1 
ATOM   720  O O   . ARG A 1 92  ? 0.865   8.429   -4.004  1.000 17.502 ? 88  ARG A O   1 
ATOM   721  C CB  . ARG A 1 92  ? 4.141   9.311   -3.514  1.000 20.952 ? 88  ARG A CB  1 
ATOM   722  C CG  . ARG A 1 92  ? 3.726   10.539  -4.316  1.000 23.029 ? 88  ARG A CG  1 
ATOM   723  C CD  . ARG A 1 92  ? 4.939   11.298  -4.849  1.000 24.605 ? 88  ARG A CD  1 
ATOM   724  N NE  . ARG A 1 92  ? 5.639   11.935  -3.737  1.000 26.821 ? 88  ARG A NE  1 
ATOM   725  C CZ  . ARG A 1 92  ? 6.949   11.848  -3.481  1.000 27.961 ? 88  ARG A CZ  1 
ATOM   726  N NH1 . ARG A 1 92  ? 7.762   11.203  -4.301  1.000 29.866 ? 88  ARG A NH1 1 
ATOM   727  N NH2 . ARG A 1 92  ? 7.460   12.460  -2.428  1.000 27.091 ? 88  ARG A NH2 1 
ATOM   728  N N   . CYS A 1 93  ? 2.374   6.752   -4.390  1.000 18.042 ? 89  CYS A N   1 
ATOM   729  C CA  . CYS A 1 93  ? 1.563   6.081   -5.437  1.000 18.304 ? 89  CYS A CA  1 
ATOM   730  C C   . CYS A 1 93  ? 0.302   5.440   -4.823  1.000 18.810 ? 89  CYS A C   1 
ATOM   731  O O   . CYS A 1 93  ? -0.811  5.503   -5.465  1.000 18.704 ? 89  CYS A O   1 
ATOM   732  C CB  . CYS A 1 93  ? 2.395   5.072   -6.212  1.000 18.709 ? 89  CYS A CB  1 
ATOM   733  S SG  . CYS A 1 93  ? 1.467   4.260   -7.535  1.000 19.041 ? 89  CYS A SG  1 
ATOM   734  N N   . ALA A 1 94  ? 0.412   4.862   -3.624  1.000 18.269 ? 90  ALA A N   1 
ATOM   735  C CA  . ALA A 1 94  ? -0.769  4.303   -2.915  1.000 17.799 ? 90  ALA A CA  1 
ATOM   736  C C   . ALA A 1 94  ? -1.769  5.445   -2.659  1.000 17.609 ? 90  ALA A C   1 
ATOM   737  O O   . ALA A 1 94  ? -2.968  5.265   -2.918  1.000 15.880 ? 90  ALA A O   1 
ATOM   738  C CB  . ALA A 1 94  ? -0.362  3.565   -1.647  1.000 17.544 ? 90  ALA A CB  1 
ATOM   739  N N   . GLU A 1 95  ? -1.311  6.624   -2.242  1.000 17.712 ? 91  GLU A N   1 
ATOM   740  C CA  . GLU A 1 95  ? -2.248  7.754   -1.984  1.000 17.632 ? 91  GLU A CA  1 
ATOM   741  C C   . GLU A 1 95  ? -2.948  8.177   -3.276  1.000 18.429 ? 91  GLU A C   1 
ATOM   742  O O   . GLU A 1 95  ? -4.103  8.641   -3.184  1.000 17.509 ? 91  GLU A O   1 
ATOM   743  C CB  . GLU A 1 95  ? -1.500  8.938   -1.392  1.000 18.449 ? 91  GLU A CB  1 
ATOM   744  C CG  . GLU A 1 95  ? -1.066  8.657   0.032   1.000 20.846 ? 91  GLU A CG  1 
ATOM   745  C CD  . GLU A 1 95  ? -0.280  9.773   0.691   1.000 21.494 ? 91  GLU A CD  1 
ATOM   746  O OE1 . GLU A 1 95  ? -0.303  9.856   1.922   1.000 21.864 ? 91  GLU A OE1 1 
ATOM   747  O OE2 . GLU A 1 95  ? 0.360   10.534  -0.041  1.000 25.471 ? 91  GLU A OE2 1 
ATOM   748  N N   . THR A 1 96  ? -2.256  8.113   -4.419  1.000 18.039 ? 92  THR A N   1 
ATOM   749  C CA  . THR A 1 96  ? -2.859  8.363   -5.758  1.000 18.753 ? 92  THR A CA  1 
ATOM   750  C C   . THR A 1 96  ? -3.886  7.270   -6.098  1.000 18.114 ? 92  THR A C   1 
ATOM   751  O O   . THR A 1 96  ? -4.962  7.613   -6.676  1.000 16.892 ? 92  THR A O   1 
ATOM   752  C CB  . THR A 1 96  ? -1.781  8.418   -6.845  1.000 19.318 ? 92  THR A CB  1 
ATOM   753  O OG1 . THR A 1 96  ? -0.969  9.524   -6.484  1.000 19.043 ? 92  THR A OG1 1 
ATOM   754  C CG2 . THR A 1 96  ? -2.329  8.595   -8.248  1.000 20.751 ? 92  THR A CG2 1 
ATOM   755  N N   . ILE A 1 97  ? -3.549  5.998   -5.829  1.000 18.518 ? 93  ILE A N   1 
ATOM   756  C CA  . ILE A 1 97  ? -4.504  4.869   -6.059  1.000 18.805 ? 93  ILE A CA  1 
ATOM   757  C C   . ILE A 1 97  ? -5.755  5.116   -5.201  1.000 18.807 ? 93  ILE A C   1 
ATOM   758  O O   . ILE A 1 97  ? -6.873  5.063   -5.757  1.000 19.767 ? 93  ILE A O   1 
ATOM   759  C CB  . ILE A 1 97  ? -3.844  3.510   -5.775  1.000 19.923 ? 93  ILE A CB  1 
ATOM   760  C CG1 . ILE A 1 97  ? -2.749  3.212   -6.808  1.000 19.093 ? 93  ILE A CG1 1 
ATOM   761  C CG2 . ILE A 1 97  ? -4.881  2.389   -5.696  1.000 19.708 ? 93  ILE A CG2 1 
ATOM   762  C CD1 . ILE A 1 97  ? -1.897  2.038   -6.462  1.000 18.090 ? 93  ILE A CD1 1 
ATOM   763  N N   . ARG A 1 98  ? -5.577  5.415   -3.915  1.000 17.758 ? 94  ARG A N   1 
ATOM   764  C CA  . ARG A 1 98  ? -6.675  5.789   -2.984  1.000 19.034 ? 94  ARG A CA  1 
ATOM   765  C C   . ARG A 1 98  ? -7.428  7.019   -3.516  1.000 19.297 ? 94  ARG A C   1 
ATOM   766  O O   . ARG A 1 98  ? -8.657  6.988   -3.528  1.000 19.033 ? 94  ARG A O   1 
ATOM   767  C CB  . ARG A 1 98  ? -6.148  6.093   -1.576  1.000 17.880 ? 94  ARG A CB  1 
ATOM   768  C CG  . ARG A 1 98  ? -7.248  6.088   -0.520  1.000 17.516 ? 94  ARG A CG  1 
ATOM   769  C CD  . ARG A 1 98  ? -6.806  6.614   0.840   1.000 17.232 ? 94  ARG A CD  1 
ATOM   770  N NE  . ARG A 1 98  ? -6.201  7.922   0.700   1.000 16.317 ? 94  ARG A NE  1 
ATOM   771  C CZ  . ARG A 1 98  ? -5.160  8.369   1.388   1.000 17.222 ? 94  ARG A CZ  1 
ATOM   772  N NH1 . ARG A 1 98  ? -4.583  7.605   2.304   1.000 17.918 ? 94  ARG A NH1 1 
ATOM   773  N NH2 . ARG A 1 98  ? -4.683  9.584   1.139   1.000 16.382 ? 94  ARG A NH2 1 
ATOM   774  N N   . ARG A 1 99  ? -6.725  8.064   -3.950  1.000 20.382 ? 95  ARG A N   1 
ATOM   775  C CA  . ARG A 1 99  ? -7.372  9.310   -4.445  1.000 21.670 ? 95  ARG A CA  1 
ATOM   776  C C   . ARG A 1 99  ? -8.240  8.958   -5.661  1.000 22.218 ? 95  ARG A C   1 
ATOM   777  O O   . ARG A 1 99  ? -9.446  9.304   -5.633  1.000 21.924 ? 95  ARG A O   1 
ATOM   778  C CB  . ARG A 1 99  ? -6.355  10.416  -4.739  1.000 22.478 ? 95  ARG A CB  1 
ATOM   779  C CG  . ARG A 1 99  ? -6.996  11.751  -5.104  1.000 23.720 ? 95  ARG A CG  1 
ATOM   780  C CD  . ARG A 1 99  ? -6.019  12.882  -5.340  1.000 25.851 ? 95  ARG A CD  1 
ATOM   781  N NE  . ARG A 1 99  ? -4.697  12.421  -5.768  1.000 31.612 ? 95  ARG A NE  1 
ATOM   782  C CZ  . ARG A 1 99  ? -3.638  12.205  -4.968  1.000 33.504 ? 95  ARG A CZ  1 
ATOM   783  N NH1 . ARG A 1 99  ? -3.697  12.419  -3.663  1.000 36.541 ? 95  ARG A NH1 1 
ATOM   784  N NH2 . ARG A 1 99  ? -2.497  11.786  -5.482  1.000 33.328 ? 95  ARG A NH2 1 
ATOM   785  N N   . ASP A 1 100 ? -7.694  8.266   -6.664  1.000 21.823 ? 96  ASP A N   1 
ATOM   786  C CA  . ASP A 1 100 ? -8.456  7.998   -7.921  1.000 22.749 ? 96  ASP A CA  1 
ATOM   787  C C   . ASP A 1 100 ? -9.648  7.067   -7.653  1.000 22.351 ? 96  ASP A C   1 
ATOM   788  O O   . ASP A 1 100 ? -10.774 7.349   -8.164  1.000 19.210 ? 96  ASP A O   1 
ATOM   789  C CB  . ASP A 1 100 ? -7.541  7.417   -9.001  1.000 24.206 ? 96  ASP A CB  1 
ATOM   790  C CG  . ASP A 1 100 ? -6.572  8.461   -9.544  1.000 25.210 ? 96  ASP A CG  1 
ATOM   791  O OD1 . ASP A 1 100 ? -6.510  9.578   -8.975  1.000 22.773 ? 96  ASP A OD1 1 
ATOM   792  O OD2 . ASP A 1 100 ? -5.887  8.152   -10.542 1.000 31.533 ? 96  ASP A OD2 1 
ATOM   793  N N   . THR A 1 101 ? -9.416  5.996   -6.887  1.000 21.510 ? 97  THR A N   1 
ATOM   794  C CA  . THR A 1 101 ? -10.464 5.011   -6.526  1.000 23.068 ? 97  THR A CA  1 
ATOM   795  C C   . THR A 1 101 ? -11.616 5.766   -5.862  1.000 25.301 ? 97  THR A C   1 
ATOM   796  O O   . THR A 1 101 ? -12.764 5.549   -6.282  1.000 26.998 ? 97  THR A O   1 
ATOM   797  C CB  . THR A 1 101 ? -9.931  3.889   -5.628  1.000 21.839 ? 97  THR A CB  1 
ATOM   798  O OG1 . THR A 1 101 ? -8.948  3.182   -6.375  1.000 22.449 ? 97  THR A OG1 1 
ATOM   799  C CG2 . THR A 1 101 ? -11.004 2.920   -5.187  1.000 22.039 ? 97  THR A CG2 1 
ATOM   800  N N   . GLU A 1 102 ? -11.320 6.620   -4.880  1.000 25.696 ? 98  GLU A N   1 
ATOM   801  C CA  . GLU A 1 102 ? -12.358 7.404   -4.172  1.000 29.691 ? 98  GLU A CA  1 
ATOM   802  C C   . GLU A 1 102 ? -13.123 8.241   -5.204  1.000 30.522 ? 98  GLU A C   1 
ATOM   803  O O   . GLU A 1 102 ? -14.360 8.247   -5.155  1.000 28.620 ? 98  GLU A O   1 
ATOM   804  C CB  . GLU A 1 102 ? -11.721 8.265   -3.082  1.000 34.316 ? 98  GLU A CB  1 
ATOM   805  C CG  . GLU A 1 102 ? -12.707 9.204   -2.409  1.000 38.950 ? 98  GLU A CG  1 
ATOM   806  C CD  . GLU A 1 102 ? -12.319 9.618   -1.004  1.000 44.613 ? 98  GLU A CD  1 
ATOM   807  O OE1 . GLU A 1 102 ? -11.328 10.366  -0.862  1.000 48.822 ? 98  GLU A OE1 1 
ATOM   808  O OE2 . GLU A 1 102 ? -13.010 9.188   -0.052  1.000 49.449 ? 98  GLU A OE2 1 
ATOM   809  N N   . ARG A 1 103 ? -12.395 8.891   -6.116  1.000 34.632 ? 99  ARG A N   1 
ATOM   810  C CA  . ARG A 1 103 ? -12.935 9.728   -7.218  1.000 36.338 ? 99  ARG A CA  1 
ATOM   811  C C   . ARG A 1 103 ? -14.078 8.991   -7.920  1.000 37.981 ? 99  ARG A C   1 
ATOM   812  O O   . ARG A 1 103 ? -15.187 9.547   -7.937  1.000 38.293 ? 99  ARG A O   1 
ATOM   813  C CB  . ARG A 1 103 ? -11.800 10.117  -8.170  1.000 41.068 ? 99  ARG A CB  1 
ATOM   814  C CG  . ARG A 1 103 ? -12.224 10.637  -9.535  1.000 45.461 ? 99  ARG A CG  1 
ATOM   815  C CD  . ARG A 1 103 ? -11.657 12.014  -9.827  1.000 52.971 ? 99  ARG A CD  1 
ATOM   816  N NE  . ARG A 1 103 ? -12.423 13.013  -9.086  1.000 59.753 ? 99  ARG A NE  1 
ATOM   817  C CZ  . ARG A 1 103 ? -12.193 14.325  -9.078  1.000 63.622 ? 99  ARG A CZ  1 
ATOM   818  N NH1 . ARG A 1 103 ? -11.197 14.844  -9.784  1.000 65.538 ? 99  ARG A NH1 1 
ATOM   819  N NH2 . ARG A 1 103 ? -12.972 15.115  -8.355  1.000 64.275 ? 99  ARG A NH2 1 
ATOM   820  N N   . PHE A 1 104 ? -13.831 7.782   -8.436  1.000 41.815 ? 100 PHE A N   1 
ATOM   821  C CA  . PHE A 1 104 ? -14.802 6.982   -9.234  1.000 41.286 ? 100 PHE A CA  1 
ATOM   822  C C   . PHE A 1 104 ? -15.795 6.210   -8.349  1.000 39.937 ? 100 PHE A C   1 
ATOM   823  O O   . PHE A 1 104 ? -16.919 5.994   -8.801  1.000 42.896 ? 100 PHE A O   1 
ATOM   824  C CB  . PHE A 1 104 ? -14.050 6.054   -10.184 1.000 43.119 ? 100 PHE A CB  1 
ATOM   825  C CG  . PHE A 1 104 ? -13.464 6.803   -11.352 1.000 53.466 ? 100 PHE A CG  1 
ATOM   826  C CD1 . PHE A 1 104 ? -14.264 7.151   -12.435 1.000 54.971 ? 100 PHE A CD1 1 
ATOM   827  C CD2 . PHE A 1 104 ? -12.138 7.221   -11.343 1.000 54.132 ? 100 PHE A CD2 1 
ATOM   828  C CE1 . PHE A 1 104 ? -13.737 7.872   -13.496 1.000 55.499 ? 100 PHE A CE1 1 
ATOM   829  C CE2 . PHE A 1 104 ? -11.621 7.954   -12.400 1.000 54.859 ? 100 PHE A CE2 1 
ATOM   830  C CZ  . PHE A 1 104 ? -12.418 8.270   -13.476 1.000 54.728 ? 100 PHE A CZ  1 
ATOM   831  N N   . ARG A 1 105 ? -15.415 5.797   -7.142  1.000 37.459 ? 101 ARG A N   1 
ATOM   832  C CA  . ARG A 1 105 ? -16.183 4.806   -6.342  1.000 36.921 ? 101 ARG A CA  1 
ATOM   833  C C   . ARG A 1 105 ? -17.086 5.539   -5.336  1.000 34.713 ? 101 ARG A C   1 
ATOM   834  O O   . ARG A 1 105 ? -18.183 5.043   -5.054  1.000 35.654 ? 101 ARG A O   1 
ATOM   835  C CB  . ARG A 1 105 ? -15.218 3.813   -5.679  1.000 36.969 ? 101 ARG A CB  1 
ATOM   836  C CG  . ARG A 1 105 ? -15.686 2.368   -5.744  1.000 39.703 ? 101 ARG A CG  1 
ATOM   837  C CD  . ARG A 1 105 ? -15.165 1.596   -6.938  1.000 39.527 ? 101 ARG A CD  1 
ATOM   838  N NE  . ARG A 1 105 ? -13.971 0.872   -6.525  1.000 43.731 ? 101 ARG A NE  1 
ATOM   839  C CZ  . ARG A 1 105 ? -13.605 -0.359  -6.901  1.000 45.668 ? 101 ARG A CZ  1 
ATOM   840  N NH1 . ARG A 1 105 ? -14.333 -1.081  -7.743  1.000 45.606 ? 101 ARG A NH1 1 
ATOM   841  N NH2 . ARG A 1 105 ? -12.484 -0.867  -6.415  1.000 43.866 ? 101 ARG A NH2 1 
ATOM   842  N N   . GLY A 1 106 ? -16.649 6.674   -4.807  1.000 33.596 ? 102 GLY A N   1 
ATOM   843  C CA  . GLY A 1 106 ? -17.447 7.474   -3.862  1.000 35.054 ? 102 GLY A CA  1 
ATOM   844  C C   . GLY A 1 106 ? -16.666 7.734   -2.595  1.000 38.149 ? 102 GLY A C   1 
ATOM   845  O O   . GLY A 1 106 ? -15.650 7.012   -2.354  1.000 35.056 ? 102 GLY A O   1 
ATOM   846  N N   . ARG A 1 107 ? -17.117 8.725   -1.817  1.000 38.989 ? 103 ARG A N   1 
ATOM   847  C CA  . ARG A 1 107 ? -16.453 9.190   -0.565  1.000 40.215 ? 103 ARG A CA  1 
ATOM   848  C C   . ARG A 1 107 ? -16.141 7.980   0.317   1.000 36.928 ? 103 ARG A C   1 
ATOM   849  O O   . ARG A 1 107 ? -17.057 7.183   0.536   1.000 33.864 ? 103 ARG A O   1 
ATOM   850  C CB  . ARG A 1 107 ? -17.346 10.124  0.258   1.000 44.124 ? 103 ARG A CB  1 
ATOM   851  C CG  . ARG A 1 107 ? -17.999 11.255  -0.520  1.000 48.730 ? 103 ARG A CG  1 
ATOM   852  C CD  . ARG A 1 107 ? -17.133 12.488  -0.648  1.000 51.123 ? 103 ARG A CD  1 
ATOM   853  N NE  . ARG A 1 107 ? -17.477 13.146  -1.892  1.000 51.803 ? 103 ARG A NE  1 
ATOM   854  C CZ  . ARG A 1 107 ? -16.958 12.845  -3.081  1.000 60.569 ? 103 ARG A CZ  1 
ATOM   855  N NH1 . ARG A 1 107 ? -16.034 11.905  -3.201  1.000 61.263 ? 103 ARG A NH1 1 
ATOM   856  N NH2 . ARG A 1 107 ? -17.357 13.513  -4.152  1.000 63.448 ? 103 ARG A NH2 1 
ATOM   857  N N   . GLY A 1 108 ? -14.898 7.868   0.794   1.000 37.136 ? 104 GLY A N   1 
ATOM   858  C CA  . GLY A 1 108 ? -14.461 6.875   1.799   1.000 33.293 ? 104 GLY A CA  1 
ATOM   859  C C   . GLY A 1 108 ? -14.252 5.482   1.230   1.000 30.949 ? 104 GLY A C   1 
ATOM   860  O O   . GLY A 1 108 ? -14.052 4.563   2.027   1.000 28.252 ? 104 GLY A O   1 
ATOM   861  N N   . LYS A 1 109 ? -14.278 5.309   -0.092  1.000 31.488 ? 105 LYS A N   1 
ATOM   862  C CA  . LYS A 1 109 ? -14.113 3.974   -0.742  1.000 30.170 ? 105 LYS A CA  1 
ATOM   863  C C   . LYS A 1 109 ? -12.708 3.833   -1.360  1.000 27.477 ? 105 LYS A C   1 
ATOM   864  O O   . LYS A 1 109 ? -12.474 2.851   -2.071  1.000 24.931 ? 105 LYS A O   1 
ATOM   865  C CB  . LYS A 1 109 ? -15.253 3.764   -1.740  1.000 33.838 ? 105 LYS A CB  1 
ATOM   866  C CG  . LYS A 1 109 ? -16.648 3.974   -1.148  1.000 38.948 ? 105 LYS A CG  1 
ATOM   867  C CD  . LYS A 1 109 ? -17.614 2.819   -1.366  1.000 43.785 ? 105 LYS A CD  1 
ATOM   868  C CE  . LYS A 1 109 ? -17.377 2.094   -2.676  1.000 48.654 ? 105 LYS A CE  1 
ATOM   869  N NZ  . LYS A 1 109 ? -18.467 1.139   -2.975  1.000 51.943 ? 105 LYS A NZ  1 
ATOM   870  N N   . GLY A 1 110 ? -11.772 4.734   -1.033  1.000 26.124 ? 106 GLY A N   1 
ATOM   871  C CA  . GLY A 1 110 ? -10.434 4.814   -1.654  1.000 23.651 ? 106 GLY A CA  1 
ATOM   872  C C   . GLY A 1 110 ? -9.652  3.516   -1.506  1.000 21.899 ? 106 GLY A C   1 
ATOM   873  O O   . GLY A 1 110 ? -8.964  3.098   -2.469  1.000 19.477 ? 106 GLY A O   1 
ATOM   874  N N   . TYR A 1 111 ? -9.737  2.861   -0.352  1.000 19.949 ? 107 TYR A N   1 
ATOM   875  C CA  . TYR A 1 111 ? -8.879  1.678   -0.076  1.000 20.139 ? 107 TYR A CA  1 
ATOM   876  C C   . TYR A 1 111 ? -9.444  0.412   -0.728  1.000 19.445 ? 107 TYR A C   1 
ATOM   877  O O   . TYR A 1 111 ? -8.729  -0.599  -0.709  1.000 21.075 ? 107 TYR A O   1 
ATOM   878  C CB  . TYR A 1 111 ? -8.692  1.485   1.422   1.000 18.657 ? 107 TYR A CB  1 
ATOM   879  C CG  . TYR A 1 111 ? -7.997  2.622   2.119   1.000 17.925 ? 107 TYR A CG  1 
ATOM   880  C CD1 . TYR A 1 111 ? -6.635  2.829   1.978   1.000 17.523 ? 107 TYR A CD1 1 
ATOM   881  C CD2 . TYR A 1 111 ? -8.685  3.445   2.991   1.000 17.304 ? 107 TYR A CD2 1 
ATOM   882  C CE1 . TYR A 1 111 ? -5.977  3.850   2.649   1.000 16.041 ? 107 TYR A CE1 1 
ATOM   883  C CE2 . TYR A 1 111 ? -8.041  4.473   3.666   1.000 17.642 ? 107 TYR A CE2 1 
ATOM   884  C CZ  . TYR A 1 111 ? -6.682  4.676   3.500   1.000 17.244 ? 107 TYR A CZ  1 
ATOM   885  O OH  . TYR A 1 111 ? -6.052  5.679   4.197   1.000 17.894 ? 107 TYR A OH  1 
ATOM   886  N N   . SER A 1 112 ? -10.652 0.465   -1.297  1.000 18.985 ? 108 SER A N   1 
ATOM   887  C CA  . SER A 1 112 ? -11.341 -0.707  -1.897  1.000 18.857 ? 108 SER A CA  1 
ATOM   888  C C   . SER A 1 112 ? -10.607 -1.178  -3.163  1.000 19.928 ? 108 SER A C   1 
ATOM   889  O O   . SER A 1 112 ? -10.950 -2.256  -3.651  1.000 21.740 ? 108 SER A O   1 
ATOM   890  C CB  . SER A 1 112 ? -12.806 -0.443  -2.134  1.000 19.223 ? 108 SER A CB  1 
ATOM   891  O OG  . SER A 1 112 ? -13.014 0.449   -3.214  1.000 20.990 ? 108 SER A OG  1 
ATOM   892  N N   . ALA A 1 113 ? -9.573  -0.454  -3.620  1.000 21.020 ? 109 ALA A N   1 
ATOM   893  C CA  . ALA A 1 113 ? -8.670  -0.842  -4.735  1.000 19.629 ? 109 ALA A CA  1 
ATOM   894  C C   . ALA A 1 113 ? -7.789  -2.032  -4.329  1.000 20.027 ? 109 ALA A C   1 
ATOM   895  O O   . ALA A 1 113 ? -7.243  -2.696  -5.238  1.000 17.803 ? 109 ALA A O   1 
ATOM   896  C CB  . ALA A 1 113 ? -7.820  0.327   -5.158  1.000 20.030 ? 109 ALA A CB  1 
ATOM   897  N N   . TRP A 1 114 ? -7.673  -2.313  -3.027  1.000 19.532 ? 110 TRP A N   1 
ATOM   898  C CA  . TRP A 1 114 ? -6.835  -3.418  -2.480  1.000 19.681 ? 110 TRP A CA  1 
ATOM   899  C C   . TRP A 1 114 ? -7.699  -4.620  -2.081  1.000 20.581 ? 110 TRP A C   1 
ATOM   900  O O   . TRP A 1 114 ? -8.614  -4.446  -1.248  1.000 18.150 ? 110 TRP A O   1 
ATOM   901  C CB  . TRP A 1 114 ? -6.016  -2.923  -1.290  1.000 18.663 ? 110 TRP A CB  1 
ATOM   902  C CG  . TRP A 1 114 ? -4.805  -2.147  -1.695  1.000 17.431 ? 110 TRP A CG  1 
ATOM   903  C CD1 . TRP A 1 114 ? -3.565  -2.657  -1.953  1.000 16.675 ? 110 TRP A CD1 1 
ATOM   904  C CD2 . TRP A 1 114 ? -4.713  -0.727  -1.887  1.000 16.622 ? 110 TRP A CD2 1 
ATOM   905  N NE1 . TRP A 1 114 ? -2.713  -1.649  -2.302  1.000 16.375 ? 110 TRP A NE1 1 
ATOM   906  C CE2 . TRP A 1 114 ? -3.380  -0.455  -2.249  1.000 16.675 ? 110 TRP A CE2 1 
ATOM   907  C CE3 . TRP A 1 114 ? -5.604  0.340   -1.755  1.000 16.947 ? 110 TRP A CE3 1 
ATOM   908  C CZ2 . TRP A 1 114 ? -2.933  0.838   -2.509  1.000 16.483 ? 110 TRP A CZ2 1 
ATOM   909  C CZ3 . TRP A 1 114 ? -5.160  1.614   -2.011  1.000 16.678 ? 110 TRP A CZ3 1 
ATOM   910  C CH2 . TRP A 1 114 ? -3.840  1.857   -2.378  1.000 16.167 ? 110 TRP A CH2 1 
ATOM   911  N N   . VAL A 1 115 ? -7.353  -5.799  -2.613  1.000 21.857 ? 111 VAL A N   1 
ATOM   912  C CA  . VAL A 1 115 ? -8.000  -7.098  -2.281  1.000 21.595 ? 111 VAL A CA  1 
ATOM   913  C C   . VAL A 1 115 ? -7.851  -7.325  -0.771  1.000 22.894 ? 111 VAL A C   1 
ATOM   914  O O   . VAL A 1 115 ? -8.860  -7.652  -0.138  1.000 23.454 ? 111 VAL A O   1 
ATOM   915  C CB  . VAL A 1 115 ? -7.433  -8.247  -3.138  1.000 22.640 ? 111 VAL A CB  1 
ATOM   916  C CG1 . VAL A 1 115 ? -8.113  -9.573  -2.851  1.000 22.810 ? 111 VAL A CG1 1 
ATOM   917  C CG2 . VAL A 1 115 ? -7.550  -7.939  -4.624  1.000 23.208 ? 111 VAL A CG2 1 
ATOM   918  N N   . ALA A 1 116 ? -6.674  -7.077  -0.184  1.000 23.682 ? 112 ALA A N   1 
ATOM   919  C CA  . ALA A 1 116 ? -6.445  -7.289  1.270   1.000 24.580 ? 112 ALA A CA  1 
ATOM   920  C C   . ALA A 1 116 ? -7.360  -6.369  2.086   1.000 22.832 ? 112 ALA A C   1 
ATOM   921  O O   . ALA A 1 116 ? -7.811  -6.791  3.182   1.000 22.582 ? 112 ALA A O   1 
ATOM   922  C CB  . ALA A 1 116 ? -4.992  -7.080  1.646   1.000 25.200 ? 112 ALA A CB  1 
ATOM   923  N N   . TYR A 1 117 ? -7.616  -5.153  1.595   1.000 22.301 ? 113 TYR A N   1 
ATOM   924  C CA  . TYR A 1 117 ? -8.454  -4.165  2.323   1.000 22.056 ? 113 TYR A CA  1 
ATOM   925  C C   . TYR A 1 117 ? -9.881  -4.717  2.404   1.000 21.229 ? 113 TYR A C   1 
ATOM   926  O O   . TYR A 1 117 ? -10.463 -4.704  3.493   1.000 20.167 ? 113 TYR A O   1 
ATOM   927  C CB  . TYR A 1 117 ? -8.422  -2.760  1.709   1.000 21.211 ? 113 TYR A CB  1 
ATOM   928  C CG  . TYR A 1 117 ? -9.402  -1.831  2.383   1.000 21.531 ? 113 TYR A CG  1 
ATOM   929  C CD1 . TYR A 1 117 ? -9.106  -1.234  3.599   1.000 20.993 ? 113 TYR A CD1 1 
ATOM   930  C CD2 . TYR A 1 117 ? -10.665 -1.622  1.850   1.000 21.860 ? 113 TYR A CD2 1 
ATOM   931  C CE1 . TYR A 1 117 ? -10.020 -0.423  4.248   1.000 21.151 ? 113 TYR A CE1 1 
ATOM   932  C CE2 . TYR A 1 117 ? -11.590 -0.808  2.479   1.000 21.593 ? 113 TYR A CE2 1 
ATOM   933  C CZ  . TYR A 1 117 ? -11.266 -0.208  3.685   1.000 21.776 ? 113 TYR A CZ  1 
ATOM   934  O OH  . TYR A 1 117 ? -12.173 0.598   4.297   1.000 19.622 ? 113 TYR A OH  1 
ATOM   935  N N   . ASN A 1 118 ? -10.385 -5.231  1.283   1.000 22.060 ? 114 ASN A N   1 
ATOM   936  C CA  . ASN A 1 118 ? -11.786 -5.689  1.126   1.000 22.625 ? 114 ASN A CA  1 
ATOM   937  C C   . ASN A 1 118 ? -12.003 -6.923  2.014   1.000 25.272 ? 114 ASN A C   1 
ATOM   938  O O   . ASN A 1 118 ? -13.095 -7.037  2.588   1.000 23.722 ? 114 ASN A O   1 
ATOM   939  C CB  . ASN A 1 118 ? -12.122 -5.900  -0.354  1.000 21.744 ? 114 ASN A CB  1 
ATOM   940  C CG  . ASN A 1 118 ? -12.131 -4.604  -1.141  1.000 21.546 ? 114 ASN A CG  1 
ATOM   941  O OD1 . ASN A 1 118 ? -12.431 -3.542  -0.594  1.000 22.072 ? 114 ASN A OD1 1 
ATOM   942  N ND2 . ASN A 1 118 ? -11.802 -4.674  -2.418  1.000 20.319 ? 114 ASN A ND2 1 
ATOM   943  N N   . SER A 1 119 ? -10.993 -7.788  2.186   1.000 25.482 ? 115 SER A N   1 
ATOM   944  C CA  . SER A 1 119 ? -11.158 -9.069  2.919   1.000 24.918 ? 115 SER A CA  1 
ATOM   945  C C   . SER A 1 119 ? -10.747 -8.921  4.389   1.000 25.659 ? 115 SER A C   1 
ATOM   946  O O   . SER A 1 119 ? -11.341 -9.604  5.219   1.000 26.724 ? 115 SER A O   1 
ATOM   947  C CB  . SER A 1 119 ? -10.396 -10.166 2.250   1.000 24.491 ? 115 SER A CB  1 
ATOM   948  O OG  . SER A 1 119 ? -9.092  -9.712  1.971   1.000 27.739 ? 115 SER A OG  1 
ATOM   949  N N   . LYS A 1 120 ? -9.761  -8.087  4.723   1.000 25.043 ? 116 LYS A N   1 
ATOM   950  C CA  . LYS A 1 120 ? -9.119  -8.168  6.065   1.000 23.146 ? 116 LYS A CA  1 
ATOM   951  C C   . LYS A 1 120 ? -9.251  -6.872  6.878   1.000 22.117 ? 116 LYS A C   1 
ATOM   952  O O   . LYS A 1 120 ? -9.041  -6.938  8.108   1.000 21.492 ? 116 LYS A O   1 
ATOM   953  C CB  . LYS A 1 120 ? -7.652  -8.550  5.885   1.000 23.573 ? 116 LYS A CB  1 
ATOM   954  C CG  . LYS A 1 120 ? -7.453  -9.948  5.331   1.000 25.291 ? 116 LYS A CG  1 
ATOM   955  C CD  . LYS A 1 120 ? -7.595  -10.987 6.395   1.000 27.953 ? 116 LYS A CD  1 
ATOM   956  C CE  . LYS A 1 120 ? -8.000  -12.339 5.855   1.000 30.337 ? 116 LYS A CE  1 
ATOM   957  N NZ  . LYS A 1 120 ? -7.138  -12.716 4.714   1.000 33.756 ? 116 LYS A NZ  1 
ATOM   958  N N   . CYS A 1 121 ? -9.521  -5.727  6.248   1.000 19.217 ? 117 CYS A N   1 
ATOM   959  C CA  . CYS A 1 121 ? -9.363  -4.418  6.914   1.000 18.386 ? 117 CYS A CA  1 
ATOM   960  C C   . CYS A 1 121 ? -10.673 -3.621  6.928   1.000 18.780 ? 117 CYS A C   1 
ATOM   961  O O   . CYS A 1 121 ? -10.874 -2.876  7.898   1.000 18.991 ? 117 CYS A O   1 
ATOM   962  C CB  . CYS A 1 121 ? -8.250  -3.626  6.244   1.000 18.354 ? 117 CYS A CB  1 
ATOM   963  S SG  . CYS A 1 121 ? -6.686  -4.527  6.109   1.000 17.139 ? 117 CYS A SG  1 
ATOM   964  N N   . LYS A 1 122 ? -11.513 -3.729  5.895   1.000 20.301 ? 118 LYS A N   1 
ATOM   965  C CA  . LYS A 1 122 ? -12.761 -2.938  5.793   1.000 22.422 ? 118 LYS A CA  1 
ATOM   966  C C   . LYS A 1 122 ? -13.701 -3.331  6.937   1.000 21.806 ? 118 LYS A C   1 
ATOM   967  O O   . LYS A 1 122 ? -13.955 -4.529  7.109   1.000 22.160 ? 118 LYS A O   1 
ATOM   968  C CB  . LYS A 1 122 ? -13.483 -3.146  4.460   1.000 24.020 ? 118 LYS A CB  1 
ATOM   969  C CG  . LYS A 1 122 ? -14.774 -2.342  4.356   1.000 25.603 ? 118 LYS A CG  1 
ATOM   970  C CD  . LYS A 1 122 ? -15.463 -2.383  3.004   1.000 28.441 ? 118 LYS A CD  1 
ATOM   971  C CE  . LYS A 1 122 ? -15.485 -3.749  2.346   1.000 31.235 ? 118 LYS A CE  1 
ATOM   972  N NZ  . LYS A 1 122 ? -16.744 -3.971  1.580   1.000 33.655 ? 118 LYS A NZ  1 
ATOM   973  N N   . ASN A 1 123 ? -14.183 -2.345  7.694   1.000 22.492 ? 119 ASN A N   1 
ATOM   974  C CA  . ASN A 1 123 ? -15.262 -2.497  8.702   1.000 20.988 ? 119 ASN A CA  1 
ATOM   975  C C   . ASN A 1 123 ? -14.695 -3.123  9.984   1.000 20.192 ? 119 ASN A C   1 
ATOM   976  O O   . ASN A 1 123 ? -15.464 -3.295  10.956  1.000 21.031 ? 119 ASN A O   1 
ATOM   977  C CB  . ASN A 1 123 ? -16.443 -3.264  8.108   1.000 21.780 ? 119 ASN A CB  1 
ATOM   978  C CG  . ASN A 1 123 ? -17.266 -2.410  7.158   1.000 23.019 ? 119 ASN A CG  1 
ATOM   979  O OD1 . ASN A 1 123 ? -17.092 -1.195  7.068   1.000 23.867 ? 119 ASN A OD1 1 
ATOM   980  N ND2 . ASN A 1 123 ? -18.173 -3.032  6.433   1.000 22.344 ? 119 ASN A ND2 1 
ATOM   981  N N   . ARG A 1 124 ? -13.393 -3.382  10.029  1.000 17.547 ? 120 ARG A N   1 
ATOM   982  C CA  . ARG A 1 124 ? -12.722 -3.852  11.253  1.000 18.456 ? 120 ARG A CA  1 
ATOM   983  C C   . ARG A 1 124 ? -12.487 -2.661  12.167  1.000 18.468 ? 120 ARG A C   1 
ATOM   984  O O   . ARG A 1 124 ? -12.489 -1.492  11.737  1.000 20.476 ? 120 ARG A O   1 
ATOM   985  C CB  . ARG A 1 124 ? -11.396 -4.544  10.933  1.000 19.746 ? 120 ARG A CB  1 
ATOM   986  C CG  . ARG A 1 124 ? -11.540 -5.784  10.059  1.000 21.735 ? 120 ARG A CG  1 
ATOM   987  C CD  . ARG A 1 124 ? -12.102 -6.955  10.844  1.000 23.117 ? 120 ARG A CD  1 
ATOM   988  N NE  . ARG A 1 124 ? -12.433 -8.136  10.052  1.000 25.829 ? 120 ARG A NE  1 
ATOM   989  C CZ  . ARG A 1 124 ? -13.670 -8.463  9.625   1.000 28.542 ? 120 ARG A CZ  1 
ATOM   990  N NH1 . ARG A 1 124 ? -13.872 -9.579  8.944   1.000 31.710 ? 120 ARG A NH1 1 
ATOM   991  N NH2 . ARG A 1 124 ? -14.705 -7.674  9.848   1.000 28.312 ? 120 ARG A NH2 1 
ATOM   992  N N   . ASP A 1 125 ? -12.293 -2.980  13.423  1.000 18.587 ? 121 ASP A N   1 
ATOM   993  C CA  . ASP A 1 125 ? -11.807 -2.054  14.460  1.000 16.720 ? 121 ASP A CA  1 
ATOM   994  C C   . ASP A 1 125 ? -10.282 -1.988  14.340  1.000 17.211 ? 121 ASP A C   1 
ATOM   995  O O   . ASP A 1 125 ? -9.568  -2.844  14.917  1.000 17.836 ? 121 ASP A O   1 
ATOM   996  C CB  . ASP A 1 125 ? -12.322 -2.598  15.777  1.000 16.286 ? 121 ASP A CB  1 
ATOM   997  C CG  . ASP A 1 125 ? -11.949 -1.719  16.924  1.000 15.415 ? 121 ASP A CG  1 
ATOM   998  O OD1 . ASP A 1 125 ? -11.194 -0.723  16.678  1.000 14.720 ? 121 ASP A OD1 1 
ATOM   999  O OD2 . ASP A 1 125 ? -12.426 -2.029  18.018  1.000 14.104 ? 121 ASP A OD2 1 
ATOM   1000 N N   . LEU A 1 126 ? -9.779  -1.049  13.558  1.000 17.622 ? 122 LEU A N   1 
ATOM   1001 C CA  . LEU A 1 126 ? -8.334  -1.004  13.262  1.000 19.237 ? 122 LEU A CA  1 
ATOM   1002 C C   . LEU A 1 126 ? -7.640  -0.253  14.394  1.000 20.033 ? 122 LEU A C   1 
ATOM   1003 O O   . LEU A 1 126 ? -6.420  -0.206  14.361  1.000 19.118 ? 122 LEU A O   1 
ATOM   1004 C CB  . LEU A 1 126 ? -8.095  -0.355  11.895  1.000 18.475 ? 122 LEU A CB  1 
ATOM   1005 C CG  . LEU A 1 126 ? -8.706  -1.096  10.715  1.000 17.530 ? 122 LEU A CG  1 
ATOM   1006 C CD1 . LEU A 1 126 ? -8.521  -0.332  9.418   1.000 18.010 ? 122 LEU A CD1 1 
ATOM   1007 C CD2 . LEU A 1 126 ? -8.131  -2.493  10.575  1.000 18.190 ? 122 LEU A CD2 1 
ATOM   1008 N N   . ASP A 1 127 ? -8.404  0.312   15.340  1.000 21.660 ? 123 ASP A N   1 
ATOM   1009 C CA  . ASP A 1 127 ? -7.844  0.856   16.606  1.000 20.971 ? 123 ASP A CA  1 
ATOM   1010 C C   . ASP A 1 127 ? -7.465  -0.316  17.515  1.000 20.670 ? 123 ASP A C   1 
ATOM   1011 O O   . ASP A 1 127 ? -6.311  -0.337  17.989  1.000 21.238 ? 123 ASP A O   1 
ATOM   1012 C CB  . ASP A 1 127 ? -8.770  1.916   17.186  1.000 22.376 ? 123 ASP A CB  1 
ATOM   1013 C CG  . ASP A 1 127 ? -8.682  3.196   16.370  1.000 23.768 ? 123 ASP A CG  1 
ATOM   1014 O OD1 . ASP A 1 127 ? -7.546  3.686   16.150  1.000 24.651 ? 123 ASP A OD1 1 
ATOM   1015 O OD2 . ASP A 1 127 ? -9.728  3.649   15.903  1.000 25.183 ? 123 ASP A OD2 1 
ATOM   1016 N N   . GLN A 1 128 ? -8.341  -1.309  17.667  1.000 18.849 ? 124 GLN A N   1 
ATOM   1017 C CA  . GLN A 1 128 ? -7.965  -2.593  18.323  1.000 18.786 ? 124 GLN A CA  1 
ATOM   1018 C C   . GLN A 1 128 ? -6.737  -3.205  17.618  1.000 18.133 ? 124 GLN A C   1 
ATOM   1019 O O   . GLN A 1 128 ? -5.739  -3.517  18.306  1.000 17.830 ? 124 GLN A O   1 
ATOM   1020 C CB  . GLN A 1 128 ? -9.135  -3.576  18.333  1.000 17.968 ? 124 GLN A CB  1 
ATOM   1021 C CG  . GLN A 1 128 ? -8.775  -4.858  19.072  1.000 18.746 ? 124 GLN A CG  1 
ATOM   1022 C CD  . GLN A 1 128 ? -8.454  -4.675  20.542  1.000 17.936 ? 124 GLN A CD  1 
ATOM   1023 O OE1 . GLN A 1 128 ? -8.985  -3.825  21.244  1.000 18.149 ? 124 GLN A OE1 1 
ATOM   1024 N NE2 . GLN A 1 128 ? -7.624  -5.552  21.057  1.000 18.836 ? 124 GLN A NE2 1 
ATOM   1025 N N   . TYR A 1 129 ? -6.796  -3.356  16.296  1.000 17.632 ? 125 TYR A N   1 
ATOM   1026 C CA  . TYR A 1 129 ? -5.715  -3.956  15.467  1.000 19.193 ? 125 TYR A CA  1 
ATOM   1027 C C   . TYR A 1 129 ? -4.373  -3.257  15.761  1.000 19.669 ? 125 TYR A C   1 
ATOM   1028 O O   . TYR A 1 129 ? -3.330  -3.966  15.892  1.000 20.720 ? 125 TYR A O   1 
ATOM   1029 C CB  . TYR A 1 129 ? -6.134  -3.931  13.989  1.000 19.131 ? 125 TYR A CB  1 
ATOM   1030 C CG  . TYR A 1 129 ? -5.032  -4.208  13.010  1.000 18.639 ? 125 TYR A CG  1 
ATOM   1031 C CD1 . TYR A 1 129 ? -4.666  -5.510  12.701  1.000 18.941 ? 125 TYR A CD1 1 
ATOM   1032 C CD2 . TYR A 1 129 ? -4.356  -3.170  12.383  1.000 19.551 ? 125 TYR A CD2 1 
ATOM   1033 C CE1 . TYR A 1 129 ? -3.644  -5.782  11.801  1.000 18.688 ? 125 TYR A CE1 1 
ATOM   1034 C CE2 . TYR A 1 129 ? -3.318  -3.428  11.492  1.000 18.880 ? 125 TYR A CE2 1 
ATOM   1035 C CZ  . TYR A 1 129 ? -2.958  -4.736  11.209  1.000 17.907 ? 125 TYR A CZ  1 
ATOM   1036 O OH  . TYR A 1 129 ? -1.950  -5.016  10.342  1.000 18.039 ? 125 TYR A OH  1 
ATOM   1037 N N   . MET A 1 130 ? -4.388  -1.923  15.910  1.000 19.488 ? 126 MET A N   1 
ATOM   1038 C CA  . MET A 1 130 ? -3.178  -1.101  16.170  1.000 20.422 ? 126 MET A CA  1 
ATOM   1039 C C   . MET A 1 130 ? -2.829  -1.058  17.670  1.000 22.093 ? 126 MET A C   1 
ATOM   1040 O O   . MET A 1 130 ? -1.746  -0.470  18.020  1.000 21.934 ? 126 MET A O   1 
ATOM   1041 C CB  . MET A 1 130 ? -3.381  0.327   15.654  1.000 20.954 ? 126 MET A CB  1 
ATOM   1042 C CG  . MET A 1 130 ? -3.421  0.437   14.141  1.000 21.224 ? 126 MET A CG  1 
ATOM   1043 S SD  . MET A 1 130 ? -1.948  -0.265  13.349  1.000 22.334 ? 126 MET A SD  1 
ATOM   1044 C CE  . MET A 1 130 ? -0.670  0.651   14.203  1.000 22.098 ? 126 MET A CE  1 
ATOM   1045 N N   . ALA A 1 131 ? -3.658  -1.653  18.542  1.000 21.002 ? 127 ALA A N   1 
ATOM   1046 C CA  . ALA A 1 131 ? -3.503  -1.509  20.008  1.000 22.097 ? 127 ALA A CA  1 
ATOM   1047 C C   . ALA A 1 131 ? -2.105  -1.986  20.441  1.000 23.054 ? 127 ALA A C   1 
ATOM   1048 O O   . ALA A 1 131 ? -1.498  -1.332  21.309  1.000 25.069 ? 127 ALA A O   1 
ATOM   1049 C CB  . ALA A 1 131 ? -4.609  -2.222  20.747  1.000 21.264 ? 127 ALA A CB  1 
ATOM   1050 N N   . GLU A 1 132 ? -1.579  -3.059  19.857  1.000 24.259 ? 128 GLU A N   1 
ATOM   1051 C CA  . GLU A 1 132 ? -0.254  -3.587  20.275  1.000 25.147 ? 128 GLU A CA  1 
ATOM   1052 C C   . GLU A 1 132 ? 0.837   -2.567  19.938  1.000 24.619 ? 128 GLU A C   1 
ATOM   1053 O O   . GLU A 1 132 ? 1.885   -2.666  20.575  1.000 25.846 ? 128 GLU A O   1 
ATOM   1054 C CB  . GLU A 1 132 ? 0.079   -4.911  19.600  1.000 26.966 ? 128 GLU A CB  1 
ATOM   1055 C CG  . GLU A 1 132 ? 0.441   -4.735  18.143  1.000 29.070 ? 128 GLU A CG  1 
ATOM   1056 C CD  . GLU A 1 132 ? 1.010   -5.995  17.538  1.000 29.741 ? 128 GLU A CD  1 
ATOM   1057 O OE1 . GLU A 1 132 ? 0.339   -6.562  16.646  1.000 30.929 ? 128 GLU A OE1 1 
ATOM   1058 O OE2 . GLU A 1 132 ? 2.099   -6.419  17.988  1.000 30.496 ? 128 GLU A OE2 1 
ATOM   1059 N N   . CYS A 1 133 ? 0.618   -1.651  18.976  1.000 23.439 ? 129 CYS A N   1 
ATOM   1060 C CA  . CYS A 1 133 ? 1.598   -0.572  18.644  1.000 23.735 ? 129 CYS A CA  1 
ATOM   1061 C C   . CYS A 1 133 ? 1.294   0.730   19.395  1.000 24.641 ? 129 CYS A C   1 
ATOM   1062 O O   . CYS A 1 133 ? 2.249   1.385   19.831  1.000 25.968 ? 129 CYS A O   1 
ATOM   1063 C CB  . CYS A 1 133 ? 1.625   -0.243  17.162  1.000 21.369 ? 129 CYS A CB  1 
ATOM   1064 S SG  . CYS A 1 133 ? 1.954   -1.680  16.125  1.000 19.292 ? 129 CYS A SG  1 
ATOM   1065 N N   . TRP A 1 134 ? 0.024   1.094   19.524  1.000 25.072 ? 130 TRP A N   1 
ATOM   1066 C CA  . TRP A 1 134 ? -0.406  2.408   20.070  1.000 26.392 ? 130 TRP A CA  1 
ATOM   1067 C C   . TRP A 1 134 ? -0.712  2.317   21.574  1.000 29.301 ? 130 TRP A C   1 
ATOM   1068 O O   . TRP A 1 134 ? -1.100  3.335   22.133  1.000 28.677 ? 130 TRP A O   1 
ATOM   1069 C CB  . TRP A 1 134 ? -1.626  2.908   19.289  1.000 26.032 ? 130 TRP A CB  1 
ATOM   1070 C CG  . TRP A 1 134 ? -1.351  3.336   17.880  1.000 25.023 ? 130 TRP A CG  1 
ATOM   1071 C CD1 . TRP A 1 134 ? -0.136  3.529   17.286  1.000 25.129 ? 130 TRP A CD1 1 
ATOM   1072 C CD2 . TRP A 1 134 ? -2.337  3.678   16.890  1.000 24.679 ? 130 TRP A CD2 1 
ATOM   1073 N NE1 . TRP A 1 134 ? -0.296  3.951   15.996  1.000 25.352 ? 130 TRP A NE1 1 
ATOM   1074 C CE2 . TRP A 1 134 ? -1.635  4.086   15.732  1.000 26.207 ? 130 TRP A CE2 1 
ATOM   1075 C CE3 . TRP A 1 134 ? -3.732  3.723   16.884  1.000 23.617 ? 130 TRP A CE3 1 
ATOM   1076 C CZ2 . TRP A 1 134 ? -2.288  4.467   14.562  1.000 25.486 ? 130 TRP A CZ2 1 
ATOM   1077 C CZ3 . TRP A 1 134 ? -4.378  4.137   15.741  1.000 24.927 ? 130 TRP A CZ3 1 
ATOM   1078 C CH2 . TRP A 1 134 ? -3.664  4.483   14.592  1.000 24.968 ? 130 TRP A CH2 1 
ATOM   1079 N N   . SER A 1 135 ? -0.560  1.149   22.200  1.000 36.032 ? 131 SER A N   1 
ATOM   1080 C CA  . SER A 1 135 ? -0.874  0.905   23.636  1.000 42.958 ? 131 SER A CA  1 
ATOM   1081 C C   . SER A 1 135 ? 0.403   0.521   24.386  1.000 42.304 ? 131 SER A C   1 
ATOM   1082 O O   . SER A 1 135 ? 0.695   1.241   25.316  1.000 44.762 ? 131 SER A O   1 
ATOM   1083 C CB  . SER A 1 135 ? -1.940  -0.156  23.813  1.000 44.867 ? 131 SER A CB  1 
ATOM   1084 O OG  . SER A 1 135 ? -3.187  0.281   23.294  1.000 45.111 ? 131 SER A OG  1 
HETATM 1085 C C1  . GOL B 2 .   ? -0.733  7.784   18.619  1.000 47.559 ? 201 GOL A C1  1 
HETATM 1086 O O1  . GOL B 2 .   ? -1.055  6.658   19.424  1.000 46.112 ? 201 GOL A O1  1 
HETATM 1087 C C2  . GOL B 2 .   ? 0.143   7.364   17.462  1.000 50.117 ? 201 GOL A C2  1 
HETATM 1088 O O2  . GOL B 2 .   ? -0.642  7.303   16.268  1.000 56.262 ? 201 GOL A O2  1 
HETATM 1089 C C3  . GOL B 2 .   ? 1.336   8.273   17.265  1.000 49.243 ? 201 GOL A C3  1 
HETATM 1090 O O3  . GOL B 2 .   ? 2.063   8.455   18.475  1.000 50.206 ? 201 GOL A O3  1 
HETATM 1091 O O   . HOH C 3 .   ? 7.454   6.980   -17.743 1.000 26.834 ? 301 HOH A O   1 
HETATM 1092 O O   . HOH C 3 .   ? -10.909 4.514   8.654   1.000 26.666 ? 302 HOH A O   1 
HETATM 1093 O O   . HOH C 3 .   ? -7.236  7.496   5.633   1.000 9.116  ? 303 HOH A O   1 
HETATM 1094 O O   . HOH C 3 .   ? -3.783  -4.986  18.452  1.000 16.587 ? 304 HOH A O   1 
HETATM 1095 O O   . HOH C 3 .   ? -1.822  8.634   3.407   1.000 11.302 ? 305 HOH A O   1 
HETATM 1096 O O   . HOH C 3 .   ? -1.416  -7.879  13.044  1.000 25.647 ? 306 HOH A O   1 
HETATM 1097 O O   . HOH C 3 .   ? -6.353  -7.385  20.015  1.000 32.263 ? 307 HOH A O   1 
HETATM 1098 O O   . HOH C 3 .   ? 11.760  4.231   -4.582  1.000 21.989 ? 308 HOH A O   1 
HETATM 1099 O O   . HOH C 3 .   ? 9.431   -6.609  -12.890 1.000 22.783 ? 309 HOH A O   1 
HETATM 1100 O O   . HOH C 3 .   ? 8.019   10.896  -7.094  1.000 34.105 ? 310 HOH A O   1 
HETATM 1101 O O   . HOH C 3 .   ? -2.552  11.711  6.766   1.000 18.803 ? 311 HOH A O   1 
HETATM 1102 O O   . HOH C 3 .   ? 1.832   10.950  19.004  1.000 35.021 ? 312 HOH A O   1 
HETATM 1103 O O   . HOH C 3 .   ? 10.204  3.279   12.283  1.000 27.901 ? 313 HOH A O   1 
HETATM 1104 O O   . HOH C 3 .   ? 4.000   -8.189  -15.607 1.000 18.060 ? 314 HOH A O   1 
HETATM 1105 O O   . HOH C 3 .   ? 7.140   -8.071  10.112  1.000 29.832 ? 315 HOH A O   1 
HETATM 1106 O O   . HOH C 3 .   ? 13.144  6.815   11.056  1.000 32.990 ? 316 HOH A O   1 
HETATM 1107 O O   . HOH C 3 .   ? 13.613  -3.365  -0.712  1.000 21.947 ? 317 HOH A O   1 
HETATM 1108 O O   . HOH C 3 .   ? -3.731  11.504  3.432   1.000 24.694 ? 318 HOH A O   1 
HETATM 1109 O O   . HOH C 3 .   ? -4.752  11.499  -8.939  1.000 33.698 ? 319 HOH A O   1 
HETATM 1110 O O   . HOH C 3 .   ? 0.332   10.949  -3.558  1.000 34.926 ? 320 HOH A O   1 
HETATM 1111 O O   . HOH C 3 .   ? 3.751   8.933   -8.165  1.000 19.458 ? 321 HOH A O   1 
HETATM 1112 O O   . HOH C 3 .   ? 9.152   3.264   -2.558  1.000 22.844 ? 322 HOH A O   1 
HETATM 1113 O O   . HOH C 3 .   ? -0.515  9.958   -14.829 1.000 22.799 ? 323 HOH A O   1 
HETATM 1114 O O   . HOH C 3 .   ? 7.494   -9.399  -13.479 1.000 24.637 ? 324 HOH A O   1 
HETATM 1115 O O   . HOH C 3 .   ? 11.016  5.970   -2.404  1.000 18.346 ? 325 HOH A O   1 
HETATM 1116 O O   . HOH C 3 .   ? -10.486 11.351  -4.313  1.000 24.605 ? 326 HOH A O   1 
HETATM 1117 O O   . HOH C 3 .   ? 3.398   -11.588 2.438   1.000 28.971 ? 327 HOH A O   1 
HETATM 1118 O O   . HOH C 3 .   ? 4.286   9.878   18.882  1.000 31.442 ? 328 HOH A O   1 
HETATM 1119 O O   . HOH C 3 .   ? 1.218   9.685   -8.009  1.000 17.514 ? 329 HOH A O   1 
HETATM 1120 O O   . HOH C 3 .   ? -4.642  -5.760  -3.945  1.000 17.982 ? 330 HOH A O   1 
HETATM 1121 O O   . HOH C 3 .   ? -4.765  10.637  -1.513  1.000 20.596 ? 331 HOH A O   1 
HETATM 1122 O O   . HOH C 3 .   ? 9.205   0.790   -1.404  1.000 24.671 ? 332 HOH A O   1 
HETATM 1123 O O   . HOH C 3 .   ? -3.194  -8.995  -9.102  1.000 27.763 ? 333 HOH A O   1 
HETATM 1124 O O   . HOH C 3 .   ? 10.822  -0.987  -12.836 1.000 21.952 ? 334 HOH A O   1 
HETATM 1125 O O   . HOH C 3 .   ? 8.600   3.091   -16.203 1.000 21.514 ? 335 HOH A O   1 
HETATM 1126 O O   . HOH C 3 .   ? 10.080  5.927   -19.437 1.000 41.103 ? 336 HOH A O   1 
HETATM 1127 O O   . HOH C 3 .   ? 5.269   7.295   -6.650  1.000 11.977 ? 337 HOH A O   1 
HETATM 1128 O O   . HOH C 3 .   ? -11.195 6.993   0.497   1.000 24.170 ? 338 HOH A O   1 
HETATM 1129 O O   . HOH C 3 .   ? -12.016 2.769   1.339   1.000 24.315 ? 339 HOH A O   1 
HETATM 1130 O O   . HOH C 3 .   ? 6.086   -9.628  8.432   1.000 21.734 ? 340 HOH A O   1 
HETATM 1131 O O   . HOH C 3 .   ? 4.447   -0.886  -3.262  1.000 12.548 ? 341 HOH A O   1 
HETATM 1132 O O   . HOH C 3 .   ? -3.896  11.532  13.521  1.000 21.624 ? 342 HOH A O   1 
HETATM 1133 O O   . HOH C 3 .   ? 6.070   -11.418 1.561   1.000 34.210 ? 343 HOH A O   1 
HETATM 1134 O O   . HOH C 3 .   ? -11.123 1.500   13.007  1.000 13.907 ? 344 HOH A O   1 
HETATM 1135 O O   . HOH C 3 .   ? 7.730   -3.672  14.777  1.000 12.295 ? 345 HOH A O   1 
HETATM 1136 O O   . HOH C 3 .   ? 12.154  7.543   -7.751  1.000 30.445 ? 346 HOH A O   1 
HETATM 1137 O O   . HOH C 3 .   ? 7.663   -11.964 -3.452  1.000 17.551 ? 347 HOH A O   1 
HETATM 1138 O O   . HOH C 3 .   ? 11.110  5.028   3.782   1.000 24.207 ? 348 HOH A O   1 
HETATM 1139 O O   . HOH C 3 .   ? 5.433   -7.532  12.415  1.000 28.450 ? 349 HOH A O   1 
HETATM 1140 O O   . HOH C 3 .   ? 5.402   -4.979  15.474  1.000 16.814 ? 350 HOH A O   1 
HETATM 1141 O O   . HOH C 3 .   ? -11.268 -7.545  -3.358  1.000 21.333 ? 351 HOH A O   1 
HETATM 1142 O O   . HOH C 3 .   ? -4.292  -9.411  -1.311  1.000 29.629 ? 352 HOH A O   1 
HETATM 1143 O O   . HOH C 3 .   ? 8.721   -0.380  -14.770 1.000 18.957 ? 353 HOH A O   1 
HETATM 1144 O O   . HOH C 3 .   ? -9.576  1.158   -8.779  1.000 36.061 ? 354 HOH A O   1 
HETATM 1145 O O   . HOH C 3 .   ? -6.859  10.376  12.519  1.000 18.109 ? 355 HOH A O   1 
HETATM 1146 O O   . HOH C 3 .   ? -2.714  -5.677  21.713  1.000 26.412 ? 356 HOH A O   1 
HETATM 1147 O O   . HOH C 3 .   ? -2.918  -2.138  -7.322  1.000 15.497 ? 357 HOH A O   1 
HETATM 1148 O O   . HOH C 3 .   ? -14.349 -7.002  -2.742  1.000 33.345 ? 358 HOH A O   1 
HETATM 1149 O O   . HOH C 3 .   ? 12.315  8.505   -2.561  1.000 25.989 ? 359 HOH A O   1 
HETATM 1150 O O   . HOH C 3 .   ? 1.066   -11.650 2.475   1.000 20.406 ? 360 HOH A O   1 
HETATM 1151 O O   . HOH C 3 .   ? -14.498 0.769   0.660   1.000 21.126 ? 361 HOH A O   1 
HETATM 1152 O O   . HOH C 3 .   ? -14.851 0.096   15.014  1.000 34.857 ? 362 HOH A O   1 
HETATM 1153 O O   . HOH C 3 .   ? 1.488   12.855  -6.491  1.000 25.061 ? 363 HOH A O   1 
HETATM 1154 O O   . HOH C 3 .   ? 3.435   -9.451  9.318   1.000 27.111 ? 364 HOH A O   1 
HETATM 1155 O O   . HOH C 3 .   ? 16.926  -4.443  -2.532  1.000 30.455 ? 365 HOH A O   1 
HETATM 1156 O O   . HOH C 3 .   ? -15.750 -8.205  -1.057  1.000 38.670 ? 366 HOH A O   1 
# 
